data_8TEK
#
_entry.id   8TEK
#
_cell.length_a   1.00
_cell.length_b   1.00
_cell.length_c   1.00
_cell.angle_alpha   90.00
_cell.angle_beta   90.00
_cell.angle_gamma   90.00
#
_symmetry.space_group_name_H-M   'P 1'
#
loop_
_entity.id
_entity.type
_entity.pdbx_description
1 polymer 'Dynein regulatory complex protein 1/2 N-terminal domain-containing protein'
2 polymer 'Coiled-coil protein, putative'
3 polymer 'Growth-arrest-specific microtubule-binding protein'
4 polymer 'Growth-arrest-specific microtubule-binding protein'
5 polymer 'Cilia- and flagella-associated protein 91'
6 polymer 'Flagella associated protein'
7 polymer 'Coiled-coil protein, putative'
8 polymer 'DUF4201 domain-containing protein'
9 polymer 'Flagellar associated protein'
10 polymer CFAP20
#
loop_
_entity_poly.entity_id
_entity_poly.type
_entity_poly.pdbx_seq_one_letter_code
_entity_poly.pdbx_strand_id
1 'polypeptide(L)'
;MNPSQTQKGKIQIQVSRGSIDLLVRTMYEDINNIKLKNERFQKKKRAEDERRRRERYAEIQQEAIASGKKNAALEMKWAE
LKELDECEELNREMQDQQQTFQQIIEGKENLRKEFEEELKRKDDEYVKMLKEQSNDIKDMISKMRSQFYKIRDANMQELE
DIERHFEQERSNLLNEFKAKIQATFKKHLDLEEQYVKEHAKTEEEQTKNIEDLRIKGAKHYAELKITMETEIQDLEKCFE
DMKALYQLITEKLDYSLKVLQEKFHENNSMCDELKRKENNFKNRLKQLTKDYKQYDKKFKLENKNLTQEYKRIIRQFKEL
QKKFKHFEKADLDKYSEIQKMNEAEVKELKDKIIKCNITIHIQQLGMQWIPPQSEEEILAQQKLQLEQGGKAEEEEEREF
EFCISEIKIGEICNIILEEADFLIDDKLREELEGSAEPEQIFQRLDCIKKCLYIDSEDEMNLFFRELITKCRVKSAEEIE
EEARKQLLLLGLIKEAEENENPEGEEVQQQEGAQQKKKEEGNKKDDPKGKEGAKDSKENANPQGQNKSNQDERKKKKDGQ
DDHAGQGQGQYDSNQGGMGENQEEGENAEGQENLEGEIEKEIDLENTQINLNEVVKFLQNWQANKDKRKEKLEKESSKKA
VKQETEREKKERIAREGKKYWEKLTQVLPERTFRIWNVNFFKFSFEKQILLNQINKLRFWTDLCPNIMNFFWTDKNQSKK
PVNCITKMKNQRIFQINTYKLIMNLLSALQDSLIQIKDKDDFIQTKISTNLFTFHNFQILLQIFIVNQSFLFIRLCQSYS
KKIILLIKNINQKLFNLSNFKNQFSF
;
A
2 'polypeptide(L)'
;MALLGKTLKGRSTRPGGIPQKRNIKWRQLAKNQEEFDQLKQLAKMKREGLKARIKDEQKVVTFNKKKLITYWRKIMRIAK
TEQLKNEIDIYSQNNQRELDSKEAFIQMLDKNLDEAEDQFQIALRNHLIHIENLMQLQEARMRGLAEEFNRDVNILETEF
DLEREEMVKTHKTQLKELEDMIETVKEEDKKKTEEAQNEFSQFKEETKNKNLEETNVMKIILETKQTKYYTELEQMNSKF
QSDTSNKVKDHQFYHAHNKNRKQEIDRYLRTISSKKAKIDLMKLKILQHCKEFNARNSALKKEKENISRNYHELKLKMQK
FREEESRRLKELSNNSRNAVLKLREYCALGEKILKTAELCRRLETEKEKVLPFYESSVDEDQIPEQLKNEFEHLKKEDAE
EYAYLNNFYKRYNKVLLDKLAIEKQKENLQRDNQLLKSLLKQYLDGISLNDDVLKNENNPLLVVNHKFNLGKMPVEKIEN
KTVIEGVFEVRNTSHQLQGQRAPPFQ
;
B
3 'polypeptide(L)'
;MSKAAKAKKNVPVVSKLEADARKAAEGVNDNESEEFKKAMRKEARALVEQFNEEKKLLAFYQQERQKINYNWIIAKKELE
DKKSELINKEREIQDLQENHFMTLNVYKQKIKHLLFQNQDQQSELKKDVEVTLKQLEDQHRIKSRELKTDVRSLKVTKKE
QEISQQDYLFALKSEHDKQMTLMRQDYERQVNDIKRKYDLKMQNLTKEMEEARAAMIKQLEDNKNQKIAEIIKEHTQKYN
DIKNYYSEITATNLDYRKTLKNEIKELQTKDEEYKKTLQQTEKGYKELNEPLQALGIEIIQLKKQDEEQEAIIKEKEELK
QKIDNQERLFRKLEYEYEVKLQQFQYLERERNALYAKFNQTVFEIHQKSGLENLILEKKVTNLREDLEIKDLQIHQVLTA
ANIDPNSVGSINKSLEEVESLKNELISELQAQLKQIRKAHSHMVKAYEGKLSEFVIPVEELGFDPLVPTNTD
;
D
4 'polypeptide(L)'
;MPPKKAKGKKKKEEEPDDEYKSMTGADLTQTLEKLKERVNEMRTNRNYIQMDRDMVENFYHNTLKEISEVKTKISNKETE
AEEKESKHRIDVKVFLQKVKHLEYEQEKSNLNIEDDGKKAKEKEDAYFEDITKNMKQLKTQLKSEYLEKEKANIQQVQEE
KKDHQSLLKIQQKKFDELINNLIIKYEERLAKLKEDLELKLKVEIHELEERKNLHINELMNNHEKAFAELKKYYNDITAE
NLNLIKAHKEKIAQIYANIQLNTKNVADNQAKNEQLKEPLAKHREIRNKLKEDLKQFAKHKMSLQNLKSKAITLKDKITK
LERDGKDLDEKYEKVVREKQELEKKFEDITQEVKKNADLNNNVLSNRLQILLKEYNNKEEELRTIIDNAGLDHNLHEQLK
QRVQQSIEAKNTLIKNLKYSIHHATKAYNDAIRVYEAKLVEFGIPIEELGFQPLETITSSMPAGLVSS
;
E
5 'polypeptide(L)'
;MATTTNILHDVVRDQSMVNYVSNRDRPLYFKRPLVPQMTDIPLHISRPPVDQQVDYQTMQMQQNATIVEAPTKDAFVQTD
YRESETQTDPYTPKCFVRDGDHPEVMELKDYKYGKGLPASIEELEQIELNREKVWFENSLPPISDEASFNLRRKLMEEQE
LREWSKKENEIKKFQNEKLYLLQQALIEREKEVEDKSQERIEEIRQQKTEHKNRQIAKIQRKKIKIDRKMTKSRKMQGKE
TLKRDIIEDYANFASRVYAGITHEGLSLDKIANKYEVQPLALGNYEMLQALHEGIRPREFETRVNLKKEIKEIEKNYTRL
ENYHRGELKKAQDEINGVHEQSKAQQKQEGNNFSYRNFENKIRPATPTWKYDTDFNISPSLITEIQEYRGPNGVQLMQAA
DKREEAVLLLQRLLRGRTTQNIMYEGKKKRTALIEELLTVAQIENLEEDKAEEVLMQQHEEKVKNAVLESIQGEVIAETM
DELSKELLRIKQERKIQQMVEIAEKDRRIREIEEAGKRQAEEILRDREDVLHNQLIRVHQGTVDTYLDWLMSNALEQSSA
RQATIMTNLRKAKFNLPLEDFERKYNNNQTLIKDLVHSFLIPNVQRSKLKKQIQLEEKRFSEAAKRSLQQTITRASNKHA
NVQN
;
M
6 'polypeptide(L)'
;MDQGEFIQDDNDQDYDQQEGDDENNDYMEDPQQDNNYNQNGDNLDDQGQDDDGGQNNLQQPSVPPEDDEDDDDDFPEYAN
EQNKRLNEIIKKKRKLIKDISAKIEEKSDRTKVLQEHLKNVEQELLHTQALIDAKNKEIETEDHMKQIAERQSGRIQSEL
KILEKRSIEQQEKLNDVQNQIFRGNEKMDQYKLEMNWNQEELEQWALAARQKEEDNLTLEKYKRADEVKIKELNLAIEKL
TAEVGRKQNELEKEITETQAAQIELDKTAEEFKRQHEERHKLFLQWQEVTEIISKRDLAIREEGENFARIKIEIKSNKDA
LEERKRILKEAKEENKRIQMANELMERQNIQQISDNKHIEEQLAEKKADVEILKNQVSAFASDLSSKKNRIAILSQELLA
KKQRLNAAQKKYQAHQVKLKNEEIMAKQYENDRSYAEEKYRKNEKEKKELEKEIRTQKENLFKHTQELFKHREREANLYG
EIQGNMAACRNLQSHITKLNQEFQRQQELLYNAEYQIQLMERRVARAKGERTLEEKKDLENEIMNAERELGGVTGQNKEL
IESLKNLDDEIRTVKKKLAYVEEENTKYSSLIEELILENDMTYQDLNKIIKQKEEVLVQHDTMKLEIKKINESLNGATEK
VFNLENQIYQLEMSMQEREKEIEVHKDVLMTEHKAAEEERHKIAVELAERKNKVKNLKIKYESLVQKNKASNGEVESVHE
HSQAYYVIKAAQEREELQRKGDELNAKILKNEKELKALDNTLNHLKNRNSNYRDKFLNKGVTTQHREEAEGLEEQCRAAS
QNLFKKRDELQKLQKEQEEDTRRYTEIKNKLERLYEQHQSLDQEISKYQKDIDQQGDKLQRAQNSLQRNYQLAVNKNQNF
INPKNPHMIQVKLDNQNNLYKTLLQGLYSLQQDIPELSSVVDEILKEQRIQNNKAPSSIDINSKRSSQSGRSQRSQRSNI
SNQ
;
N
7 'polypeptide(L)'
;MSNQQGPEDNNLEDDMAYLPADHPLLAKLQIDLTKQLTDEHERVDQKLIEIDANLKKLEKTKEDIGVRLYSVQQQLAENQ
MNFEQAHENYNWVQKLRIEAEQKLKTESEVYDAKKKELEELRKKYLKAQDELSKLTRTLYQINEFNQQMKGQIINTKTNT
YRAEENVVNLEAQKKKQDLLIDTMNEEIKRQTEQKTILTAQLISQKEETEQAKQILKEAHLEMQKIIASKKNLLERWQKS
LMTMQRMDNALQAIKEALKGQQELNLQIGTELNGVNAEIRKETEIQESLEGKNKKFDYEKDYLQKKYNELQEEKSKLEAQ
INLLTQSLRQTETEAGRAEIDKRNIEDQMNLIETNIMKLHTETKKLWEDLVHQKSEHTTIEKTATNLNKQANQISIEIED
KSVELENLLNEIARVKIDQLNTLSQIEVLENKRREVIKEREEKEITVATYEVQIRQGHDLNEKKQHEVGRLNREHDKLSS
VQSDMSRGPLEAKRNNLIRKTQELGKENDLMQREWIKKQTLLVTQNNRLNKIEEDVSQLKTKQTILEQKKLRLNNNYRIY
EKDIREIQNALKNLRNEMNKLNDAIYRNKEKQQKLDNENFNIKSEFVEKLKELEKESVKLEVEIDRLKEEKADLLAEIVE
SERQILLWERKIQLEKEMQDALDPTVGQTEIQELKREIHRMELRLDDLRKKQEAIIAEMERAVYKRETIQLKYMNKDKTF
SNSNSMSQKSSSISAASDNSAQITKKIAQLKTTLNQTTRNAEQMEKAIKNKKIELDDLNAQIEGNNDNLQKLESDCYNKN
IELTKHKLERSTNILSISCMQNKAKKLEDLVAGKARLSVPEATLMTKYEELRDKNQEIKEALQKLCDDAPQYVEVLNYLI
DLNVGDDDEDQEQ
;
O
8 'polypeptide(L)'
;MASEDGEMPSQFEGIDPEQLTESQMQQYMMEMQRQGLLDSNMEGGQYEEGYEEGQEGEGYGEEYGDQDYDGNQNEYDSQQ
DSQQQGHDQVNEMHQDRYDRRVNSEISGNYEADDETLRKIRRDLLDNINLERRHRDLQPVYIDLTTNNISQYYSEYLVNN
EHNQDFYENAKVRYNNLGECELCHITAKFEPDADITKEYIYDYFMEIGYLFLESEEEKRIILNPANNHIGIGVFFDEIQI
VVVLILSEKVLCIQKISQPEQNKIEIRGKMLDENFGIYAIRIMNVDDQKKDIKGVGPEFIEYTRSTQEWMASFELELYNQ
DRMAIEYYTRVSPDSIPYKKKQSKNEKLTYKHLQLRLRTPFQIYPDPKYAAEDEKERIRKEQEILAHEEQERKEREENDA
KRLKQSRKDYGDGQYDDDEHGQDDFNSQSDISDKDKHHDSMHAEQEQNQQAAQQQQDTISNKEIRQELEMAITEAQRQHD
EFMLQNHKLQEEIKLLKNKNDGFVDRSNETAMNEHKYLNTLAHVHQIRLDLKQTQTRYNQMSQELQKKLEQKQKKCNEIK
YAFLELKREVAKKAANSRTDKPIPEQQINEWEKAELQKSKELQELRLQILRLRNAYVKNQKILKKKEELAEGLHLIDFEQ
LKIENQTLNEKIEERNEELHKLKKKNTTTIQILTHTREKLGFVQGENGELNSQNVRKDQELDDMRKQLTQQKKTKDKLRS
VNLTLKQQTGIVNSEELGQDYRDLRTRVSKLEEEKKRLEQKLRSMHEAIKTANQISTQNMQSQNNSLKKPYQPY
;
P
9 'polypeptide(L)'
;MNQDKHPEITDEEQELITVEELSQKLELLYKDMEQIRRENLLFEAYLARNRKEIAKEDEVSEDKKGKGKKKDKNVDKKSL
LLTNEEKFEIAQQEQDALKKQIDDGRIKSDQILETLRAILEETDMAITEIRKDAFDFQREILVGGENSRTGKIEAEKIIK
FFEEKERQKDALIAKYSSKRTNLERQILKTNNQIQKKEEMGDDLKFIDFYQLQIENKKYVKEIDDKNKKLLALKISTNRI
SQTLKDEKQNLKQELDKGKEYASQMSERKKKISKIDAQIKSVKKVTSKLEKDRKIYDKQKEIFVQDNQDDVPQIMKYVQY
KSKEQQLLYAIQNLERKIEIAELAYKKANRILQSSQQFQQK
;
T
10 'polypeptide(L)'
;MFKNTFQSGFLSILYSIGSKPLQIWDKSIRNGHIKRITDQDILSSVLEIMGTNVSTNYITAPADPKETLGIKLPFLVMII
KNLKKYYTFEVQVLDDKNVRRRFRASNYQSTTRVKPFICTMPMRLDEGWNQIQFNLSDFTRRAYATNYIETLRVQIHANC
RIRRIYFSDRLYSEEELPPEFKLFLPIQGQNKTNV
;
g
#
# COMPACT_ATOMS: atom_id res chain seq x y z
N VAL A 259 -76.73 -32.44 98.23
CA VAL A 259 -76.14 -31.10 98.25
C VAL A 259 -74.62 -31.20 98.13
N LEU A 260 -74.00 -31.92 99.07
CA LEU A 260 -72.55 -32.07 99.06
C LEU A 260 -72.09 -32.84 97.83
N GLN A 261 -72.79 -33.93 97.48
CA GLN A 261 -72.40 -34.72 96.32
C GLN A 261 -72.61 -33.97 95.01
N GLU A 262 -73.66 -33.14 94.94
CA GLU A 262 -73.91 -32.39 93.72
C GLU A 262 -72.77 -31.41 93.42
N LYS A 263 -72.23 -30.77 94.46
CA LYS A 263 -71.13 -29.84 94.26
C LYS A 263 -69.87 -30.54 93.77
N PHE A 264 -69.63 -31.77 94.23
CA PHE A 264 -68.44 -32.51 93.81
C PHE A 264 -68.46 -32.79 92.31
N HIS A 265 -69.61 -33.22 91.78
CA HIS A 265 -69.71 -33.50 90.35
C HIS A 265 -69.63 -32.23 89.53
N GLU A 266 -70.30 -31.16 89.99
CA GLU A 266 -70.27 -29.90 89.24
C GLU A 266 -68.87 -29.32 89.18
N ASN A 267 -68.13 -29.40 90.29
CA ASN A 267 -66.77 -28.86 90.32
C ASN A 267 -65.86 -29.63 89.36
N ASN A 268 -65.97 -30.95 89.34
CA ASN A 268 -65.08 -31.76 88.49
C ASN A 268 -65.45 -31.63 87.02
N SER A 269 -66.75 -31.57 86.71
CA SER A 269 -67.17 -31.46 85.32
C SER A 269 -66.67 -30.17 84.68
N MET A 270 -66.78 -29.06 85.41
CA MET A 270 -66.25 -27.80 84.89
C MET A 270 -64.73 -27.79 84.85
N CYS A 271 -64.09 -28.47 85.80
CA CYS A 271 -62.62 -28.49 85.84
C CYS A 271 -62.05 -29.13 84.59
N ASP A 272 -62.67 -30.21 84.11
CA ASP A 272 -62.22 -30.83 82.86
C ASP A 272 -62.38 -29.86 81.69
N GLU A 273 -63.49 -29.11 81.67
CA GLU A 273 -63.67 -28.09 80.63
C GLU A 273 -62.63 -27.00 80.75
N LEU A 274 -62.34 -26.57 81.98
CA LEU A 274 -61.29 -25.57 82.18
C LEU A 274 -59.92 -26.12 81.78
N LYS A 275 -59.66 -27.39 82.08
CA LYS A 275 -58.42 -28.01 81.62
C LYS A 275 -58.38 -28.07 80.09
N ARG A 276 -59.50 -28.40 79.47
CA ARG A 276 -59.56 -28.46 78.01
C ARG A 276 -59.33 -27.09 77.39
N LYS A 277 -59.91 -26.05 77.98
CA LYS A 277 -59.70 -24.69 77.47
C LYS A 277 -58.25 -24.27 77.61
N GLU A 278 -57.62 -24.58 78.75
CA GLU A 278 -56.19 -24.33 78.90
C GLU A 278 -55.37 -25.18 77.93
N ASN A 279 -55.75 -26.45 77.77
CA ASN A 279 -55.04 -27.31 76.83
C ASN A 279 -55.17 -26.81 75.41
N ASN A 280 -56.37 -26.36 75.02
CA ASN A 280 -56.58 -25.91 73.65
C ASN A 280 -55.71 -24.72 73.30
N PHE A 281 -55.61 -23.75 74.21
CA PHE A 281 -54.71 -22.62 73.99
C PHE A 281 -53.26 -23.07 73.90
N LYS A 282 -52.87 -24.02 74.76
CA LYS A 282 -51.53 -24.60 74.66
C LYS A 282 -51.42 -25.49 73.41
N ASN A 283 -52.49 -26.21 73.07
CA ASN A 283 -52.49 -26.96 71.82
C ASN A 283 -52.50 -26.02 70.62
N ARG A 284 -53.21 -24.90 70.72
CA ARG A 284 -53.09 -23.87 69.69
C ARG A 284 -51.66 -23.34 69.62
N LEU A 285 -51.03 -23.13 70.77
CA LEU A 285 -49.61 -22.80 70.79
C LEU A 285 -48.77 -23.97 70.27
N LYS A 286 -49.23 -25.20 70.49
CA LYS A 286 -48.58 -26.36 69.88
C LYS A 286 -48.84 -26.39 68.37
N GLN A 287 -50.05 -26.03 67.95
CA GLN A 287 -50.30 -25.83 66.53
C GLN A 287 -49.55 -24.61 66.02
N LEU A 288 -49.30 -23.63 66.90
CA LEU A 288 -48.54 -22.45 66.54
C LEU A 288 -47.12 -22.45 67.10
N THR A 289 -46.41 -23.59 67.02
CA THR A 289 -45.00 -23.62 67.43
C THR A 289 -44.16 -22.57 66.70
N LYS A 290 -44.73 -21.90 65.70
CA LYS A 290 -44.19 -20.68 65.14
C LYS A 290 -44.42 -19.55 66.15
N ASP A 291 -43.80 -19.67 67.33
CA ASP A 291 -44.01 -18.74 68.44
C ASP A 291 -42.83 -18.73 69.40
N TYR A 292 -42.61 -17.60 70.07
CA TYR A 292 -41.57 -17.39 71.07
C TYR A 292 -40.16 -17.44 70.48
N LYS A 293 -40.07 -17.82 69.22
CA LYS A 293 -38.84 -17.72 68.43
C LYS A 293 -39.10 -17.23 67.02
N GLN A 294 -40.35 -17.32 66.53
CA GLN A 294 -40.62 -17.20 65.10
C GLN A 294 -40.26 -15.83 64.56
N TYR A 295 -40.63 -14.75 65.27
CA TYR A 295 -40.13 -13.44 64.86
C TYR A 295 -38.94 -13.01 65.69
N ASP A 296 -38.35 -13.93 66.46
CA ASP A 296 -36.96 -13.76 66.89
C ASP A 296 -36.01 -14.41 65.89
N LYS A 297 -36.30 -15.66 65.49
CA LYS A 297 -35.39 -16.36 64.61
C LYS A 297 -35.43 -15.81 63.19
N LYS A 298 -36.63 -15.43 62.71
CA LYS A 298 -36.71 -14.91 61.36
C LYS A 298 -35.98 -13.57 61.25
N PHE A 299 -36.10 -12.72 62.27
CA PHE A 299 -35.46 -11.40 62.22
C PHE A 299 -33.96 -11.54 62.07
N LYS A 300 -33.35 -12.44 62.84
CA LYS A 300 -31.92 -12.65 62.74
C LYS A 300 -31.52 -13.24 61.39
N LEU A 301 -32.32 -14.18 60.87
CA LEU A 301 -31.94 -14.83 59.62
C LEU A 301 -32.17 -13.91 58.42
N GLU A 302 -33.32 -13.24 58.36
CA GLU A 302 -33.65 -12.51 57.15
C GLU A 302 -32.86 -11.21 57.05
N ASN A 303 -32.66 -10.52 58.19
CA ASN A 303 -31.84 -9.32 58.15
C ASN A 303 -30.38 -9.65 57.90
N LYS A 304 -29.91 -10.80 58.43
CA LYS A 304 -28.57 -11.25 58.08
C LYS A 304 -28.47 -11.56 56.59
N ASN A 305 -29.53 -12.15 56.02
CA ASN A 305 -29.60 -12.28 54.56
C ASN A 305 -29.57 -10.92 53.89
N LEU A 306 -30.14 -9.90 54.54
CA LEU A 306 -30.04 -8.53 54.05
C LEU A 306 -28.64 -7.96 54.25
N THR A 307 -27.89 -8.45 55.24
CA THR A 307 -26.59 -7.86 55.56
C THR A 307 -25.60 -8.01 54.42
N GLN A 308 -25.60 -9.16 53.73
CA GLN A 308 -24.57 -9.37 52.71
C GLN A 308 -24.68 -8.32 51.61
N GLU A 309 -25.90 -8.00 51.18
CA GLU A 309 -26.02 -6.95 50.18
C GLU A 309 -25.90 -5.55 50.77
N TYR A 310 -26.14 -5.39 52.08
CA TYR A 310 -25.97 -4.08 52.70
C TYR A 310 -24.54 -3.60 52.56
N LYS A 311 -23.58 -4.44 52.96
CA LYS A 311 -22.19 -4.12 52.67
C LYS A 311 -21.93 -4.13 51.17
N ARG A 312 -22.52 -5.10 50.45
CA ARG A 312 -22.23 -5.25 49.02
C ARG A 312 -22.61 -3.99 48.25
N ILE A 313 -23.76 -3.40 48.55
CA ILE A 313 -24.17 -2.19 47.84
C ILE A 313 -23.28 -1.03 48.23
N ILE A 314 -22.86 -0.95 49.50
CA ILE A 314 -22.07 0.20 49.93
C ILE A 314 -20.58 -0.04 49.66
N ARG A 315 -20.14 -1.29 49.67
CA ARG A 315 -18.77 -1.58 49.23
C ARG A 315 -18.58 -1.19 47.77
N GLN A 316 -19.57 -1.53 46.94
CA GLN A 316 -19.38 -1.38 45.50
C GLN A 316 -19.36 0.08 45.07
N PHE A 317 -19.89 0.97 45.90
CA PHE A 317 -19.86 2.40 45.56
C PHE A 317 -18.44 2.95 45.58
N LYS A 318 -17.57 2.39 46.44
CA LYS A 318 -16.24 2.97 46.60
C LYS A 318 -15.44 2.83 45.31
N GLU A 319 -15.60 1.72 44.58
CA GLU A 319 -14.88 1.62 43.32
C GLU A 319 -15.64 2.28 42.17
N LEU A 320 -16.98 2.19 42.14
CA LEU A 320 -17.73 2.84 41.07
C LEU A 320 -17.48 4.33 41.04
N GLN A 321 -17.16 4.94 42.19
CA GLN A 321 -16.63 6.30 42.16
C GLN A 321 -15.27 6.33 41.48
N LYS A 322 -14.40 5.38 41.80
CA LYS A 322 -13.05 5.38 41.23
C LYS A 322 -13.00 4.63 39.89
N LYS A 323 -13.97 3.76 39.63
CA LYS A 323 -14.07 3.15 38.30
C LYS A 323 -14.29 4.23 37.25
N PHE A 324 -15.11 5.23 37.56
CA PHE A 324 -15.12 6.45 36.77
C PHE A 324 -13.75 7.09 36.75
N LYS A 325 -13.16 7.29 37.93
CA LYS A 325 -11.98 8.15 38.04
C LYS A 325 -10.79 7.56 37.30
N HIS A 326 -10.51 6.26 37.50
CA HIS A 326 -9.33 5.69 36.88
C HIS A 326 -9.50 5.56 35.36
N PHE A 327 -10.72 5.23 34.92
CA PHE A 327 -10.94 5.07 33.48
C PHE A 327 -11.05 6.42 32.78
N GLU A 328 -11.71 7.40 33.41
CA GLU A 328 -11.90 8.69 32.75
C GLU A 328 -10.58 9.40 32.54
N LYS A 329 -9.66 9.32 33.51
CA LYS A 329 -8.35 9.93 33.31
C LYS A 329 -7.56 9.16 32.25
N ALA A 330 -7.85 7.87 32.09
CA ALA A 330 -7.14 7.06 31.12
C ALA A 330 -7.58 7.40 29.69
N ASP A 331 -8.88 7.54 29.46
CA ASP A 331 -9.35 7.74 28.09
C ASP A 331 -9.12 9.16 27.60
N LEU A 332 -9.05 10.14 28.50
CA LEU A 332 -8.64 11.48 28.08
C LEU A 332 -7.21 11.50 27.59
N ASP A 333 -6.30 10.79 28.28
CA ASP A 333 -4.91 10.79 27.85
C ASP A 333 -4.72 9.94 26.60
N LYS A 334 -5.42 8.80 26.52
CA LYS A 334 -5.30 7.95 25.33
C LYS A 334 -5.77 8.71 24.09
N TYR A 335 -6.87 9.44 24.22
CA TYR A 335 -7.29 10.36 23.15
C TYR A 335 -6.24 11.44 22.93
N SER A 336 -5.62 11.92 24.01
CA SER A 336 -4.60 12.95 23.89
C SER A 336 -3.36 12.42 23.17
N GLU A 337 -3.00 11.16 23.41
CA GLU A 337 -1.83 10.59 22.75
C GLU A 337 -2.13 10.15 21.32
N ILE A 338 -3.41 10.17 20.92
CA ILE A 338 -3.74 9.87 19.53
C ILE A 338 -3.08 10.87 18.60
N GLN A 339 -3.41 12.16 18.77
CA GLN A 339 -2.80 13.18 17.92
C GLN A 339 -1.31 13.30 18.19
N LYS A 340 -0.92 13.42 19.46
CA LYS A 340 0.49 13.66 19.79
C LYS A 340 1.38 12.56 19.20
N MET A 341 0.79 11.41 18.89
CA MET A 341 1.51 10.39 18.13
C MET A 341 1.40 10.62 16.62
N ASN A 342 0.20 10.99 16.14
CA ASN A 342 -0.03 10.91 14.71
C ASN A 342 0.57 12.08 13.94
N GLU A 343 0.62 13.29 14.51
CA GLU A 343 1.36 14.34 13.81
C GLU A 343 2.87 14.11 13.86
N ALA A 344 3.33 13.12 14.63
CA ALA A 344 4.76 12.80 14.60
C ALA A 344 5.18 12.25 13.26
N GLU A 345 4.43 11.26 12.74
CA GLU A 345 4.84 10.64 11.47
C GLU A 345 4.42 11.47 10.26
N VAL A 346 3.27 12.14 10.31
CA VAL A 346 2.85 12.93 9.16
C VAL A 346 3.79 14.12 8.97
N LYS A 347 4.30 14.68 10.08
CA LYS A 347 5.39 15.64 9.98
C LYS A 347 6.66 14.98 9.46
N GLU A 348 6.90 13.73 9.88
CA GLU A 348 8.08 13.01 9.42
C GLU A 348 7.99 12.71 7.93
N LEU A 349 6.78 12.52 7.41
CA LEU A 349 6.63 12.24 5.99
C LEU A 349 6.56 13.53 5.17
N LYS A 350 5.88 14.56 5.69
CA LYS A 350 5.68 15.76 4.88
C LYS A 350 7.00 16.47 4.62
N ASP A 351 7.91 16.52 5.60
CA ASP A 351 9.18 17.20 5.39
C ASP A 351 10.08 16.41 4.45
N LYS A 352 9.96 15.09 4.43
CA LYS A 352 10.70 14.28 3.46
C LYS A 352 10.15 14.46 2.05
N ILE A 353 8.83 14.62 1.93
CA ILE A 353 8.23 14.80 0.61
C ILE A 353 8.66 16.12 0.00
N ILE A 354 8.60 17.21 0.78
CA ILE A 354 9.08 18.50 0.28
C ILE A 354 10.60 18.48 0.15
N LYS A 355 11.26 17.53 0.81
CA LYS A 355 12.71 17.42 0.69
C LYS A 355 13.11 16.88 -0.68
N CYS A 356 12.33 15.94 -1.21
CA CYS A 356 12.61 15.40 -2.54
C CYS A 356 12.21 16.40 -3.63
N ASN A 357 11.18 17.21 -3.37
CA ASN A 357 10.73 18.17 -4.37
C ASN A 357 11.81 19.20 -4.68
N ILE A 358 12.54 19.66 -3.66
CA ILE A 358 13.50 20.73 -3.86
C ILE A 358 14.67 20.27 -4.72
N THR A 359 15.09 19.01 -4.57
CA THR A 359 16.23 18.53 -5.35
C THR A 359 15.84 18.23 -6.79
N ILE A 360 14.58 17.81 -7.02
CA ILE A 360 14.14 17.52 -8.38
C ILE A 360 14.17 18.79 -9.22
N HIS A 361 13.69 19.90 -8.67
CA HIS A 361 13.66 21.16 -9.42
C HIS A 361 15.07 21.67 -9.68
N ILE A 362 15.91 21.70 -8.65
CA ILE A 362 17.24 22.30 -8.78
C ILE A 362 18.14 21.45 -9.66
N GLN A 363 18.14 20.13 -9.45
CA GLN A 363 19.10 19.27 -10.13
C GLN A 363 18.75 19.07 -11.60
N GLN A 364 17.46 18.90 -11.90
CA GLN A 364 17.03 18.54 -13.24
C GLN A 364 16.39 19.69 -14.01
N LEU A 365 15.35 20.32 -13.45
CA LEU A 365 14.43 21.12 -14.25
C LEU A 365 14.43 22.60 -13.89
N GLY A 366 14.17 22.95 -12.63
CA GLY A 366 13.73 24.31 -12.34
C GLY A 366 14.87 25.31 -12.21
N MET A 367 15.95 24.90 -11.53
CA MET A 367 17.08 25.77 -11.16
C MET A 367 16.68 26.81 -10.13
N GLN A 368 15.39 26.84 -9.76
CA GLN A 368 14.90 27.69 -8.69
C GLN A 368 13.47 27.31 -8.33
N TRP A 369 13.17 27.21 -7.04
CA TRP A 369 11.84 26.85 -6.57
C TRP A 369 11.33 27.94 -5.63
N ILE A 370 10.24 28.60 -6.02
CA ILE A 370 9.64 29.66 -5.22
C ILE A 370 8.72 29.01 -4.20
N PRO A 371 8.99 29.11 -2.90
CA PRO A 371 8.11 28.49 -1.92
C PRO A 371 6.75 29.19 -1.90
N PRO A 372 5.69 28.47 -1.54
CA PRO A 372 4.38 29.11 -1.47
C PRO A 372 4.37 30.26 -0.47
N GLN A 373 3.64 31.32 -0.82
CA GLN A 373 3.61 32.51 0.02
C GLN A 373 2.97 32.22 1.38
N SER A 374 1.89 31.46 1.39
CA SER A 374 1.20 31.11 2.63
C SER A 374 0.40 29.83 2.47
N GLU A 651 -24.88 17.86 17.92
CA GLU A 651 -24.66 17.91 16.48
C GLU A 651 -23.41 17.13 16.10
N ARG A 652 -23.09 17.12 14.81
CA ARG A 652 -21.88 16.45 14.35
C ARG A 652 -20.64 17.12 14.93
N ILE A 653 -19.67 16.30 15.32
CA ILE A 653 -18.41 16.80 15.87
C ILE A 653 -17.24 16.57 14.93
N ALA A 654 -17.41 15.75 13.90
CA ALA A 654 -16.34 15.45 12.94
C ALA A 654 -16.19 16.63 11.99
N ARG A 655 -15.75 17.76 12.55
CA ARG A 655 -15.42 18.95 11.77
C ARG A 655 -13.95 18.98 11.41
N GLU A 656 -13.07 18.93 12.40
CA GLU A 656 -11.63 19.06 12.18
C GLU A 656 -11.04 17.88 11.40
N GLY A 657 -11.79 16.79 11.23
CA GLY A 657 -11.31 15.64 10.49
C GLY A 657 -10.89 15.97 9.07
N LYS A 658 -11.72 16.77 8.38
CA LYS A 658 -11.36 17.19 7.03
C LYS A 658 -10.42 18.39 7.03
N LYS A 659 -10.41 19.17 8.12
CA LYS A 659 -9.60 20.38 8.16
C LYS A 659 -8.10 20.06 8.10
N TYR A 660 -7.66 19.03 8.84
CA TYR A 660 -6.22 18.78 8.85
C TYR A 660 -5.78 17.97 7.65
N TRP A 661 -6.69 17.21 7.03
CA TRP A 661 -6.36 16.47 5.82
C TRP A 661 -5.90 17.42 4.71
N GLU A 662 -6.64 18.51 4.52
CA GLU A 662 -6.33 19.41 3.41
C GLU A 662 -5.09 20.25 3.69
N LYS A 663 -4.80 20.55 4.96
CA LYS A 663 -3.66 21.40 5.25
C LYS A 663 -2.34 20.65 5.12
N LEU A 664 -2.32 19.34 5.40
CA LEU A 664 -1.09 18.58 5.21
C LEU A 664 -0.83 18.27 3.75
N THR A 665 -1.89 18.14 2.94
CA THR A 665 -1.73 17.94 1.50
C THR A 665 -1.57 19.24 0.73
N GLN A 666 -1.64 20.38 1.40
CA GLN A 666 -1.49 21.69 0.76
C GLN A 666 -0.04 22.16 0.72
N VAL A 667 0.87 21.49 1.44
CA VAL A 667 2.26 21.91 1.44
C VAL A 667 2.87 21.75 0.06
N LEU A 668 2.48 20.71 -0.67
CA LEU A 668 2.91 20.50 -2.05
C LEU A 668 1.71 20.73 -2.95
N PRO A 669 1.67 21.82 -3.71
CA PRO A 669 0.48 22.13 -4.51
C PRO A 669 0.20 21.04 -5.53
N GLU A 670 -1.10 20.88 -5.83
CA GLU A 670 -1.50 19.81 -6.73
C GLU A 670 -0.89 19.97 -8.12
N ARG A 671 -0.52 21.20 -8.49
CA ARG A 671 0.08 21.44 -9.80
C ARG A 671 1.37 20.63 -9.97
N THR A 672 2.18 20.53 -8.91
CA THR A 672 3.42 19.76 -9.01
C THR A 672 3.14 18.29 -9.23
N PHE A 673 2.00 17.79 -8.76
CA PHE A 673 1.74 16.36 -8.84
C PHE A 673 1.44 15.92 -10.28
N ARG A 674 0.81 16.78 -11.09
CA ARG A 674 0.76 16.50 -12.52
C ARG A 674 2.16 16.50 -13.11
N ILE A 675 2.98 17.47 -12.74
CA ILE A 675 4.37 17.49 -13.17
C ILE A 675 5.12 16.29 -12.60
N TRP A 676 4.63 15.76 -11.48
CA TRP A 676 5.29 14.62 -10.84
C TRP A 676 5.08 13.35 -11.65
N ASN A 677 3.86 13.16 -12.17
CA ASN A 677 3.55 11.94 -12.92
C ASN A 677 4.13 11.98 -14.32
N VAL A 678 4.11 13.14 -14.96
CA VAL A 678 4.68 13.24 -16.32
C VAL A 678 6.19 13.04 -16.28
N ASN A 679 6.81 13.28 -15.12
CA ASN A 679 8.23 12.98 -14.97
C ASN A 679 8.50 11.48 -14.97
N PHE A 680 7.49 10.68 -14.64
CA PHE A 680 7.60 9.23 -14.77
C PHE A 680 7.83 8.83 -16.22
N PHE A 681 6.96 9.31 -17.12
CA PHE A 681 7.15 9.04 -18.53
C PHE A 681 8.43 9.67 -19.04
N LYS A 682 8.71 10.90 -18.61
CA LYS A 682 9.85 11.67 -19.10
C LYS A 682 11.16 10.90 -19.01
N PHE A 683 11.44 10.35 -17.82
CA PHE A 683 12.65 9.54 -17.67
C PHE A 683 12.49 8.15 -18.29
N SER A 684 11.26 7.71 -18.52
CA SER A 684 11.04 6.38 -19.08
C SER A 684 11.61 6.30 -20.50
N PHE A 685 11.04 7.07 -21.42
CA PHE A 685 11.49 6.99 -22.81
C PHE A 685 12.68 7.90 -23.11
N GLU A 686 13.19 8.63 -22.11
CA GLU A 686 14.50 9.25 -22.27
C GLU A 686 15.60 8.27 -21.88
N LYS A 687 15.29 7.34 -20.97
CA LYS A 687 16.21 6.24 -20.70
C LYS A 687 16.22 5.25 -21.85
N GLN A 688 15.06 5.04 -22.49
CA GLN A 688 15.00 4.10 -23.60
C GLN A 688 15.86 4.57 -24.77
N ILE A 689 15.89 5.88 -25.01
CA ILE A 689 16.75 6.42 -26.07
C ILE A 689 18.22 6.19 -25.73
N LEU A 690 18.59 6.40 -24.47
CA LEU A 690 19.98 6.23 -24.08
C LEU A 690 20.44 4.78 -24.25
N LEU A 691 19.58 3.82 -23.88
CA LEU A 691 19.98 2.43 -23.93
C LEU A 691 20.00 1.89 -25.36
N ASN A 692 19.27 2.55 -26.28
CA ASN A 692 19.31 2.10 -27.67
C ASN A 692 20.30 2.91 -28.49
N GLN A 693 20.65 4.11 -28.04
CA GLN A 693 21.70 4.87 -28.71
C GLN A 693 23.04 4.17 -28.62
N ILE A 694 23.34 3.59 -27.46
CA ILE A 694 24.60 2.87 -27.30
C ILE A 694 24.61 1.59 -28.14
N ASN A 695 23.46 0.93 -28.27
CA ASN A 695 23.37 -0.26 -29.10
C ASN A 695 23.62 0.08 -30.57
N LYS A 696 23.00 1.16 -31.04
CA LYS A 696 23.24 1.62 -32.41
C LYS A 696 24.66 2.14 -32.58
N LEU A 697 25.17 2.83 -31.56
CA LEU A 697 26.54 3.34 -31.62
C LEU A 697 27.56 2.19 -31.66
N ARG A 698 27.32 1.14 -30.88
CA ARG A 698 28.25 0.01 -30.87
C ARG A 698 28.18 -0.77 -32.17
N PHE A 699 26.97 -1.02 -32.69
CA PHE A 699 26.84 -1.75 -33.95
C PHE A 699 27.47 -0.98 -35.10
N TRP A 700 27.22 0.33 -35.18
CA TRP A 700 27.82 1.13 -36.24
C TRP A 700 29.33 1.19 -36.09
N THR A 701 29.81 1.31 -34.85
CA THR A 701 31.26 1.37 -34.64
C THR A 701 31.94 0.09 -35.08
N ASP A 702 31.33 -1.07 -34.79
CA ASP A 702 31.91 -2.34 -35.18
C ASP A 702 31.91 -2.51 -36.70
N LEU A 703 31.01 -1.81 -37.40
CA LEU A 703 30.96 -1.92 -38.85
C LEU A 703 32.20 -1.31 -39.51
N CYS A 704 32.79 -0.29 -38.87
CA CYS A 704 33.94 0.39 -39.48
C CYS A 704 35.14 -0.54 -39.66
N PRO A 705 35.59 -1.30 -38.66
CA PRO A 705 36.67 -2.26 -38.94
C PRO A 705 36.25 -3.35 -39.92
N ASN A 706 34.95 -3.61 -40.05
CA ASN A 706 34.50 -4.61 -41.02
C ASN A 706 34.71 -4.13 -42.45
N ILE A 707 34.28 -2.89 -42.73
CA ILE A 707 34.49 -2.35 -44.08
C ILE A 707 35.96 -2.03 -44.29
N MET A 708 36.65 -1.53 -43.26
CA MET A 708 38.05 -1.19 -43.41
C MET A 708 38.93 -2.41 -43.58
N ASN A 709 38.50 -3.57 -43.06
CA ASN A 709 39.25 -4.80 -43.26
C ASN A 709 39.21 -5.21 -44.73
N PHE A 710 38.08 -4.99 -45.40
CA PHE A 710 37.98 -5.38 -46.81
C PHE A 710 38.89 -4.55 -47.69
N PHE A 711 39.19 -3.31 -47.28
CA PHE A 711 40.18 -2.52 -48.01
C PHE A 711 41.56 -3.16 -47.92
N TRP A 712 41.92 -3.69 -46.74
CA TRP A 712 43.25 -4.25 -46.56
C TRP A 712 43.45 -5.49 -47.42
N THR A 713 42.43 -6.35 -47.50
CA THR A 713 42.56 -7.60 -48.26
C THR A 713 42.23 -7.43 -49.74
N ASP A 714 41.77 -6.27 -50.16
CA ASP A 714 41.44 -6.03 -51.56
C ASP A 714 42.50 -5.24 -52.31
N LYS A 715 43.21 -4.34 -51.61
CA LYS A 715 44.23 -3.56 -52.29
C LYS A 715 45.49 -4.37 -52.55
N ASN A 716 45.83 -5.28 -51.63
CA ASN A 716 47.01 -6.12 -51.83
C ASN A 716 46.76 -7.21 -52.88
N GLN A 717 45.56 -7.82 -52.86
CA GLN A 717 45.24 -8.82 -53.88
C GLN A 717 45.05 -8.20 -55.25
N SER A 718 44.84 -6.89 -55.33
CA SER A 718 44.77 -6.20 -56.61
C SER A 718 46.15 -5.87 -57.17
N LYS A 719 47.21 -6.23 -56.45
CA LYS A 719 48.59 -6.06 -56.91
C LYS A 719 49.35 -7.36 -56.77
N LYS A 720 48.70 -8.49 -57.13
CA LYS A 720 49.34 -9.79 -57.02
C LYS A 720 50.04 -10.14 -58.34
N PRO A 721 51.04 -11.04 -58.29
CA PRO A 721 51.84 -11.29 -59.51
C PRO A 721 51.04 -11.81 -60.70
N VAL A 722 49.97 -12.58 -60.47
CA VAL A 722 49.27 -13.23 -61.57
C VAL A 722 48.32 -12.29 -62.30
N ASN A 723 47.92 -11.18 -61.68
CA ASN A 723 46.91 -10.31 -62.29
C ASN A 723 47.42 -9.71 -63.60
N CYS A 724 48.72 -9.41 -63.68
CA CYS A 724 49.34 -8.94 -64.90
C CYS A 724 49.77 -10.06 -65.83
N ILE A 725 49.78 -11.31 -65.34
CA ILE A 725 50.10 -12.43 -66.21
C ILE A 725 48.98 -12.65 -67.23
N THR A 726 47.73 -12.52 -66.79
CA THR A 726 46.61 -12.54 -67.72
C THR A 726 46.74 -11.36 -68.69
N LYS A 727 46.42 -11.61 -69.96
CA LYS A 727 46.64 -10.61 -71.00
C LYS A 727 45.84 -9.33 -70.71
N MET A 728 44.55 -9.47 -70.43
CA MET A 728 43.69 -8.35 -70.08
C MET A 728 43.61 -8.23 -68.57
N LYS A 729 44.13 -7.12 -68.04
CA LYS A 729 44.20 -6.94 -66.60
C LYS A 729 42.81 -6.88 -66.00
N ASN A 730 42.68 -7.46 -64.80
CA ASN A 730 41.40 -7.43 -64.10
C ASN A 730 41.02 -6.01 -63.70
N GLN A 731 42.01 -5.14 -63.50
CA GLN A 731 41.74 -3.79 -63.02
C GLN A 731 41.07 -2.94 -64.09
N ARG A 732 41.61 -2.92 -65.31
CA ARG A 732 41.15 -1.98 -66.31
C ARG A 732 39.82 -2.39 -66.93
N ILE A 733 39.54 -3.69 -66.99
CA ILE A 733 38.27 -4.14 -67.57
C ILE A 733 37.11 -3.77 -66.67
N PHE A 734 37.29 -3.91 -65.36
CA PHE A 734 36.25 -3.56 -64.39
C PHE A 734 36.65 -2.38 -63.54
N PHE B 253 -65.14 -36.14 103.56
CA PHE B 253 -64.41 -36.48 102.34
C PHE B 253 -64.77 -35.53 101.20
N TYR B 254 -66.05 -35.50 100.84
CA TYR B 254 -66.51 -34.62 99.76
C TYR B 254 -66.32 -33.15 100.13
N HIS B 255 -66.63 -32.80 101.38
CA HIS B 255 -66.44 -31.41 101.83
C HIS B 255 -64.97 -31.02 101.79
N ALA B 256 -64.09 -31.90 102.26
CA ALA B 256 -62.66 -31.64 102.22
C ALA B 256 -62.15 -31.55 100.79
N HIS B 257 -62.63 -32.45 99.92
CA HIS B 257 -62.21 -32.43 98.52
C HIS B 257 -62.72 -31.19 97.81
N ASN B 258 -63.94 -30.74 98.15
CA ASN B 258 -64.51 -29.57 97.48
C ASN B 258 -63.69 -28.32 97.77
N LYS B 259 -63.25 -28.14 99.02
CA LYS B 259 -62.41 -27.00 99.35
C LYS B 259 -61.07 -27.08 98.62
N ASN B 260 -60.47 -28.27 98.58
CA ASN B 260 -59.24 -28.44 97.82
C ASN B 260 -59.48 -28.24 96.33
N ARG B 261 -60.62 -28.71 95.82
CA ARG B 261 -60.96 -28.47 94.43
C ARG B 261 -61.18 -26.98 94.16
N LYS B 262 -61.82 -26.28 95.12
CA LYS B 262 -62.08 -24.86 94.94
C LYS B 262 -60.78 -24.06 94.81
N GLN B 263 -59.76 -24.43 95.59
CA GLN B 263 -58.46 -23.80 95.42
C GLN B 263 -57.88 -24.08 94.05
N GLU B 264 -58.01 -25.33 93.58
CA GLU B 264 -57.55 -25.67 92.24
C GLU B 264 -58.43 -25.02 91.17
N ILE B 265 -59.74 -24.94 91.42
CA ILE B 265 -60.64 -24.27 90.48
C ILE B 265 -60.29 -22.80 90.38
N ASP B 266 -60.06 -22.14 91.52
CA ASP B 266 -59.62 -20.75 91.50
C ASP B 266 -58.28 -20.61 90.81
N ARG B 267 -57.42 -21.63 90.89
CA ARG B 267 -56.18 -21.63 90.12
C ARG B 267 -56.47 -21.84 88.64
N TYR B 268 -57.41 -22.72 88.31
CA TYR B 268 -57.79 -22.91 86.92
C TYR B 268 -58.59 -21.72 86.40
N LEU B 269 -59.35 -21.06 87.28
CA LEU B 269 -59.96 -19.79 86.90
C LEU B 269 -58.90 -18.72 86.67
N ARG B 270 -57.98 -18.56 87.63
CA ARG B 270 -56.94 -17.55 87.48
C ARG B 270 -55.94 -17.90 86.39
N THR B 271 -55.85 -19.18 86.00
CA THR B 271 -55.04 -19.53 84.84
C THR B 271 -55.59 -18.90 83.58
N ILE B 272 -56.92 -18.90 83.42
CA ILE B 272 -57.57 -18.44 82.19
C ILE B 272 -58.41 -17.20 82.45
N SER B 273 -59.28 -17.22 83.46
CA SER B 273 -60.24 -16.13 83.64
C SER B 273 -59.58 -14.86 84.15
N SER B 274 -58.72 -14.96 85.16
CA SER B 274 -58.00 -13.78 85.62
C SER B 274 -57.02 -13.28 84.55
N LYS B 275 -56.65 -14.16 83.63
CA LYS B 275 -55.80 -13.83 82.49
C LYS B 275 -56.66 -13.83 81.23
N LYS B 276 -57.87 -13.28 81.36
CA LYS B 276 -59.02 -13.54 80.52
C LYS B 276 -58.67 -13.50 79.03
N ALA B 277 -59.34 -14.38 78.28
CA ALA B 277 -58.97 -14.64 76.90
C ALA B 277 -57.51 -15.09 76.85
N LYS B 278 -57.23 -16.30 77.35
CA LYS B 278 -55.86 -16.72 77.59
C LYS B 278 -55.16 -16.93 76.25
N ILE B 279 -55.15 -15.85 75.46
CA ILE B 279 -54.38 -15.69 74.26
C ILE B 279 -53.77 -14.30 74.39
N ASP B 280 -54.16 -13.59 75.46
CA ASP B 280 -53.92 -12.14 75.55
C ASP B 280 -52.43 -11.80 75.50
N LEU B 281 -51.66 -12.18 76.52
CA LEU B 281 -50.24 -11.82 76.51
C LEU B 281 -49.45 -12.64 75.50
N MET B 282 -50.09 -13.66 74.92
CA MET B 282 -49.51 -14.28 73.73
C MET B 282 -50.13 -13.72 72.46
N LYS B 283 -51.13 -12.83 72.59
CA LYS B 283 -51.51 -12.03 71.43
C LYS B 283 -51.02 -10.59 71.57
N LEU B 284 -51.01 -10.06 72.79
CA LEU B 284 -50.37 -8.78 73.03
C LEU B 284 -48.89 -8.84 72.71
N LYS B 285 -48.31 -10.04 72.75
CA LYS B 285 -46.93 -10.18 72.27
C LYS B 285 -46.89 -10.46 70.77
N ILE B 286 -47.78 -11.30 70.24
CA ILE B 286 -47.67 -11.68 68.84
C ILE B 286 -47.98 -10.48 67.94
N LEU B 287 -48.67 -9.48 68.48
CA LEU B 287 -48.81 -8.23 67.74
C LEU B 287 -47.57 -7.37 67.88
N GLN B 288 -46.87 -7.46 69.02
CA GLN B 288 -45.65 -6.69 69.22
C GLN B 288 -44.52 -7.21 68.32
N HIS B 289 -44.32 -8.53 68.30
CA HIS B 289 -43.41 -9.13 67.33
C HIS B 289 -43.88 -8.85 65.91
N CYS B 290 -45.19 -8.63 65.73
CA CYS B 290 -45.72 -8.21 64.44
C CYS B 290 -45.68 -6.69 64.29
N LYS B 291 -45.73 -5.94 65.39
CA LYS B 291 -45.60 -4.49 65.31
C LYS B 291 -44.19 -4.10 64.89
N GLU B 292 -43.20 -4.92 65.25
CA GLU B 292 -41.83 -4.66 64.85
C GLU B 292 -41.51 -5.22 63.48
N PHE B 293 -42.47 -5.86 62.81
CA PHE B 293 -42.34 -6.13 61.38
C PHE B 293 -42.17 -4.84 60.61
N ASN B 294 -43.21 -4.00 60.63
CA ASN B 294 -43.21 -2.79 59.80
C ASN B 294 -42.18 -1.79 60.29
N ALA B 295 -41.91 -1.78 61.60
CA ALA B 295 -40.95 -0.84 62.16
C ALA B 295 -39.52 -1.15 61.71
N ARG B 296 -39.24 -2.38 61.27
CA ARG B 296 -37.90 -2.75 60.87
C ARG B 296 -37.79 -3.19 59.40
N ASN B 297 -38.77 -3.90 58.86
CA ASN B 297 -38.64 -4.39 57.50
C ASN B 297 -38.90 -3.31 56.46
N SER B 298 -39.83 -2.39 56.73
CA SER B 298 -40.10 -1.32 55.77
C SER B 298 -38.89 -0.42 55.59
N ALA B 299 -38.31 0.04 56.69
CA ALA B 299 -37.14 0.92 56.60
C ALA B 299 -35.96 0.21 55.95
N LEU B 300 -35.75 -1.07 56.29
CA LEU B 300 -34.63 -1.80 55.70
C LEU B 300 -34.82 -2.01 54.20
N LYS B 301 -36.05 -2.25 53.76
CA LYS B 301 -36.30 -2.36 52.32
C LYS B 301 -36.33 -1.00 51.65
N LYS B 302 -36.88 0.01 52.32
CA LYS B 302 -37.01 1.33 51.69
C LYS B 302 -35.65 1.95 51.42
N GLU B 303 -34.70 1.77 52.35
CA GLU B 303 -33.38 2.35 52.13
C GLU B 303 -32.68 1.72 50.94
N LYS B 304 -32.87 0.42 50.71
CA LYS B 304 -32.25 -0.24 49.56
C LYS B 304 -32.73 0.38 48.26
N GLU B 305 -34.05 0.62 48.14
CA GLU B 305 -34.59 1.16 46.91
C GLU B 305 -34.00 2.52 46.60
N ASN B 306 -33.83 3.37 47.62
CA ASN B 306 -33.14 4.64 47.42
C ASN B 306 -31.67 4.41 47.05
N ILE B 307 -31.03 3.45 47.70
CA ILE B 307 -29.64 3.14 47.38
C ILE B 307 -29.52 2.41 46.05
N SER B 308 -30.43 1.48 45.76
CA SER B 308 -30.33 0.69 44.53
C SER B 308 -30.45 1.57 43.29
N ARG B 309 -31.34 2.56 43.30
CA ARG B 309 -31.42 3.45 42.15
C ARG B 309 -30.16 4.30 42.03
N ASN B 310 -29.53 4.62 43.15
CA ASN B 310 -28.21 5.23 43.08
C ASN B 310 -27.19 4.27 42.48
N TYR B 311 -27.27 2.99 42.86
CA TYR B 311 -26.39 1.98 42.26
C TYR B 311 -26.61 1.88 40.76
N HIS B 312 -27.88 1.87 40.33
CA HIS B 312 -28.17 1.68 38.92
C HIS B 312 -27.91 2.95 38.11
N GLU B 313 -27.86 4.10 38.77
CA GLU B 313 -27.68 5.36 38.04
C GLU B 313 -26.25 5.49 37.51
N LEU B 314 -25.26 5.25 38.37
CA LEU B 314 -23.87 5.45 37.95
C LEU B 314 -23.46 4.48 36.85
N LYS B 315 -23.92 3.24 36.92
CA LYS B 315 -23.57 2.27 35.89
C LYS B 315 -24.11 2.70 34.53
N LEU B 316 -25.26 3.37 34.51
CA LEU B 316 -25.78 3.92 33.26
C LEU B 316 -24.90 5.04 32.75
N LYS B 317 -24.35 5.86 33.66
CA LYS B 317 -23.48 6.95 33.24
C LYS B 317 -22.16 6.44 32.67
N MET B 318 -21.55 5.45 33.32
CA MET B 318 -20.26 4.96 32.87
C MET B 318 -20.37 4.23 31.54
N GLN B 319 -21.44 3.46 31.34
CA GLN B 319 -21.65 2.79 30.06
C GLN B 319 -21.80 3.80 28.94
N LYS B 320 -22.57 4.88 29.19
CA LYS B 320 -22.69 5.94 28.21
C LYS B 320 -21.34 6.61 27.96
N PHE B 321 -20.59 6.88 29.04
CA PHE B 321 -19.33 7.59 28.89
C PHE B 321 -18.30 6.75 28.17
N ARG B 322 -18.18 5.47 28.53
CA ARG B 322 -17.19 4.60 27.89
C ARG B 322 -17.49 4.39 26.42
N GLU B 323 -18.76 4.17 26.08
CA GLU B 323 -19.11 3.95 24.67
C GLU B 323 -18.82 5.18 23.83
N GLU B 324 -19.16 6.36 24.35
CA GLU B 324 -18.90 7.59 23.61
C GLU B 324 -17.41 7.84 23.45
N GLU B 325 -16.62 7.53 24.49
CA GLU B 325 -15.17 7.67 24.38
C GLU B 325 -14.60 6.72 23.34
N SER B 326 -15.07 5.47 23.32
CA SER B 326 -14.55 4.51 22.36
C SER B 326 -14.97 4.86 20.93
N ARG B 327 -16.20 5.34 20.76
CA ARG B 327 -16.66 5.72 19.42
C ARG B 327 -15.82 6.87 18.87
N ARG B 328 -15.52 7.85 19.72
CA ARG B 328 -14.66 8.95 19.29
C ARG B 328 -13.25 8.46 19.02
N LEU B 329 -12.75 7.54 19.84
CA LEU B 329 -11.40 7.00 19.64
C LEU B 329 -11.28 6.27 18.31
N LYS B 330 -12.29 5.47 17.97
CA LYS B 330 -12.24 4.71 16.72
C LYS B 330 -12.32 5.62 15.50
N GLU B 331 -13.04 6.74 15.62
CA GLU B 331 -13.16 7.67 14.51
C GLU B 331 -11.81 8.31 14.17
N LEU B 332 -11.03 8.67 15.20
CA LEU B 332 -9.76 9.35 14.97
C LEU B 332 -8.75 8.42 14.29
N SER B 333 -8.72 7.14 14.68
CA SER B 333 -7.73 6.23 14.11
C SER B 333 -7.93 6.06 12.61
N ASN B 334 -9.18 5.90 12.17
CA ASN B 334 -9.45 5.69 10.75
C ASN B 334 -9.03 6.91 9.93
N ASN B 335 -9.31 8.11 10.45
CA ASN B 335 -8.89 9.33 9.74
C ASN B 335 -7.38 9.43 9.66
N SER B 336 -6.69 9.08 10.74
CA SER B 336 -5.23 9.23 10.78
C SER B 336 -4.54 8.32 9.77
N ARG B 337 -5.01 7.08 9.65
CA ARG B 337 -4.38 6.14 8.72
C ARG B 337 -4.58 6.56 7.28
N ASN B 338 -5.75 7.13 6.96
CA ASN B 338 -6.02 7.56 5.59
C ASN B 338 -5.06 8.65 5.16
N ALA B 339 -4.74 9.58 6.07
CA ALA B 339 -3.80 10.65 5.74
C ALA B 339 -2.38 10.12 5.61
N VAL B 340 -1.93 9.32 6.58
CA VAL B 340 -0.54 8.86 6.58
C VAL B 340 -0.29 7.88 5.44
N LEU B 341 -1.27 7.04 5.11
CA LEU B 341 -1.12 6.14 3.98
C LEU B 341 -1.03 6.93 2.68
N LYS B 342 -1.68 8.09 2.63
CA LYS B 342 -1.64 8.91 1.43
C LYS B 342 -0.23 9.45 1.18
N LEU B 343 0.38 10.05 2.20
CA LEU B 343 1.70 10.65 2.01
C LEU B 343 2.78 9.59 1.80
N ARG B 344 2.58 8.39 2.37
CA ARG B 344 3.53 7.31 2.15
C ARG B 344 3.59 6.94 0.68
N GLU B 345 2.48 7.10 -0.04
CA GLU B 345 2.49 6.86 -1.48
C GLU B 345 3.33 7.89 -2.22
N TYR B 346 3.13 9.17 -1.91
CA TYR B 346 3.88 10.22 -2.61
C TYR B 346 5.36 10.16 -2.23
N CYS B 347 5.67 9.83 -0.97
CA CYS B 347 7.06 9.69 -0.56
C CYS B 347 7.74 8.56 -1.33
N ALA B 348 7.02 7.44 -1.53
CA ALA B 348 7.55 6.38 -2.38
C ALA B 348 7.55 6.80 -3.84
N LEU B 349 6.61 7.67 -4.23
CA LEU B 349 6.55 8.16 -5.61
C LEU B 349 7.78 8.99 -5.94
N GLY B 350 8.25 9.79 -4.97
CA GLY B 350 9.44 10.59 -5.20
C GLY B 350 10.69 9.74 -5.38
N GLU B 351 10.76 8.61 -4.69
CA GLU B 351 11.93 7.75 -4.79
C GLU B 351 12.10 7.21 -6.22
N LYS B 352 11.00 6.78 -6.84
CA LYS B 352 11.09 6.21 -8.18
C LYS B 352 11.52 7.24 -9.21
N ILE B 353 11.16 8.51 -8.99
CA ILE B 353 11.66 9.58 -9.85
C ILE B 353 13.17 9.73 -9.70
N LEU B 354 13.66 9.70 -8.46
CA LEU B 354 15.10 9.81 -8.24
C LEU B 354 15.82 8.51 -8.56
N LYS B 355 15.13 7.37 -8.45
CA LYS B 355 15.75 6.09 -8.78
C LYS B 355 16.06 5.99 -10.27
N THR B 356 15.08 6.35 -11.12
CA THR B 356 15.29 6.24 -12.55
C THR B 356 16.29 7.28 -13.06
N ALA B 357 16.46 8.39 -12.35
CA ALA B 357 17.47 9.36 -12.73
C ALA B 357 18.88 8.80 -12.51
N GLU B 358 19.05 8.00 -11.45
CA GLU B 358 20.37 7.45 -11.16
C GLU B 358 20.79 6.43 -12.21
N LEU B 359 19.91 5.49 -12.56
CA LEU B 359 20.24 4.52 -13.59
C LEU B 359 20.41 5.18 -14.94
N CYS B 360 19.68 6.26 -15.19
CA CYS B 360 19.85 7.06 -16.40
C CYS B 360 21.17 7.82 -16.40
N ARG B 361 21.65 8.25 -15.23
CA ARG B 361 22.85 9.07 -15.12
C ARG B 361 24.12 8.32 -15.49
N ARG B 362 24.07 6.99 -15.63
CA ARG B 362 25.28 6.24 -15.95
C ARG B 362 25.66 6.38 -17.41
N LEU B 363 24.68 6.45 -18.31
CA LEU B 363 24.93 6.26 -19.74
C LEU B 363 25.54 7.48 -20.42
N GLU B 364 25.19 8.69 -20.01
CA GLU B 364 25.60 9.87 -20.77
C GLU B 364 27.10 10.15 -20.57
N THR B 365 27.58 11.14 -21.31
CA THR B 365 29.00 11.47 -21.35
C THR B 365 29.32 12.67 -20.45
N GLU B 366 30.57 13.12 -20.53
CA GLU B 366 31.02 14.23 -19.69
C GLU B 366 30.27 15.51 -20.01
N LYS B 367 30.24 15.90 -21.29
CA LYS B 367 29.58 17.14 -21.69
C LYS B 367 28.09 17.13 -21.39
N GLU B 368 27.49 15.94 -21.31
CA GLU B 368 26.09 15.83 -20.90
C GLU B 368 25.94 15.74 -19.38
N LYS B 369 27.05 15.72 -18.64
CA LYS B 369 27.03 15.77 -17.19
C LYS B 369 27.75 16.98 -16.62
N VAL B 370 28.17 17.93 -17.47
CA VAL B 370 28.67 19.22 -17.02
C VAL B 370 27.87 20.37 -17.61
N LEU B 371 27.50 20.28 -18.88
CA LEU B 371 26.72 21.30 -19.58
C LEU B 371 25.49 20.62 -20.18
N PRO B 372 24.51 20.25 -19.34
CA PRO B 372 23.45 19.36 -19.81
C PRO B 372 22.39 20.01 -20.68
N PHE B 373 22.35 21.33 -20.77
CA PHE B 373 21.28 21.98 -21.52
C PHE B 373 21.66 22.25 -22.97
N TYR B 374 22.66 23.09 -23.19
CA TYR B 374 23.10 23.39 -24.56
C TYR B 374 24.44 24.10 -24.48
N GLU B 375 25.11 24.17 -25.63
CA GLU B 375 26.42 24.80 -25.72
C GLU B 375 26.29 26.32 -25.69
N LYS B 396 5.48 37.53 -8.73
CA LYS B 396 4.83 36.59 -9.65
C LYS B 396 4.10 35.50 -8.89
N GLU B 397 2.84 35.26 -9.27
CA GLU B 397 2.00 34.25 -8.64
C GLU B 397 1.34 33.36 -9.68
N ASP B 398 1.96 33.21 -10.85
CA ASP B 398 1.40 32.41 -11.92
C ASP B 398 2.51 31.70 -12.67
N ALA B 399 2.16 30.58 -13.29
CA ALA B 399 3.11 29.80 -14.07
C ALA B 399 2.34 29.03 -15.14
N GLU B 400 3.08 28.59 -16.16
CA GLU B 400 2.50 27.84 -17.28
C GLU B 400 2.75 26.35 -17.07
N GLU B 401 1.67 25.59 -16.94
CA GLU B 401 1.79 24.14 -16.77
C GLU B 401 2.16 23.46 -18.08
N TYR B 402 1.78 24.04 -19.22
CA TYR B 402 2.05 23.45 -20.51
C TYR B 402 3.39 23.86 -21.10
N ALA B 403 4.10 24.78 -20.44
CA ALA B 403 5.44 25.19 -20.85
C ALA B 403 6.35 25.29 -19.64
N TYR B 404 6.22 24.33 -18.73
CA TYR B 404 7.05 24.26 -17.54
C TYR B 404 8.20 23.28 -17.66
N LEU B 405 8.21 22.44 -18.70
CA LEU B 405 9.15 21.33 -18.79
C LEU B 405 10.12 21.48 -19.95
N ASN B 406 10.32 22.70 -20.46
CA ASN B 406 11.23 22.91 -21.58
C ASN B 406 12.66 22.54 -21.24
N ASN B 407 13.09 22.81 -20.01
CA ASN B 407 14.50 22.66 -19.66
C ASN B 407 14.94 21.20 -19.72
N PHE B 408 14.03 20.27 -19.40
CA PHE B 408 14.38 18.86 -19.59
C PHE B 408 14.33 18.50 -21.07
N TYR B 409 13.44 19.14 -21.83
CA TYR B 409 13.36 18.90 -23.26
C TYR B 409 14.52 19.51 -24.02
N LYS B 410 15.46 20.15 -23.33
CA LYS B 410 16.66 20.65 -24.01
C LYS B 410 17.76 19.59 -24.03
N ARG B 411 17.75 18.69 -23.05
CA ARG B 411 18.70 17.58 -23.07
C ARG B 411 18.13 16.37 -23.81
N TYR B 412 16.80 16.20 -23.80
CA TYR B 412 16.20 15.10 -24.55
C TYR B 412 16.47 15.22 -26.04
N ASN B 413 16.33 16.44 -26.57
CA ASN B 413 16.57 16.63 -28.00
C ASN B 413 18.06 16.68 -28.33
N LYS B 414 18.91 16.77 -27.30
CA LYS B 414 20.35 16.69 -27.54
C LYS B 414 20.75 15.29 -28.00
N VAL B 415 20.28 14.27 -27.28
CA VAL B 415 20.61 12.90 -27.64
C VAL B 415 19.83 12.46 -28.88
N LEU B 416 18.63 13.04 -29.08
CA LEU B 416 17.86 12.72 -30.27
C LEU B 416 18.60 13.11 -31.54
N LEU B 417 19.32 14.24 -31.50
CA LEU B 417 20.16 14.61 -32.63
C LEU B 417 21.34 13.67 -32.78
N ASP B 418 21.80 13.07 -31.68
CA ASP B 418 22.89 12.11 -31.77
C ASP B 418 22.48 10.88 -32.57
N LYS B 419 21.26 10.39 -32.36
CA LYS B 419 20.78 9.24 -33.13
C LYS B 419 20.65 9.57 -34.61
N LEU B 420 20.09 10.74 -34.93
CA LEU B 420 19.88 11.09 -36.33
C LEU B 420 21.19 11.26 -37.07
N ALA B 421 22.19 11.86 -36.44
CA ALA B 421 23.51 11.96 -37.06
C ALA B 421 24.11 10.58 -37.28
N ILE B 422 23.99 9.69 -36.28
CA ILE B 422 24.49 8.33 -36.44
C ILE B 422 23.62 7.54 -37.42
N GLU B 423 22.33 7.89 -37.52
CA GLU B 423 21.47 7.24 -38.50
C GLU B 423 21.98 7.47 -39.92
N LYS B 424 22.41 8.70 -40.21
CA LYS B 424 22.99 9.00 -41.52
C LYS B 424 24.27 8.22 -41.75
N GLN B 425 25.10 8.09 -40.71
CA GLN B 425 26.39 7.43 -40.87
C GLN B 425 26.25 5.91 -40.96
N LYS B 426 25.29 5.34 -40.22
CA LYS B 426 25.13 3.89 -40.23
C LYS B 426 24.71 3.38 -41.61
N GLU B 427 23.78 4.10 -42.27
CA GLU B 427 23.30 3.63 -43.56
C GLU B 427 24.35 3.81 -44.65
N ASN B 428 25.26 4.77 -44.48
CA ASN B 428 26.30 4.98 -45.49
C ASN B 428 27.33 3.85 -45.46
N LEU B 429 27.80 3.48 -44.27
CA LEU B 429 28.78 2.39 -44.17
C LEU B 429 28.18 1.07 -44.61
N GLN B 430 26.92 0.81 -44.28
CA GLN B 430 26.25 -0.39 -44.76
C GLN B 430 26.14 -0.38 -46.28
N ARG B 431 25.85 0.79 -46.86
CA ARG B 431 25.84 0.92 -48.31
C ARG B 431 27.23 0.66 -48.89
N ASP B 432 28.26 1.20 -48.25
CA ASP B 432 29.63 1.04 -48.76
C ASP B 432 30.07 -0.42 -48.67
N ASN B 433 29.74 -1.09 -47.57
CA ASN B 433 30.14 -2.49 -47.42
C ASN B 433 29.43 -3.38 -48.45
N GLN B 434 28.16 -3.11 -48.71
CA GLN B 434 27.44 -3.84 -49.74
C GLN B 434 28.04 -3.58 -51.11
N LEU B 435 28.44 -2.32 -51.38
CA LEU B 435 29.08 -1.99 -52.64
C LEU B 435 30.41 -2.71 -52.81
N LEU B 436 31.21 -2.77 -51.74
CA LEU B 436 32.56 -3.32 -51.85
C LEU B 436 32.53 -4.83 -52.01
N LYS B 437 31.60 -5.51 -51.35
CA LYS B 437 31.53 -6.96 -51.47
C LYS B 437 31.25 -7.38 -52.90
N SER B 438 30.44 -6.60 -53.62
CA SER B 438 30.24 -6.87 -55.04
C SER B 438 31.54 -6.67 -55.82
N LEU B 439 32.31 -5.65 -55.48
CA LEU B 439 33.57 -5.38 -56.17
C LEU B 439 34.58 -6.49 -55.91
N LEU B 440 34.63 -7.02 -54.69
CA LEU B 440 35.54 -8.11 -54.39
C LEU B 440 35.09 -9.41 -55.05
N LYS B 441 33.78 -9.67 -55.05
CA LYS B 441 33.28 -10.90 -55.63
C LYS B 441 33.53 -10.96 -57.13
N GLN B 442 33.31 -9.84 -57.84
CA GLN B 442 33.50 -9.83 -59.29
C GLN B 442 34.98 -9.95 -59.64
N TYR B 443 35.86 -9.34 -58.84
CA TYR B 443 37.29 -9.48 -59.07
C TYR B 443 37.74 -10.93 -58.89
N LEU B 444 37.20 -11.61 -57.87
CA LEU B 444 37.51 -13.02 -57.68
C LEU B 444 37.05 -13.85 -58.87
N ASP B 445 35.87 -13.55 -59.40
CA ASP B 445 35.39 -14.23 -60.60
C ASP B 445 36.14 -13.80 -61.85
N GLY B 446 36.94 -12.73 -61.76
CA GLY B 446 37.73 -12.28 -62.89
C GLY B 446 39.06 -12.97 -63.06
N ILE B 447 39.42 -13.87 -62.14
CA ILE B 447 40.67 -14.62 -62.23
C ILE B 447 40.42 -16.08 -62.59
N SER B 448 39.38 -16.68 -62.04
CA SER B 448 39.08 -18.08 -62.29
C SER B 448 38.10 -18.23 -63.46
N LEU B 449 38.00 -19.47 -63.94
CA LEU B 449 37.13 -19.81 -65.07
C LEU B 449 35.93 -20.57 -64.53
N ASN B 450 34.76 -19.95 -64.60
CA ASN B 450 33.53 -20.57 -64.11
C ASN B 450 32.40 -20.28 -65.09
N ASP B 451 31.20 -20.76 -64.76
CA ASP B 451 30.04 -20.56 -65.63
C ASP B 451 29.60 -19.10 -65.67
N ASP B 452 29.81 -18.36 -64.58
CA ASP B 452 29.34 -16.97 -64.54
C ASP B 452 30.05 -16.10 -65.57
N VAL B 453 31.38 -16.24 -65.67
CA VAL B 453 32.12 -15.40 -66.60
C VAL B 453 31.87 -15.82 -68.05
N LEU B 454 31.68 -17.12 -68.30
CA LEU B 454 31.46 -17.60 -69.65
C LEU B 454 30.05 -17.29 -70.16
N LYS B 455 29.11 -17.02 -69.25
CA LYS B 455 27.71 -16.84 -69.67
C LYS B 455 27.47 -15.49 -70.30
N ASN B 456 28.08 -14.43 -69.80
CA ASN B 456 27.76 -13.09 -70.25
C ASN B 456 28.30 -12.84 -71.66
N GLU B 457 27.73 -11.83 -72.32
CA GLU B 457 28.11 -11.53 -73.70
C GLU B 457 29.48 -10.88 -73.79
N ASN B 458 29.86 -10.07 -72.79
CA ASN B 458 31.12 -9.36 -72.78
C ASN B 458 32.07 -10.06 -71.82
N ASN B 459 32.86 -10.99 -72.34
CA ASN B 459 33.88 -11.68 -71.56
C ASN B 459 35.15 -11.79 -72.37
N PRO B 460 36.30 -11.44 -71.78
CA PRO B 460 37.57 -11.58 -72.51
C PRO B 460 37.94 -13.01 -72.82
N LEU B 461 37.31 -13.98 -72.14
CA LEU B 461 37.70 -15.38 -72.29
C LEU B 461 37.53 -15.86 -73.73
N LEU B 462 36.36 -15.63 -74.30
CA LEU B 462 36.06 -16.13 -75.65
C LEU B 462 35.11 -15.14 -76.30
N VAL B 463 35.66 -14.24 -77.11
CA VAL B 463 34.88 -13.19 -77.75
C VAL B 463 34.42 -13.68 -79.13
N VAL B 464 33.13 -13.51 -79.42
CA VAL B 464 32.53 -13.90 -80.67
C VAL B 464 31.97 -12.67 -81.36
N ASN B 465 32.23 -12.53 -82.66
CA ASN B 465 31.62 -11.49 -83.48
C ASN B 465 31.90 -10.09 -82.92
N HIS B 466 33.07 -9.94 -82.27
CA HIS B 466 33.52 -8.65 -81.73
C HIS B 466 32.56 -8.10 -80.69
N LYS B 467 32.03 -8.97 -79.83
CA LYS B 467 31.19 -8.50 -78.74
C LYS B 467 31.98 -7.66 -77.74
N PHE B 468 33.20 -8.08 -77.43
CA PHE B 468 34.04 -7.40 -76.44
C PHE B 468 34.96 -6.42 -77.15
N ASN B 469 34.64 -5.14 -77.05
CA ASN B 469 35.52 -4.06 -77.46
C ASN B 469 35.72 -3.03 -76.36
N LEU B 470 34.71 -2.81 -75.53
CA LEU B 470 34.78 -1.93 -74.37
C LEU B 470 33.86 -2.49 -73.30
N GLY B 471 34.09 -2.05 -72.06
CA GLY B 471 33.25 -2.51 -70.96
C GLY B 471 31.77 -2.21 -71.19
N LYS B 472 31.48 -1.00 -71.64
CA LYS B 472 30.12 -0.62 -72.04
C LYS B 472 30.23 0.59 -72.94
N MET B 473 29.37 0.63 -73.97
CA MET B 473 29.49 1.70 -74.97
C MET B 473 28.99 3.05 -74.44
N PRO B 474 27.73 3.18 -73.97
CA PRO B 474 27.25 4.52 -73.58
C PRO B 474 27.62 4.91 -72.16
N VAL B 475 28.86 4.65 -71.75
CA VAL B 475 29.35 5.09 -70.45
C VAL B 475 30.72 5.74 -70.62
N GLU B 476 31.28 5.65 -71.83
CA GLU B 476 32.62 6.17 -72.07
C GLU B 476 32.66 7.68 -71.98
N LYS B 477 31.54 8.35 -72.27
CA LYS B 477 31.51 9.81 -72.15
C LYS B 477 31.73 10.26 -70.71
N ILE B 478 31.08 9.57 -69.75
CA ILE B 478 31.27 9.89 -68.36
C ILE B 478 32.67 9.50 -67.89
N GLU B 479 33.15 8.32 -68.32
CA GLU B 479 34.48 7.88 -67.93
C GLU B 479 35.56 8.81 -68.45
N ASN B 480 35.44 9.23 -69.71
CA ASN B 480 36.42 10.13 -70.31
C ASN B 480 36.02 11.58 -70.11
N GLU C 263 -81.19 -17.74 93.16
CA GLU C 263 -79.95 -17.61 92.39
C GLU C 263 -79.98 -18.53 91.17
N ILE C 264 -80.49 -19.75 91.37
CA ILE C 264 -80.59 -20.70 90.27
C ILE C 264 -81.55 -20.19 89.19
N LYS C 265 -82.71 -19.67 89.62
CA LYS C 265 -83.67 -19.14 88.65
C LYS C 265 -83.12 -17.89 87.97
N GLU C 266 -82.39 -17.06 88.72
CA GLU C 266 -81.79 -15.86 88.12
C GLU C 266 -80.74 -16.23 87.08
N LEU C 267 -79.98 -17.30 87.32
CA LEU C 267 -78.93 -17.70 86.39
C LEU C 267 -79.51 -18.10 85.03
N GLN C 268 -80.61 -18.85 85.04
CA GLN C 268 -81.19 -19.29 83.76
C GLN C 268 -81.89 -18.16 83.03
N THR C 269 -82.30 -17.12 83.76
CA THR C 269 -82.88 -15.96 83.09
C THR C 269 -81.86 -15.25 82.22
N LYS C 270 -80.62 -15.13 82.70
CA LYS C 270 -79.57 -14.52 81.90
C LYS C 270 -79.22 -15.37 80.69
N ASP C 271 -79.45 -16.68 80.76
CA ASP C 271 -79.13 -17.56 79.63
C ASP C 271 -79.99 -17.23 78.41
N GLU C 272 -81.28 -16.93 78.64
CA GLU C 272 -82.15 -16.55 77.53
C GLU C 272 -81.71 -15.23 76.91
N GLU C 273 -81.28 -14.28 77.74
CA GLU C 273 -80.78 -13.01 77.22
C GLU C 273 -79.50 -13.21 76.41
N TYR C 274 -78.60 -14.07 76.88
CA TYR C 274 -77.36 -14.32 76.16
C TYR C 274 -77.61 -14.98 74.82
N LYS C 275 -78.54 -15.93 74.76
CA LYS C 275 -78.84 -16.64 73.53
C LYS C 275 -79.75 -15.86 72.58
N LYS C 276 -80.29 -14.72 73.04
CA LYS C 276 -81.20 -13.92 72.22
C LYS C 276 -80.46 -12.85 71.41
N THR C 277 -79.14 -12.75 71.54
CA THR C 277 -78.36 -11.74 70.84
C THR C 277 -77.56 -12.32 69.68
N LEU C 278 -78.12 -13.31 68.99
CA LEU C 278 -77.44 -13.95 67.88
C LEU C 278 -78.32 -14.16 66.64
N GLN C 279 -79.64 -14.04 66.76
CA GLN C 279 -80.51 -14.26 65.61
C GLN C 279 -80.28 -13.22 64.51
N GLN C 280 -80.15 -11.95 64.90
CA GLN C 280 -79.94 -10.90 63.91
C GLN C 280 -78.59 -11.04 63.22
N THR C 281 -77.54 -11.41 63.98
CA THR C 281 -76.24 -11.61 63.38
C THR C 281 -76.24 -12.78 62.42
N GLU C 282 -76.94 -13.87 62.76
CA GLU C 282 -76.99 -15.04 61.90
C GLU C 282 -77.73 -14.73 60.60
N LYS C 283 -78.92 -14.13 60.70
CA LYS C 283 -79.72 -13.85 59.51
C LYS C 283 -79.16 -12.67 58.72
N GLY C 284 -78.63 -11.66 59.41
CA GLY C 284 -78.13 -10.49 58.72
C GLY C 284 -76.90 -10.77 57.88
N TYR C 285 -75.95 -11.55 58.40
CA TYR C 285 -74.71 -11.81 57.69
C TYR C 285 -74.89 -12.78 56.53
N LYS C 286 -75.87 -13.68 56.60
CA LYS C 286 -76.05 -14.66 55.54
C LYS C 286 -76.47 -14.01 54.23
N GLU C 287 -77.27 -12.93 54.32
CA GLU C 287 -77.72 -12.26 53.10
C GLU C 287 -76.56 -11.66 52.33
N LEU C 288 -75.55 -11.14 53.03
CA LEU C 288 -74.44 -10.47 52.36
C LEU C 288 -73.59 -11.45 51.56
N ASN C 289 -73.46 -12.70 52.00
CA ASN C 289 -72.55 -13.64 51.37
C ASN C 289 -73.05 -14.10 50.01
N GLU C 290 -74.36 -14.13 49.80
CA GLU C 290 -74.91 -14.70 48.57
C GLU C 290 -74.49 -13.95 47.32
N PRO C 291 -74.62 -12.61 47.21
CA PRO C 291 -74.23 -11.95 45.96
C PRO C 291 -72.73 -11.86 45.76
N LEU C 292 -71.91 -12.08 46.80
CA LEU C 292 -70.47 -12.00 46.65
C LEU C 292 -69.92 -13.17 45.84
N GLN C 293 -70.64 -14.29 45.81
CA GLN C 293 -70.19 -15.45 45.04
C GLN C 293 -70.22 -15.16 43.54
N ALA C 294 -71.23 -14.41 43.08
CA ALA C 294 -71.38 -14.18 41.65
C ALA C 294 -70.31 -13.24 41.11
N LEU C 295 -69.88 -12.26 41.92
CA LEU C 295 -68.85 -11.33 41.47
C LEU C 295 -67.50 -12.01 41.34
N GLY C 296 -67.25 -13.05 42.13
CA GLY C 296 -65.95 -13.71 42.10
C GLY C 296 -65.68 -14.41 40.78
N ILE C 297 -66.69 -15.10 40.24
CA ILE C 297 -66.50 -15.83 39.00
C ILE C 297 -66.44 -14.93 37.77
N GLU C 298 -66.81 -13.65 37.92
CA GLU C 298 -66.74 -12.72 36.80
C GLU C 298 -65.31 -12.44 36.37
N ILE C 299 -64.36 -12.43 37.30
CA ILE C 299 -62.96 -12.11 36.98
C ILE C 299 -62.27 -13.36 36.47
N ILE C 300 -62.80 -14.54 36.83
CA ILE C 300 -62.13 -15.79 36.48
C ILE C 300 -62.05 -15.98 34.97
N GLN C 301 -63.15 -15.73 34.27
CA GLN C 301 -63.15 -15.91 32.82
C GLN C 301 -62.25 -14.90 32.11
N LEU C 302 -61.94 -13.77 32.75
CA LEU C 302 -61.10 -12.75 32.14
C LEU C 302 -59.75 -12.59 32.81
N LYS C 303 -59.48 -13.29 33.91
CA LYS C 303 -58.18 -13.17 34.55
C LYS C 303 -57.10 -13.83 33.69
N LYS C 304 -57.42 -14.97 33.08
CA LYS C 304 -56.55 -15.52 32.04
C LYS C 304 -56.57 -14.65 30.79
N GLN C 305 -57.60 -13.82 30.62
CA GLN C 305 -57.64 -12.87 29.51
C GLN C 305 -57.18 -11.49 29.96
N ASP C 306 -56.68 -11.40 31.20
CA ASP C 306 -56.30 -10.14 31.82
C ASP C 306 -54.93 -9.71 31.32
N GLU C 307 -54.28 -8.80 32.06
CA GLU C 307 -53.03 -8.10 31.73
C GLU C 307 -53.31 -6.96 30.76
N GLU C 308 -54.53 -6.41 30.83
CA GLU C 308 -54.81 -5.00 30.55
C GLU C 308 -54.10 -4.46 29.31
N GLN C 309 -53.46 -3.29 29.45
CA GLN C 309 -52.60 -2.61 28.47
C GLN C 309 -53.21 -2.43 27.08
N GLU C 310 -54.54 -2.44 26.95
CA GLU C 310 -55.15 -2.08 25.68
C GLU C 310 -55.09 -0.58 25.41
N ALA C 311 -54.61 0.21 26.38
CA ALA C 311 -54.56 1.65 26.23
C ALA C 311 -53.71 2.12 25.06
N ILE C 312 -52.68 1.37 24.65
CA ILE C 312 -51.76 1.85 23.64
C ILE C 312 -51.68 0.95 22.40
N ILE C 313 -51.93 -0.36 22.54
CA ILE C 313 -51.86 -1.24 21.37
C ILE C 313 -53.02 -1.00 20.41
N LYS C 314 -54.08 -0.33 20.88
CA LYS C 314 -55.10 0.11 19.93
C LYS C 314 -54.49 0.94 18.81
N GLU C 315 -53.58 1.85 19.16
CA GLU C 315 -52.83 2.58 18.15
C GLU C 315 -51.68 1.76 17.59
N LYS C 316 -51.05 0.93 18.42
CA LYS C 316 -49.86 0.21 18.00
C LYS C 316 -50.16 -0.91 17.00
N GLU C 317 -51.42 -1.33 16.88
CA GLU C 317 -51.81 -2.21 15.79
C GLU C 317 -51.80 -1.49 14.45
N GLU C 318 -51.80 -0.15 14.46
CA GLU C 318 -52.01 0.66 13.26
C GLU C 318 -50.76 1.40 12.82
N LEU C 319 -50.09 2.12 13.74
CA LEU C 319 -48.90 2.88 13.39
C LEU C 319 -47.79 1.97 12.87
N LYS C 320 -47.76 0.72 13.33
CA LYS C 320 -46.73 -0.20 12.86
C LYS C 320 -46.90 -0.51 11.37
N GLN C 321 -48.15 -0.71 10.93
CA GLN C 321 -48.38 -1.15 9.56
C GLN C 321 -48.37 -0.01 8.56
N LYS C 322 -48.35 1.25 9.00
CA LYS C 322 -48.24 2.37 8.08
C LYS C 322 -46.79 2.74 7.79
N ILE C 323 -45.86 2.43 8.69
CA ILE C 323 -44.45 2.61 8.39
C ILE C 323 -43.99 1.58 7.37
N ASP C 324 -44.58 0.38 7.40
CA ASP C 324 -44.25 -0.64 6.42
C ASP C 324 -44.55 -0.16 5.00
N ASN C 325 -45.62 0.63 4.84
CA ASN C 325 -45.87 1.29 3.57
C ASN C 325 -44.74 2.27 3.23
N GLN C 326 -44.28 3.02 4.23
CA GLN C 326 -43.23 4.01 4.00
C GLN C 326 -41.93 3.35 3.54
N GLU C 327 -41.57 2.22 4.16
CA GLU C 327 -40.32 1.55 3.80
C GLU C 327 -40.34 1.07 2.35
N ARG C 328 -41.44 0.46 1.92
CA ARG C 328 -41.55 0.01 0.53
C ARG C 328 -41.52 1.19 -0.43
N LEU C 329 -42.15 2.30 -0.05
CA LEU C 329 -42.07 3.52 -0.86
C LEU C 329 -40.65 4.06 -0.89
N PHE C 330 -39.90 3.88 0.20
CA PHE C 330 -38.49 4.27 0.19
C PHE C 330 -37.59 3.21 -0.44
N ARG C 331 -38.16 2.07 -0.87
CA ARG C 331 -37.35 1.10 -1.59
C ARG C 331 -37.39 1.34 -3.10
N LYS C 332 -38.55 1.75 -3.62
CA LYS C 332 -38.65 2.05 -5.03
C LYS C 332 -37.86 3.30 -5.40
N LEU C 333 -37.96 4.35 -4.58
CA LEU C 333 -37.24 5.59 -4.89
C LEU C 333 -35.74 5.46 -4.65
N GLU C 334 -35.34 4.69 -3.63
CA GLU C 334 -33.91 4.49 -3.40
C GLU C 334 -33.25 3.76 -4.55
N TYR C 335 -33.90 2.71 -5.07
CA TYR C 335 -33.38 2.03 -6.24
C TYR C 335 -33.66 2.81 -7.52
N GLU C 336 -34.58 3.78 -7.45
CA GLU C 336 -34.82 4.67 -8.59
C GLU C 336 -33.60 5.54 -8.86
N TYR C 337 -32.93 6.01 -7.80
CA TYR C 337 -31.70 6.78 -7.95
C TYR C 337 -30.48 5.90 -8.20
N GLU C 338 -30.56 4.60 -7.92
CA GLU C 338 -29.41 3.73 -8.09
C GLU C 338 -29.16 3.42 -9.57
N VAL C 339 -30.19 3.50 -10.41
CA VAL C 339 -30.04 3.13 -11.81
C VAL C 339 -29.15 4.12 -12.54
N LYS C 340 -29.24 5.40 -12.19
CA LYS C 340 -28.43 6.41 -12.89
C LYS C 340 -27.00 6.42 -12.40
N LEU C 341 -26.73 5.91 -11.19
CA LEU C 341 -25.37 5.95 -10.67
C LEU C 341 -24.45 5.01 -11.45
N GLN C 342 -24.75 3.71 -11.46
CA GLN C 342 -23.86 2.76 -12.11
C GLN C 342 -23.96 2.85 -13.63
N GLN C 343 -25.11 3.26 -14.14
CA GLN C 343 -25.22 3.56 -15.58
C GLN C 343 -24.27 4.66 -15.99
N PHE C 344 -24.03 5.63 -15.10
CA PHE C 344 -23.05 6.67 -15.34
C PHE C 344 -21.66 6.30 -14.82
N GLN C 345 -21.47 5.03 -14.42
CA GLN C 345 -20.18 4.55 -13.92
C GLN C 345 -19.38 3.77 -14.97
N TYR C 346 -20.06 3.02 -15.84
CA TYR C 346 -19.37 2.40 -16.98
C TYR C 346 -18.78 3.46 -17.89
N LEU C 347 -19.50 4.55 -18.09
CA LEU C 347 -18.94 5.75 -18.68
C LEU C 347 -18.20 6.55 -17.60
N GLU C 348 -17.61 7.68 -17.99
CA GLU C 348 -16.87 8.60 -17.14
C GLU C 348 -15.58 7.97 -16.64
N ARG C 349 -15.33 6.69 -16.91
CA ARG C 349 -14.03 6.08 -16.70
C ARG C 349 -13.26 5.92 -18.00
N GLU C 350 -13.91 5.39 -19.04
CA GLU C 350 -13.32 5.38 -20.37
C GLU C 350 -13.39 6.75 -21.04
N ARG C 351 -14.51 7.45 -20.87
CA ARG C 351 -14.68 8.74 -21.52
C ARG C 351 -13.78 9.81 -20.89
N ASN C 352 -13.68 9.84 -19.56
CA ASN C 352 -12.78 10.79 -18.92
C ASN C 352 -11.32 10.42 -19.14
N ALA C 353 -11.03 9.13 -19.38
CA ALA C 353 -9.70 8.76 -19.83
C ALA C 353 -9.44 9.27 -21.25
N LEU C 354 -10.44 9.17 -22.12
CA LEU C 354 -10.33 9.75 -23.46
C LEU C 354 -10.15 11.26 -23.40
N TYR C 355 -10.61 11.88 -22.32
CA TYR C 355 -10.30 13.29 -22.09
C TYR C 355 -8.80 13.49 -21.88
N ALA C 356 -8.14 12.57 -21.17
CA ALA C 356 -6.74 12.72 -20.80
C ALA C 356 -5.79 11.94 -21.69
N LYS C 357 -6.17 10.74 -22.13
CA LYS C 357 -5.31 9.99 -23.03
C LYS C 357 -5.11 10.71 -24.35
N PHE C 358 -6.19 11.26 -24.91
CA PHE C 358 -6.08 12.11 -26.09
C PHE C 358 -5.39 13.43 -25.75
N ASN C 359 -5.50 13.88 -24.50
CA ASN C 359 -4.77 15.04 -24.01
C ASN C 359 -3.39 14.68 -23.47
N GLN C 360 -2.99 13.41 -23.54
CA GLN C 360 -1.61 13.05 -23.27
C GLN C 360 -0.71 13.48 -24.43
N THR C 361 -1.26 13.47 -25.64
CA THR C 361 -0.48 13.85 -26.82
C THR C 361 -0.22 15.35 -26.87
N VAL C 362 -1.13 16.17 -26.33
CA VAL C 362 -0.99 17.61 -26.46
C VAL C 362 0.20 18.11 -25.65
N PHE C 363 0.74 17.31 -24.74
CA PHE C 363 1.94 17.71 -24.01
C PHE C 363 3.14 17.88 -24.92
N GLU C 364 3.13 17.25 -26.10
CA GLU C 364 4.27 17.37 -27.00
C GLU C 364 3.94 18.11 -28.30
N ILE C 365 2.73 17.94 -28.85
CA ILE C 365 2.39 18.71 -30.06
C ILE C 365 2.36 20.19 -29.75
N HIS C 366 2.03 20.55 -28.51
CA HIS C 366 2.07 21.95 -28.12
C HIS C 366 3.51 22.45 -28.03
N GLN C 367 4.46 21.53 -27.81
CA GLN C 367 5.85 21.87 -27.60
C GLN C 367 6.78 21.39 -28.70
N LYS C 368 6.58 20.19 -29.24
CA LYS C 368 7.57 19.59 -30.15
C LYS C 368 7.85 20.48 -31.36
N SER C 369 6.88 21.31 -31.75
CA SER C 369 7.15 22.32 -32.76
C SER C 369 8.22 23.29 -32.27
N GLY C 370 8.13 23.70 -31.00
CA GLY C 370 9.13 24.54 -30.38
C GLY C 370 10.30 23.79 -29.77
N LEU C 371 10.25 22.46 -29.74
CA LEU C 371 11.32 21.68 -29.13
C LEU C 371 12.44 21.38 -30.10
N GLU C 372 12.11 21.19 -31.38
CA GLU C 372 13.11 20.90 -32.41
C GLU C 372 13.45 22.13 -33.23
N ASN C 373 13.34 23.32 -32.63
CA ASN C 373 13.94 24.50 -33.23
C ASN C 373 15.46 24.46 -33.21
N LEU C 374 16.04 23.56 -32.41
CA LEU C 374 17.50 23.49 -32.28
C LEU C 374 18.17 23.24 -33.62
N ILE C 375 17.63 22.31 -34.42
CA ILE C 375 18.19 22.07 -35.73
C ILE C 375 18.09 23.30 -36.62
N LEU C 376 16.94 23.98 -36.62
CA LEU C 376 16.78 25.22 -37.35
C LEU C 376 17.29 26.41 -36.55
N GLU C 377 17.89 26.16 -35.38
CA GLU C 377 18.71 27.14 -34.69
C GLU C 377 20.20 26.84 -34.85
N LYS C 378 20.62 25.63 -34.47
CA LYS C 378 22.05 25.31 -34.43
C LYS C 378 22.65 25.20 -35.82
N LYS C 379 21.99 24.48 -36.73
CA LYS C 379 22.56 24.25 -38.05
C LYS C 379 22.75 25.56 -38.80
N VAL C 380 21.65 26.27 -39.06
CA VAL C 380 21.73 27.51 -39.82
C VAL C 380 22.52 28.59 -39.10
N THR C 381 22.81 28.42 -37.81
CA THR C 381 23.73 29.32 -37.15
C THR C 381 25.19 28.91 -37.34
N ASN C 382 25.46 27.61 -37.53
CA ASN C 382 26.80 27.19 -37.90
C ASN C 382 27.23 27.80 -39.23
N LEU C 383 26.26 28.00 -40.13
CA LEU C 383 26.56 28.70 -41.38
C LEU C 383 26.95 30.16 -41.12
N ARG C 384 26.52 30.72 -39.98
CA ARG C 384 26.75 32.14 -39.74
C ARG C 384 28.20 32.45 -39.46
N GLU C 385 28.88 31.64 -38.64
CA GLU C 385 30.29 31.89 -38.39
C GLU C 385 31.13 31.56 -39.62
N ASP C 386 30.81 30.44 -40.27
CA ASP C 386 31.66 29.94 -41.35
C ASP C 386 31.56 30.77 -42.62
N LEU C 387 30.36 31.25 -42.95
CA LEU C 387 30.22 32.03 -44.17
C LEU C 387 30.94 33.37 -44.06
N GLU C 388 31.02 33.93 -42.86
CA GLU C 388 31.81 35.14 -42.66
C GLU C 388 33.31 34.84 -42.63
N ILE C 389 33.70 33.64 -42.23
CA ILE C 389 35.09 33.22 -42.38
C ILE C 389 35.45 33.10 -43.86
N LYS C 390 34.56 32.49 -44.65
CA LYS C 390 34.80 32.39 -46.07
C LYS C 390 34.73 33.76 -46.75
N ASP C 391 33.87 34.65 -46.25
CA ASP C 391 33.83 36.00 -46.79
C ASP C 391 35.11 36.78 -46.50
N LEU C 392 35.88 36.36 -45.49
CA LEU C 392 37.20 36.91 -45.25
C LEU C 392 38.24 36.32 -46.19
N GLN C 393 38.03 35.10 -46.68
CA GLN C 393 38.95 34.49 -47.63
C GLN C 393 38.85 35.12 -49.00
N ILE C 394 37.62 35.41 -49.46
CA ILE C 394 37.41 36.03 -50.75
C ILE C 394 37.72 37.52 -50.76
N HIS C 395 38.10 38.08 -49.62
CA HIS C 395 38.63 39.43 -49.57
C HIS C 395 40.15 39.47 -49.75
N GLN C 396 40.82 38.32 -49.67
CA GLN C 396 42.27 38.24 -49.81
C GLN C 396 42.72 37.78 -51.19
N VAL C 397 41.99 36.84 -51.81
CA VAL C 397 42.27 36.47 -53.19
C VAL C 397 41.81 37.56 -54.16
N LEU C 398 40.94 38.46 -53.72
CA LEU C 398 40.50 39.57 -54.54
C LEU C 398 41.33 40.83 -54.32
N THR C 399 42.24 40.82 -53.35
CA THR C 399 43.09 41.97 -53.05
C THR C 399 44.51 41.80 -53.57
N ALA C 400 45.18 40.69 -53.22
CA ALA C 400 46.54 40.47 -53.66
C ALA C 400 46.64 40.22 -55.17
N ALA C 401 45.54 39.84 -55.82
CA ALA C 401 45.53 39.51 -57.23
C ALA C 401 45.10 40.68 -58.11
N ASN C 402 44.82 41.85 -57.53
CA ASN C 402 44.39 42.97 -58.35
C ASN C 402 45.53 43.49 -59.23
N ILE C 403 46.77 43.41 -58.74
CA ILE C 403 47.92 43.84 -59.52
C ILE C 403 48.19 42.86 -60.65
N LEU C 415 45.37 49.73 -51.86
CA LEU C 415 44.25 48.82 -51.58
C LEU C 415 44.75 47.58 -50.86
N GLU C 416 46.04 47.30 -50.97
CA GLU C 416 46.63 46.13 -50.34
C GLU C 416 46.96 46.35 -48.87
N GLU C 417 46.78 47.57 -48.36
CA GLU C 417 47.03 47.83 -46.94
C GLU C 417 46.05 47.06 -46.06
N VAL C 418 44.77 47.00 -46.47
CA VAL C 418 43.78 46.29 -45.68
C VAL C 418 44.06 44.80 -45.66
N GLU C 419 44.57 44.25 -46.77
CA GLU C 419 44.98 42.84 -46.77
C GLU C 419 46.09 42.60 -45.77
N SER C 420 47.05 43.52 -45.69
CA SER C 420 48.14 43.45 -44.72
C SER C 420 47.67 43.67 -43.30
N LEU C 421 46.37 43.81 -43.07
CA LEU C 421 45.79 43.89 -41.74
C LEU C 421 45.05 42.63 -41.32
N LYS C 422 44.38 41.95 -42.24
CA LYS C 422 43.72 40.69 -41.91
C LYS C 422 44.63 39.50 -42.16
N ASN C 423 45.89 39.62 -41.71
CA ASN C 423 46.79 38.49 -41.61
C ASN C 423 47.63 38.48 -40.34
N GLU C 424 47.88 39.63 -39.72
CA GLU C 424 48.67 39.72 -38.49
C GLU C 424 47.87 40.21 -37.30
N LEU C 425 46.74 40.88 -37.54
CA LEU C 425 45.83 41.22 -36.45
C LEU C 425 45.32 39.97 -35.77
N ILE C 426 45.21 38.86 -36.51
CA ILE C 426 44.84 37.59 -35.91
C ILE C 426 45.90 37.16 -34.90
N SER C 427 47.17 37.18 -35.29
CA SER C 427 48.23 36.76 -34.38
C SER C 427 48.31 37.69 -33.18
N GLU C 428 48.02 38.98 -33.40
CA GLU C 428 47.91 39.90 -32.28
C GLU C 428 46.75 39.53 -31.37
N LEU C 429 45.65 39.04 -31.95
CA LEU C 429 44.47 38.75 -31.15
C LEU C 429 44.72 37.62 -30.16
N GLN C 430 45.29 36.51 -30.63
CA GLN C 430 45.65 35.42 -29.72
C GLN C 430 47.02 35.60 -29.06
N ALA C 431 47.68 36.73 -29.30
CA ALA C 431 48.90 37.04 -28.55
C ALA C 431 48.60 37.14 -27.06
N GLN C 432 47.50 37.81 -26.70
CA GLN C 432 47.04 37.83 -25.32
C GLN C 432 45.94 36.82 -25.03
N LEU C 433 45.20 36.37 -26.05
CA LEU C 433 44.18 35.36 -25.82
C LEU C 433 44.79 34.03 -25.38
N LYS C 434 45.97 33.71 -25.87
CA LYS C 434 46.70 32.55 -25.34
C LYS C 434 47.04 32.76 -23.88
N GLN C 435 47.40 33.99 -23.50
CA GLN C 435 47.70 34.28 -22.11
C GLN C 435 46.47 34.11 -21.22
N ILE C 436 45.26 34.27 -21.78
CA ILE C 436 44.05 34.01 -21.01
C ILE C 436 43.99 32.54 -20.62
N ARG C 437 44.38 31.65 -21.54
CA ARG C 437 44.56 30.25 -21.17
C ARG C 437 45.65 30.12 -20.10
N LYS C 438 46.75 30.85 -20.25
CA LYS C 438 47.78 30.85 -19.22
C LYS C 438 47.30 31.51 -17.94
N ALA C 439 46.31 32.41 -18.04
CA ALA C 439 45.78 33.06 -16.84
C ALA C 439 45.13 32.05 -15.90
N HIS C 440 44.26 31.20 -16.44
CA HIS C 440 43.58 30.21 -15.61
C HIS C 440 44.46 29.01 -15.30
N SER C 441 45.58 28.86 -16.00
CA SER C 441 46.53 27.80 -15.68
C SER C 441 47.31 28.11 -14.40
N HIS C 442 47.42 29.38 -14.03
CA HIS C 442 48.15 29.77 -12.84
C HIS C 442 47.31 29.72 -11.57
N MET C 443 45.98 29.66 -11.69
CA MET C 443 45.10 29.62 -10.53
C MET C 443 44.39 28.29 -10.36
N VAL C 444 44.29 27.48 -11.40
CA VAL C 444 43.70 26.14 -11.24
C VAL C 444 44.57 25.30 -10.30
N LYS C 445 45.89 25.40 -10.43
CA LYS C 445 46.81 24.73 -9.53
C LYS C 445 47.02 25.50 -8.24
N ALA C 446 46.67 26.80 -8.22
CA ALA C 446 46.90 27.61 -7.03
C ALA C 446 45.92 27.26 -5.92
N TYR C 447 44.64 27.12 -6.27
CA TYR C 447 43.61 26.94 -5.25
C TYR C 447 43.79 25.63 -4.49
N GLU C 448 44.12 24.55 -5.22
CA GLU C 448 44.33 23.27 -4.57
C GLU C 448 45.49 23.34 -3.58
N GLY C 449 46.56 24.06 -3.94
CA GLY C 449 47.60 24.33 -2.97
C GLY C 449 47.11 25.26 -1.86
N LYS C 450 46.30 26.25 -2.22
CA LYS C 450 45.73 27.14 -1.22
C LYS C 450 44.81 26.37 -0.26
N LEU C 451 44.04 25.43 -0.79
CA LEU C 451 43.22 24.56 0.06
C LEU C 451 44.08 23.61 0.90
N SER C 452 45.30 23.33 0.46
CA SER C 452 46.14 22.35 1.16
C SER C 452 46.61 22.87 2.51
N GLU C 453 46.92 24.16 2.61
CA GLU C 453 47.48 24.71 3.85
C GLU C 453 46.46 24.81 4.97
N PHE C 454 45.18 24.59 4.68
CA PHE C 454 44.15 24.68 5.72
C PHE C 454 44.09 23.43 6.60
N VAL C 455 44.73 22.35 6.18
CA VAL C 455 44.61 21.09 6.90
C VAL C 455 45.66 20.94 8.00
N ILE C 456 46.87 21.46 7.78
CA ILE C 456 47.98 21.25 8.70
C ILE C 456 47.88 21.99 10.03
N PRO C 457 47.26 23.19 10.14
CA PRO C 457 47.24 23.85 11.45
C PRO C 457 46.50 23.05 12.51
N VAL C 458 45.45 22.32 12.14
CA VAL C 458 44.78 21.46 13.12
C VAL C 458 45.50 20.14 13.29
N GLU C 459 46.34 19.76 12.32
CA GLU C 459 47.22 18.57 12.38
C GLU C 459 46.50 17.31 12.84
N GLU C 460 45.18 17.23 12.65
CA GLU C 460 44.44 16.02 13.02
C GLU C 460 43.69 15.44 11.82
N LEU C 461 44.15 15.75 10.61
CA LEU C 461 43.60 15.20 9.38
C LEU C 461 44.74 14.73 8.49
N GLY C 462 44.44 13.81 7.58
CA GLY C 462 45.46 13.28 6.69
C GLY C 462 45.18 13.52 5.22
N PHE C 463 46.25 13.64 4.43
CA PHE C 463 46.11 13.76 2.98
C PHE C 463 45.76 12.44 2.31
N ASP C 464 46.07 11.31 2.95
CA ASP C 464 45.67 10.02 2.37
C ASP C 464 44.16 9.85 2.29
N PRO C 465 43.34 10.15 3.35
CA PRO C 465 41.88 10.01 3.25
C PRO C 465 41.20 11.12 2.46
N LEU C 466 41.71 11.39 1.25
CA LEU C 466 41.06 12.30 0.32
C LEU C 466 41.54 11.98 -1.09
N VAL C 467 40.65 12.17 -2.06
CA VAL C 467 40.98 11.87 -3.45
C VAL C 467 41.99 12.89 -3.96
N PRO C 468 42.89 12.51 -4.87
CA PRO C 468 43.84 13.49 -5.42
C PRO C 468 43.12 14.57 -6.21
N THR C 469 43.77 15.72 -6.30
CA THR C 469 43.24 16.85 -7.06
C THR C 469 43.97 16.99 -8.39
N ASN C 470 43.24 17.45 -9.40
CA ASN C 470 43.81 17.70 -10.72
C ASN C 470 44.44 19.08 -10.70
N THR C 471 45.77 19.12 -10.71
CA THR C 471 46.53 20.35 -10.56
C THR C 471 47.54 20.50 -11.69
N ASP C 472 47.11 20.15 -12.91
CA ASP C 472 47.91 20.16 -14.14
C ASP C 472 49.43 20.25 -13.98
N LYS D 246 -83.38 -29.25 91.78
CA LYS D 246 -83.18 -30.41 90.93
C LYS D 246 -83.88 -30.24 89.59
N ALA D 247 -85.16 -29.88 89.64
CA ALA D 247 -85.92 -29.65 88.41
C ALA D 247 -85.34 -28.48 87.62
N HIS D 248 -85.00 -27.39 88.32
CA HIS D 248 -84.37 -26.25 87.65
C HIS D 248 -82.98 -26.61 87.13
N LYS D 249 -82.21 -27.37 87.90
CA LYS D 249 -80.88 -27.76 87.47
C LYS D 249 -80.94 -28.61 86.20
N GLU D 250 -81.90 -29.54 86.13
CA GLU D 250 -82.07 -30.35 84.94
C GLU D 250 -82.47 -29.48 83.74
N LYS D 251 -83.36 -28.52 83.98
CA LYS D 251 -83.78 -27.62 82.89
C LYS D 251 -82.62 -26.77 82.40
N ILE D 252 -81.80 -26.25 83.33
CA ILE D 252 -80.67 -25.41 82.95
C ILE D 252 -79.66 -26.21 82.13
N ALA D 253 -79.38 -27.45 82.56
CA ALA D 253 -78.49 -28.31 81.79
C ALA D 253 -79.06 -28.62 80.42
N GLN D 254 -80.38 -28.85 80.34
CA GLN D 254 -81.02 -29.07 79.05
C GLN D 254 -80.93 -27.83 78.17
N ILE D 255 -81.12 -26.65 78.76
CA ILE D 255 -80.96 -25.41 77.99
C ILE D 255 -79.52 -25.25 77.52
N TYR D 256 -78.56 -25.50 78.40
CA TYR D 256 -77.15 -25.36 78.03
C TYR D 256 -76.77 -26.33 76.93
N ALA D 257 -77.29 -27.56 76.99
CA ALA D 257 -77.03 -28.53 75.92
C ALA D 257 -77.62 -28.05 74.60
N ASN D 258 -78.81 -27.46 74.63
CA ASN D 258 -79.42 -26.96 73.41
C ASN D 258 -78.72 -25.71 72.90
N ILE D 259 -78.12 -24.93 73.80
CA ILE D 259 -77.42 -23.71 73.39
C ILE D 259 -76.23 -24.04 72.51
N GLN D 260 -75.47 -25.07 72.88
CA GLN D 260 -74.22 -25.39 72.19
C GLN D 260 -74.49 -26.06 70.84
N LEU D 261 -75.21 -25.37 69.96
CA LEU D 261 -75.51 -25.88 68.62
C LEU D 261 -75.42 -24.80 67.54
N ASN D 262 -74.95 -23.61 67.87
CA ASN D 262 -74.93 -22.50 66.92
C ASN D 262 -73.63 -21.73 67.08
N THR D 263 -73.60 -20.52 66.52
CA THR D 263 -72.45 -19.62 66.50
C THR D 263 -71.30 -20.18 65.68
N LYS D 264 -71.49 -21.36 65.07
CA LYS D 264 -70.50 -21.89 64.15
C LYS D 264 -70.77 -21.42 62.73
N ASN D 265 -72.04 -21.46 62.31
CA ASN D 265 -72.41 -20.93 61.00
C ASN D 265 -72.20 -19.42 60.93
N VAL D 266 -72.46 -18.73 62.05
CA VAL D 266 -72.26 -17.29 62.09
C VAL D 266 -70.79 -16.95 61.90
N ALA D 267 -69.91 -17.71 62.55
CA ALA D 267 -68.47 -17.46 62.42
C ALA D 267 -68.01 -17.69 60.99
N ASP D 268 -68.63 -18.63 60.28
CA ASP D 268 -68.26 -18.87 58.89
C ASP D 268 -68.62 -17.69 57.99
N ASN D 269 -69.61 -16.89 58.39
CA ASN D 269 -70.02 -15.75 57.56
C ASN D 269 -68.89 -14.75 57.40
N GLN D 270 -68.25 -14.36 58.51
CA GLN D 270 -67.14 -13.42 58.42
C GLN D 270 -65.98 -14.02 57.64
N ALA D 271 -65.66 -15.30 57.90
CA ALA D 271 -64.55 -15.94 57.20
C ALA D 271 -64.84 -16.03 55.70
N LYS D 272 -66.06 -16.41 55.33
CA LYS D 272 -66.41 -16.46 53.92
C LYS D 272 -66.40 -15.07 53.30
N ASN D 273 -66.95 -14.08 53.99
CA ASN D 273 -66.96 -12.72 53.45
C ASN D 273 -65.55 -12.15 53.34
N GLU D 274 -64.72 -12.36 54.36
CA GLU D 274 -63.36 -11.84 54.33
C GLU D 274 -62.55 -12.45 53.19
N GLN D 275 -62.71 -13.76 52.97
CA GLN D 275 -62.02 -14.41 51.86
C GLN D 275 -62.52 -13.87 50.52
N LEU D 276 -63.82 -13.63 50.40
CA LEU D 276 -64.40 -13.12 49.17
C LEU D 276 -64.38 -11.59 49.07
N LYS D 277 -63.96 -10.90 50.14
CA LYS D 277 -63.85 -9.44 50.08
C LYS D 277 -62.75 -9.01 49.13
N GLU D 278 -61.61 -9.72 49.13
CA GLU D 278 -60.50 -9.35 48.27
C GLU D 278 -60.85 -9.40 46.78
N PRO D 279 -61.52 -10.45 46.26
CA PRO D 279 -61.89 -10.41 44.84
C PRO D 279 -62.80 -9.25 44.47
N LEU D 280 -63.51 -8.67 45.44
CA LEU D 280 -64.31 -7.48 45.15
C LEU D 280 -63.40 -6.28 44.85
N ALA D 281 -62.41 -6.04 45.72
CA ALA D 281 -61.55 -4.88 45.54
C ALA D 281 -60.50 -5.12 44.46
N LYS D 282 -59.96 -6.33 44.39
CA LYS D 282 -58.94 -6.63 43.38
C LYS D 282 -59.50 -6.51 41.97
N HIS D 283 -60.72 -7.01 41.75
CA HIS D 283 -61.38 -6.80 40.47
C HIS D 283 -61.70 -5.33 40.27
N ARG D 284 -62.04 -4.61 41.35
CA ARG D 284 -62.40 -3.19 41.22
C ARG D 284 -61.26 -2.38 40.63
N GLU D 285 -60.02 -2.64 41.07
CA GLU D 285 -58.87 -2.02 40.44
C GLU D 285 -58.77 -2.42 38.97
N ILE D 286 -59.04 -3.70 38.67
CA ILE D 286 -59.08 -4.15 37.29
C ILE D 286 -60.33 -3.63 36.59
N ARG D 287 -61.43 -3.49 37.34
CA ARG D 287 -62.69 -3.05 36.72
C ARG D 287 -62.57 -1.65 36.12
N ASN D 288 -61.93 -0.74 36.85
CA ASN D 288 -61.63 0.56 36.27
C ASN D 288 -60.73 0.40 35.04
N LYS D 289 -59.85 -0.61 35.07
CA LYS D 289 -58.94 -0.84 33.96
C LYS D 289 -59.59 -1.62 32.84
N LEU D 290 -60.68 -2.35 33.15
CA LEU D 290 -61.04 -3.57 32.43
C LEU D 290 -60.79 -3.51 30.93
N LYS D 291 -59.94 -4.43 30.46
CA LYS D 291 -59.62 -4.60 29.05
C LYS D 291 -59.26 -6.08 28.86
N GLU D 292 -58.68 -6.42 27.72
CA GLU D 292 -58.64 -7.83 27.32
C GLU D 292 -57.23 -8.36 27.05
N ASP D 293 -57.16 -9.53 26.42
CA ASP D 293 -55.96 -10.37 26.40
C ASP D 293 -54.83 -9.79 25.57
N LEU D 294 -54.00 -8.96 26.19
CA LEU D 294 -52.78 -8.44 25.55
C LEU D 294 -51.55 -9.00 26.27
N LYS D 295 -50.92 -9.98 25.63
CA LYS D 295 -49.89 -10.78 26.25
C LYS D 295 -48.53 -10.65 25.55
N GLN D 296 -48.49 -10.07 24.36
CA GLN D 296 -47.26 -9.96 23.57
C GLN D 296 -46.80 -8.52 23.42
N PHE D 297 -46.90 -7.72 24.49
CA PHE D 297 -46.58 -6.30 24.39
C PHE D 297 -45.08 -6.07 24.23
N ALA D 298 -44.24 -6.94 24.81
CA ALA D 298 -42.80 -6.78 24.69
C ALA D 298 -42.36 -6.88 23.23
N LYS D 299 -42.88 -7.86 22.50
CA LYS D 299 -42.57 -8.01 21.09
C LYS D 299 -43.30 -6.99 20.23
N HIS D 300 -44.52 -6.61 20.61
CA HIS D 300 -45.27 -5.64 19.83
C HIS D 300 -44.62 -4.26 19.89
N LYS D 301 -44.06 -3.90 21.04
CA LYS D 301 -43.35 -2.62 21.15
C LYS D 301 -42.07 -2.62 20.33
N MET D 302 -41.34 -3.75 20.34
CA MET D 302 -40.10 -3.83 19.57
C MET D 302 -40.37 -3.70 18.08
N SER D 303 -41.46 -4.30 17.60
CA SER D 303 -41.81 -4.19 16.19
C SER D 303 -42.11 -2.74 15.81
N LEU D 304 -42.59 -1.94 16.75
CA LEU D 304 -42.74 -0.52 16.49
C LEU D 304 -41.38 0.16 16.36
N GLN D 305 -40.45 -0.17 17.27
CA GLN D 305 -39.17 0.54 17.31
C GLN D 305 -38.33 0.28 16.06
N ASN D 306 -38.29 -0.98 15.59
CA ASN D 306 -37.36 -1.32 14.52
C ASN D 306 -37.77 -0.73 13.18
N LEU D 307 -39.07 -0.63 12.89
CA LEU D 307 -39.48 0.12 11.70
C LEU D 307 -39.18 1.60 11.86
N LYS D 308 -39.25 2.13 13.08
CA LYS D 308 -38.89 3.53 13.30
C LYS D 308 -37.43 3.78 12.96
N SER D 309 -36.54 2.87 13.35
CA SER D 309 -35.13 3.05 13.05
C SER D 309 -34.82 2.74 11.58
N LYS D 310 -35.49 1.75 11.01
CA LYS D 310 -35.20 1.38 9.63
C LYS D 310 -35.57 2.50 8.67
N ALA D 311 -36.68 3.19 8.93
CA ALA D 311 -37.04 4.33 8.09
C ALA D 311 -36.02 5.45 8.20
N ILE D 312 -35.58 5.76 9.43
CA ILE D 312 -34.71 6.91 9.62
C ILE D 312 -33.31 6.66 9.08
N THR D 313 -32.82 5.42 9.12
CA THR D 313 -31.51 5.13 8.56
C THR D 313 -31.50 5.30 7.05
N LEU D 314 -32.53 4.80 6.37
CA LEU D 314 -32.67 5.02 4.94
C LEU D 314 -33.14 6.43 4.61
N LYS D 315 -33.64 7.18 5.60
CA LYS D 315 -34.02 8.56 5.36
C LYS D 315 -32.80 9.41 5.03
N ASP D 316 -31.72 9.24 5.78
CA ASP D 316 -30.46 9.94 5.50
C ASP D 316 -29.58 9.07 4.61
N LYS D 317 -30.18 8.61 3.51
CA LYS D 317 -29.45 7.86 2.49
C LYS D 317 -29.75 8.32 1.07
N ILE D 318 -30.88 9.02 0.83
CA ILE D 318 -31.13 9.61 -0.48
C ILE D 318 -30.12 10.71 -0.76
N THR D 319 -29.72 11.46 0.27
CA THR D 319 -28.83 12.60 0.07
C THR D 319 -27.47 12.16 -0.48
N LYS D 320 -26.96 11.01 -0.02
CA LYS D 320 -25.67 10.55 -0.50
C LYS D 320 -25.73 10.09 -1.95
N LEU D 321 -26.81 9.41 -2.33
CA LEU D 321 -26.91 8.91 -3.70
C LEU D 321 -27.24 10.03 -4.68
N GLU D 322 -27.99 11.04 -4.23
CA GLU D 322 -28.29 12.16 -5.11
C GLU D 322 -27.08 13.08 -5.27
N ARG D 323 -26.31 13.26 -4.19
CA ARG D 323 -25.09 14.05 -4.30
C ARG D 323 -24.07 13.38 -5.20
N ASP D 324 -23.90 12.07 -5.05
CA ASP D 324 -23.00 11.33 -5.93
C ASP D 324 -23.55 11.27 -7.35
N GLY D 325 -24.87 11.21 -7.49
CA GLY D 325 -25.46 11.25 -8.81
C GLY D 325 -25.27 12.59 -9.49
N LYS D 326 -25.49 13.68 -8.74
CA LYS D 326 -25.43 15.01 -9.32
C LYS D 326 -24.00 15.40 -9.66
N ASP D 327 -23.07 15.23 -8.72
CA ASP D 327 -21.71 15.71 -8.93
C ASP D 327 -21.00 14.92 -10.02
N LEU D 328 -21.25 13.61 -10.10
CA LEU D 328 -20.69 12.81 -11.18
C LEU D 328 -21.28 13.21 -12.53
N ASP D 329 -22.56 13.58 -12.54
CA ASP D 329 -23.19 13.98 -13.80
C ASP D 329 -22.82 15.41 -14.18
N GLU D 330 -22.65 16.30 -13.20
CA GLU D 330 -22.27 17.67 -13.52
C GLU D 330 -20.84 17.74 -14.03
N LYS D 331 -19.97 16.83 -13.56
CA LYS D 331 -18.64 16.74 -14.13
C LYS D 331 -18.61 15.93 -15.41
N TYR D 332 -19.62 15.09 -15.65
CA TYR D 332 -19.68 14.37 -16.92
C TYR D 332 -20.06 15.32 -18.06
N GLU D 333 -20.93 16.29 -17.80
CA GLU D 333 -21.23 17.29 -18.82
C GLU D 333 -20.06 18.25 -18.99
N LYS D 334 -19.17 18.32 -17.99
CA LYS D 334 -17.93 19.06 -18.17
C LYS D 334 -17.03 18.37 -19.19
N VAL D 335 -17.10 17.05 -19.27
CA VAL D 335 -16.32 16.31 -20.26
C VAL D 335 -16.80 16.64 -21.67
N VAL D 336 -18.11 16.76 -21.86
CA VAL D 336 -18.67 16.97 -23.20
C VAL D 336 -18.18 18.29 -23.78
N ARG D 337 -18.23 19.36 -22.97
CA ARG D 337 -17.81 20.67 -23.47
C ARG D 337 -16.32 20.73 -23.73
N GLU D 338 -15.51 20.23 -22.78
CA GLU D 338 -14.06 20.34 -22.92
C GLU D 338 -13.53 19.46 -24.03
N LYS D 339 -14.07 18.24 -24.17
CA LYS D 339 -13.66 17.37 -25.27
C LYS D 339 -14.09 17.94 -26.61
N GLN D 340 -15.29 18.54 -26.67
CA GLN D 340 -15.72 19.23 -27.87
C GLN D 340 -14.78 20.39 -28.19
N GLU D 341 -14.39 21.14 -27.16
CA GLU D 341 -13.43 22.22 -27.35
C GLU D 341 -12.04 21.68 -27.67
N LEU D 342 -11.63 20.60 -26.99
CA LEU D 342 -10.30 20.05 -27.22
C LEU D 342 -10.16 19.50 -28.63
N GLU D 343 -11.18 18.79 -29.13
CA GLU D 343 -11.13 18.29 -30.50
C GLU D 343 -11.22 19.42 -31.51
N LYS D 344 -12.05 20.43 -31.25
CA LYS D 344 -12.14 21.57 -32.14
C LYS D 344 -10.95 22.52 -32.01
N LYS D 345 -10.10 22.32 -31.02
CA LYS D 345 -8.87 23.09 -30.88
C LYS D 345 -7.63 22.26 -31.19
N PHE D 346 -7.78 21.10 -31.83
CA PHE D 346 -6.63 20.31 -32.24
C PHE D 346 -5.95 20.89 -33.48
N GLU D 347 -6.61 21.81 -34.18
CA GLU D 347 -6.06 22.40 -35.39
C GLU D 347 -5.63 23.86 -35.20
N ASP D 348 -6.32 24.62 -34.35
CA ASP D 348 -6.01 26.03 -34.19
C ASP D 348 -4.75 26.25 -33.37
N ILE D 349 -4.50 25.40 -32.36
CA ILE D 349 -3.38 25.61 -31.45
C ILE D 349 -2.05 25.55 -32.19
N THR D 350 -1.94 24.66 -33.18
CA THR D 350 -0.67 24.49 -33.89
C THR D 350 -0.24 25.77 -34.59
N GLN D 351 -1.20 26.56 -35.10
CA GLN D 351 -0.84 27.78 -35.80
C GLN D 351 -0.09 28.75 -34.89
N GLU D 352 -0.60 28.98 -33.68
CA GLU D 352 0.11 29.84 -32.75
C GLU D 352 1.37 29.15 -32.21
N VAL D 353 1.30 27.82 -32.04
CA VAL D 353 2.46 27.09 -31.55
C VAL D 353 3.63 27.21 -32.52
N LYS D 354 3.33 27.07 -33.82
CA LYS D 354 4.39 27.23 -34.83
C LYS D 354 4.89 28.67 -34.88
N LYS D 355 3.99 29.65 -34.78
CA LYS D 355 4.39 31.05 -34.91
C LYS D 355 5.35 31.47 -33.81
N ASN D 356 5.08 31.04 -32.57
CA ASN D 356 6.00 31.35 -31.47
C ASN D 356 7.37 30.74 -31.71
N ALA D 357 7.43 29.52 -32.24
CA ALA D 357 8.70 28.86 -32.49
C ALA D 357 9.41 29.41 -33.72
N ASP D 358 8.67 29.89 -34.72
CA ASP D 358 9.24 30.21 -36.02
C ASP D 358 9.70 31.66 -36.14
N LEU D 359 9.53 32.48 -35.11
CA LEU D 359 10.06 33.84 -35.18
C LEU D 359 11.58 33.87 -35.18
N ASN D 360 12.22 32.84 -34.63
CA ASN D 360 13.67 32.66 -34.71
C ASN D 360 14.09 32.14 -36.08
N ASN D 361 13.26 31.30 -36.69
CA ASN D 361 13.69 30.54 -37.87
C ASN D 361 13.80 31.46 -39.08
N ASN D 362 12.80 32.30 -39.31
CA ASN D 362 12.78 33.13 -40.51
C ASN D 362 13.73 34.31 -40.39
N VAL D 363 13.93 34.83 -39.18
CA VAL D 363 14.81 35.98 -39.00
C VAL D 363 16.26 35.57 -39.23
N LEU D 364 16.56 34.28 -39.10
CA LEU D 364 17.92 33.82 -39.37
C LEU D 364 18.09 33.36 -40.82
N SER D 365 17.09 32.65 -41.35
CA SER D 365 17.21 32.11 -42.71
C SER D 365 17.26 33.23 -43.75
N ASN D 366 16.54 34.33 -43.51
CA ASN D 366 16.58 35.44 -44.46
C ASN D 366 17.95 36.12 -44.48
N ARG D 367 18.67 36.10 -43.35
CA ARG D 367 20.07 36.52 -43.38
C ARG D 367 20.91 35.57 -44.19
N LEU D 368 20.66 34.26 -44.07
CA LEU D 368 21.36 33.29 -44.90
C LEU D 368 21.12 33.56 -46.38
N GLN D 369 19.88 33.86 -46.75
CA GLN D 369 19.60 34.30 -48.12
C GLN D 369 20.32 35.60 -48.42
N ILE D 370 20.34 36.53 -47.46
CA ILE D 370 21.06 37.79 -47.65
C ILE D 370 22.56 37.53 -47.74
N LEU D 371 23.10 36.75 -46.79
CA LEU D 371 24.55 36.57 -46.72
C LEU D 371 25.05 35.60 -47.78
N LEU D 372 24.16 34.85 -48.42
CA LEU D 372 24.56 34.03 -49.56
C LEU D 372 24.73 34.89 -50.81
N LYS D 373 23.99 35.99 -50.91
CA LYS D 373 23.94 36.76 -52.15
C LYS D 373 25.29 37.36 -52.50
N GLU D 374 25.93 38.02 -51.52
CA GLU D 374 27.22 38.65 -51.80
C GLU D 374 28.33 37.62 -51.93
N TYR D 375 28.12 36.42 -51.39
CA TYR D 375 29.05 35.33 -51.61
C TYR D 375 29.17 35.02 -53.10
N ASN D 376 28.03 34.95 -53.79
CA ASN D 376 28.05 34.68 -55.23
C ASN D 376 28.58 35.88 -56.01
N ASN D 377 28.10 37.08 -55.70
CA ASN D 377 28.33 38.22 -56.57
C ASN D 377 29.79 38.68 -56.60
N LYS D 378 30.50 38.66 -55.46
CA LYS D 378 31.92 39.02 -55.49
C LYS D 378 32.81 37.82 -55.75
N GLU D 379 32.25 36.65 -55.98
CA GLU D 379 33.01 35.59 -56.64
C GLU D 379 33.09 35.85 -58.13
N GLU D 380 32.11 36.56 -58.69
CA GLU D 380 32.14 36.93 -60.10
C GLU D 380 33.36 37.78 -60.42
N GLU D 381 33.76 38.66 -59.51
CA GLU D 381 34.98 39.44 -59.72
C GLU D 381 36.21 38.54 -59.84
N LEU D 382 36.27 37.47 -59.05
CA LEU D 382 37.36 36.51 -59.21
C LEU D 382 37.33 35.88 -60.60
N ARG D 383 36.14 35.50 -61.08
CA ARG D 383 36.02 35.02 -62.45
C ARG D 383 36.32 36.13 -63.44
N THR D 384 35.85 37.35 -63.16
CA THR D 384 36.10 38.46 -64.07
C THR D 384 37.57 38.89 -64.06
N ILE D 385 38.16 39.04 -62.87
CA ILE D 385 39.53 39.52 -62.80
C ILE D 385 40.51 38.47 -63.31
N ILE D 386 40.11 37.20 -63.29
CA ILE D 386 40.96 36.17 -63.89
C ILE D 386 40.73 36.06 -65.38
N ASP D 387 39.65 36.65 -65.90
CA ASP D 387 39.34 36.59 -67.33
C ASP D 387 39.96 37.76 -68.09
N ASN D 388 39.73 38.99 -67.63
CA ASN D 388 40.24 40.15 -68.36
C ASN D 388 41.74 40.31 -68.18
N ALA D 389 42.25 40.09 -66.97
CA ALA D 389 43.67 40.29 -66.72
C ALA D 389 44.49 39.08 -67.14
N GLY D 390 44.27 37.93 -66.50
CA GLY D 390 44.92 36.70 -66.88
C GLY D 390 46.44 36.74 -66.87
N LEU D 391 47.03 37.27 -65.80
CA LEU D 391 48.48 37.38 -65.73
C LEU D 391 49.14 36.01 -65.82
N ASP D 392 48.87 35.15 -64.83
CA ASP D 392 49.45 33.80 -64.80
C ASP D 392 48.55 32.90 -63.96
N HIS D 393 47.85 31.98 -64.64
CA HIS D 393 46.88 31.13 -63.95
C HIS D 393 47.57 30.18 -62.97
N ASN D 394 48.83 29.85 -63.22
CA ASN D 394 49.56 28.99 -62.29
C ASN D 394 49.70 29.65 -60.92
N LEU D 395 49.99 30.95 -60.88
CA LEU D 395 49.99 31.69 -59.63
C LEU D 395 48.58 31.99 -59.14
N HIS D 396 47.62 32.13 -60.05
CA HIS D 396 46.23 32.33 -59.64
C HIS D 396 45.71 31.12 -58.88
N GLU D 397 45.99 29.92 -59.38
CA GLU D 397 45.66 28.72 -58.61
C GLU D 397 46.56 28.59 -57.39
N GLN D 398 47.80 29.06 -57.50
CA GLN D 398 48.70 29.05 -56.35
C GLN D 398 48.18 29.95 -55.23
N LEU D 399 47.65 31.12 -55.59
CA LEU D 399 47.08 32.01 -54.59
C LEU D 399 45.72 31.50 -54.11
N LYS D 400 45.08 30.62 -54.89
CA LYS D 400 43.88 29.96 -54.40
C LYS D 400 44.23 28.86 -53.40
N GLN D 401 45.31 28.13 -53.67
CA GLN D 401 45.71 27.05 -52.76
C GLN D 401 46.25 27.60 -51.45
N ARG D 402 47.18 28.55 -51.51
CA ARG D 402 47.86 28.99 -50.30
C ARG D 402 46.92 29.77 -49.39
N VAL D 403 45.95 30.49 -49.97
CA VAL D 403 45.04 31.28 -49.16
C VAL D 403 44.09 30.37 -48.38
N GLN D 404 43.53 29.37 -49.05
CA GLN D 404 42.54 28.52 -48.39
C GLN D 404 43.17 27.71 -47.24
N GLN D 405 44.37 27.18 -47.45
CA GLN D 405 45.05 26.48 -46.36
C GLN D 405 45.38 27.43 -45.22
N SER D 406 45.88 28.62 -45.55
CA SER D 406 46.23 29.59 -44.52
C SER D 406 45.01 30.03 -43.72
N ILE D 407 43.89 30.28 -44.42
CA ILE D 407 42.67 30.71 -43.74
C ILE D 407 42.12 29.60 -42.86
N GLU D 408 42.05 28.37 -43.39
CA GLU D 408 41.49 27.27 -42.60
C GLU D 408 42.40 26.91 -41.43
N ALA D 409 43.71 26.80 -41.67
CA ALA D 409 44.63 26.36 -40.62
C ALA D 409 44.63 27.32 -39.45
N LYS D 410 44.64 28.63 -39.73
CA LYS D 410 44.68 29.62 -38.66
C LYS D 410 43.32 29.76 -37.97
N ASN D 411 42.23 29.49 -38.69
CA ASN D 411 40.90 29.68 -38.11
C ASN D 411 40.44 28.45 -37.34
N THR D 412 40.94 27.26 -37.70
CA THR D 412 40.69 26.09 -36.87
C THR D 412 41.51 26.14 -35.58
N LEU D 413 42.74 26.65 -35.67
CA LEU D 413 43.56 26.81 -34.47
C LEU D 413 42.90 27.76 -33.47
N ILE D 414 42.12 28.71 -33.96
CA ILE D 414 41.39 29.62 -33.08
C ILE D 414 40.40 28.83 -32.22
N LYS D 415 39.67 27.91 -32.85
CA LYS D 415 38.57 27.25 -32.15
C LYS D 415 39.07 26.35 -31.04
N ASN D 416 40.14 25.59 -31.29
CA ASN D 416 40.68 24.72 -30.25
C ASN D 416 41.22 25.51 -29.08
N LEU D 417 41.87 26.65 -29.36
CA LEU D 417 42.31 27.53 -28.27
C LEU D 417 41.12 28.06 -27.48
N LYS D 418 40.03 28.44 -28.18
CA LYS D 418 38.81 28.82 -27.49
C LYS D 418 38.23 27.62 -26.73
N TYR D 419 38.34 26.43 -27.31
CA TYR D 419 37.93 25.21 -26.62
C TYR D 419 38.76 25.01 -25.35
N SER D 420 40.00 25.49 -25.36
CA SER D 420 40.90 25.25 -24.22
C SER D 420 40.39 25.94 -22.97
N ILE D 421 40.07 27.23 -23.08
CA ILE D 421 39.61 27.99 -21.91
C ILE D 421 38.31 27.41 -21.37
N HIS D 422 37.42 26.98 -22.27
CA HIS D 422 36.15 26.41 -21.84
C HIS D 422 36.36 25.14 -21.04
N HIS D 423 37.30 24.29 -21.46
CA HIS D 423 37.63 23.11 -20.69
C HIS D 423 38.22 23.47 -19.34
N ALA D 424 39.14 24.45 -19.32
CA ALA D 424 39.79 24.84 -18.07
C ALA D 424 38.80 25.48 -17.11
N THR D 425 37.91 26.34 -17.63
CA THR D 425 36.95 27.03 -16.77
C THR D 425 35.99 26.04 -16.11
N LYS D 426 35.52 25.04 -16.86
CA LYS D 426 34.59 24.07 -16.30
C LYS D 426 35.21 23.32 -15.13
N ALA D 427 36.40 22.75 -15.34
CA ALA D 427 37.07 22.02 -14.27
C ALA D 427 37.39 22.96 -13.10
N TYR D 428 37.76 24.19 -13.41
CA TYR D 428 37.99 25.18 -12.36
C TYR D 428 36.72 25.47 -11.58
N ASN D 429 35.57 25.54 -12.27
CA ASN D 429 34.34 25.98 -11.65
C ASN D 429 33.50 24.83 -11.08
N ASP D 430 33.84 23.58 -11.38
CA ASP D 430 33.20 22.44 -10.72
C ASP D 430 34.00 21.87 -9.57
N ALA D 431 35.33 21.81 -9.69
CA ALA D 431 36.14 21.38 -8.56
C ALA D 431 35.98 22.32 -7.37
N ILE D 432 36.08 23.62 -7.61
CA ILE D 432 35.86 24.59 -6.53
C ILE D 432 34.44 24.50 -6.01
N ARG D 433 33.48 24.23 -6.90
CA ARG D 433 32.10 24.02 -6.46
C ARG D 433 31.97 22.78 -5.59
N VAL D 434 32.93 21.86 -5.66
CA VAL D 434 32.95 20.70 -4.77
C VAL D 434 34.09 20.76 -3.76
N TYR D 435 35.19 21.47 -4.04
CA TYR D 435 36.25 21.63 -3.05
C TYR D 435 35.91 22.65 -1.97
N GLU D 436 34.79 23.38 -2.10
CA GLU D 436 34.46 24.40 -1.11
C GLU D 436 34.19 23.78 0.26
N ALA D 437 33.79 22.51 0.29
CA ALA D 437 33.54 21.76 1.51
C ALA D 437 34.36 20.46 1.47
N LYS D 438 34.02 19.55 2.39
CA LYS D 438 34.72 18.27 2.61
C LYS D 438 36.06 18.53 3.29
N LEU D 439 36.38 19.79 3.52
CA LEU D 439 37.46 20.17 4.43
C LEU D 439 36.94 20.73 5.74
N VAL D 440 35.80 21.45 5.70
CA VAL D 440 35.11 21.87 6.92
C VAL D 440 34.28 20.75 7.51
N GLU D 441 34.05 19.66 6.77
CA GLU D 441 33.28 18.54 7.30
C GLU D 441 33.85 18.05 8.61
N PHE D 442 35.18 18.09 8.75
CA PHE D 442 35.82 18.01 10.05
C PHE D 442 36.19 19.41 10.50
N GLY D 443 36.18 19.62 11.81
CA GLY D 443 36.10 20.98 12.36
C GLY D 443 37.19 21.92 11.89
N ILE D 444 36.81 22.83 11.00
CA ILE D 444 37.66 23.89 10.43
C ILE D 444 36.80 25.12 10.27
N PRO D 445 37.29 26.32 10.62
CA PRO D 445 36.50 27.53 10.35
C PRO D 445 36.24 27.69 8.85
N ILE D 446 35.03 28.19 8.54
CA ILE D 446 34.60 28.29 7.15
C ILE D 446 35.32 29.44 6.47
N GLU D 447 35.77 29.21 5.24
CA GLU D 447 36.44 30.24 4.44
C GLU D 447 35.64 30.49 3.17
N GLU D 448 35.75 31.72 2.67
CA GLU D 448 34.98 32.17 1.50
C GLU D 448 35.93 32.50 0.37
N LEU D 449 35.65 31.97 -0.81
CA LEU D 449 36.41 32.28 -2.03
C LEU D 449 35.43 32.60 -3.16
N GLY D 450 35.86 33.46 -4.07
CA GLY D 450 35.01 33.87 -5.17
C GLY D 450 35.07 32.91 -6.35
N PHE D 451 33.92 32.71 -6.98
CA PHE D 451 33.78 31.83 -8.13
C PHE D 451 33.96 32.66 -9.41
N GLN D 452 33.65 32.05 -10.56
CA GLN D 452 33.74 32.70 -11.85
C GLN D 452 32.35 32.81 -12.49
N PRO D 453 32.03 33.95 -13.12
CA PRO D 453 30.67 34.13 -13.66
C PRO D 453 30.42 33.37 -14.95
N LEU D 454 30.09 32.08 -14.84
CA LEU D 454 29.67 31.28 -15.98
C LEU D 454 28.90 30.07 -15.44
N GLU D 455 28.18 29.39 -16.36
CA GLU D 455 27.21 28.36 -15.98
C GLU D 455 27.67 26.99 -16.51
N THR D 456 28.48 26.30 -15.71
CA THR D 456 28.83 24.90 -15.94
C THR D 456 28.61 24.19 -14.60
N ILE D 457 27.38 23.72 -14.37
CA ILE D 457 27.02 23.18 -13.06
C ILE D 457 26.22 21.88 -13.19
N THR D 458 26.89 20.75 -12.98
CA THR D 458 26.26 19.44 -12.94
C THR D 458 27.24 18.46 -12.30
N SER D 459 26.71 17.31 -11.86
CA SER D 459 27.46 16.33 -11.09
C SER D 459 28.43 15.59 -12.00
N SER D 460 29.72 15.82 -11.80
CA SER D 460 30.78 15.11 -12.51
C SER D 460 32.03 15.10 -11.66
N MET D 461 33.03 14.35 -12.12
CA MET D 461 34.32 14.30 -11.45
C MET D 461 35.39 14.90 -12.36
N PRO D 462 35.46 16.23 -12.48
CA PRO D 462 36.44 16.85 -13.38
C PRO D 462 37.79 17.11 -12.76
N ALA D 463 37.93 16.96 -11.44
CA ALA D 463 39.21 17.10 -10.77
C ALA D 463 39.19 16.16 -9.57
N GLY D 464 39.71 14.95 -9.75
CA GLY D 464 39.70 13.94 -8.71
C GLY D 464 40.43 12.68 -9.10
N ASN E 169 97.37 37.21 76.03
CA ASN E 169 98.05 38.36 75.43
C ASN E 169 97.50 38.64 74.04
N GLU E 170 98.36 39.15 73.15
CA GLU E 170 97.96 39.39 71.78
C GLU E 170 97.74 38.11 71.01
N ILE E 171 98.21 36.97 71.53
CA ILE E 171 97.97 35.70 70.87
C ILE E 171 96.48 35.37 70.86
N LYS E 172 95.76 35.75 71.92
CA LYS E 172 94.31 35.65 71.89
C LYS E 172 93.74 36.54 70.78
N LYS E 173 94.39 37.68 70.52
CA LYS E 173 93.96 38.52 69.40
C LYS E 173 94.33 37.89 68.07
N PHE E 174 95.43 37.14 68.01
CA PHE E 174 95.63 36.24 66.88
C PHE E 174 94.59 35.13 66.89
N GLN E 175 94.27 34.60 68.07
CA GLN E 175 93.14 33.68 68.20
C GLN E 175 91.85 34.34 67.75
N ASN E 176 91.62 35.58 68.19
CA ASN E 176 90.40 36.29 67.79
C ASN E 176 90.36 36.50 66.29
N GLU E 177 91.48 36.88 65.68
CA GLU E 177 91.44 37.16 64.26
C GLU E 177 91.53 35.91 63.40
N LYS E 178 92.02 34.79 63.94
CA LYS E 178 92.16 33.59 63.12
C LYS E 178 90.94 32.69 63.21
N LEU E 179 90.11 32.87 64.24
CA LEU E 179 88.91 32.05 64.35
C LEU E 179 87.89 32.39 63.26
N TYR E 180 87.68 33.69 62.99
CA TYR E 180 86.59 34.05 62.09
C TYR E 180 87.03 34.00 60.63
N LEU E 181 88.33 34.18 60.35
CA LEU E 181 88.78 34.01 58.98
C LEU E 181 88.51 32.60 58.48
N LEU E 182 88.79 31.60 59.31
CA LEU E 182 88.44 30.24 58.95
C LEU E 182 86.93 30.07 58.90
N GLN E 183 86.21 30.71 59.82
CA GLN E 183 84.75 30.68 59.79
C GLN E 183 84.21 31.36 58.54
N GLN E 184 84.75 32.54 58.21
CA GLN E 184 84.27 33.25 57.03
C GLN E 184 84.76 32.60 55.74
N ALA E 185 85.88 31.87 55.80
CA ALA E 185 86.31 31.10 54.64
C ALA E 185 85.40 29.89 54.42
N LEU E 186 84.99 29.24 55.51
CA LEU E 186 84.12 28.07 55.38
C LEU E 186 82.70 28.48 55.07
N ILE E 187 82.26 29.64 55.57
CA ILE E 187 80.86 30.04 55.41
C ILE E 187 80.56 30.34 53.94
N GLU E 188 81.57 30.84 53.20
CA GLU E 188 81.33 31.22 51.82
C GLU E 188 81.20 30.00 50.90
N ARG E 189 82.05 28.99 51.08
CA ARG E 189 82.10 27.91 50.11
C ARG E 189 80.95 26.93 50.32
N GLU E 190 80.48 26.75 51.55
CA GLU E 190 79.41 25.79 51.79
C GLU E 190 78.10 26.25 51.19
N LYS E 191 77.86 27.56 51.14
CA LYS E 191 76.76 28.07 50.31
C LYS E 191 77.12 28.02 48.84
N GLU E 192 78.40 28.26 48.52
CA GLU E 192 78.84 28.15 47.13
C GLU E 192 78.67 26.73 46.61
N VAL E 193 79.01 25.74 47.43
CA VAL E 193 78.93 24.34 47.00
C VAL E 193 77.49 23.99 46.64
N GLU E 194 76.53 24.40 47.47
CA GLU E 194 75.16 23.97 47.25
C GLU E 194 74.53 24.69 46.06
N ASP E 195 74.86 25.95 45.83
CA ASP E 195 74.20 26.70 44.77
C ASP E 195 74.58 26.17 43.39
N LYS E 196 75.85 25.78 43.19
CA LYS E 196 76.22 25.15 41.93
C LYS E 196 75.45 23.85 41.73
N SER E 197 75.32 23.05 42.79
CA SER E 197 74.49 21.86 42.71
C SER E 197 73.03 22.23 42.47
N GLN E 198 72.52 23.23 43.17
CA GLN E 198 71.13 23.66 42.97
C GLN E 198 70.91 24.14 41.54
N GLU E 199 71.87 24.88 41.00
CA GLU E 199 71.83 25.29 39.60
C GLU E 199 72.22 24.16 38.66
N ARG E 200 72.57 23.00 39.20
CA ARG E 200 72.75 21.77 38.43
C ARG E 200 71.58 20.82 38.56
N ILE E 201 70.95 20.76 39.73
CA ILE E 201 69.79 19.90 39.92
C ILE E 201 68.63 20.38 39.05
N GLU E 202 68.39 21.69 39.01
CA GLU E 202 67.27 22.22 38.25
C GLU E 202 67.43 21.96 36.76
N GLU E 203 68.68 21.97 36.27
CA GLU E 203 68.92 21.60 34.87
C GLU E 203 68.59 20.13 34.64
N ILE E 204 68.92 19.27 35.61
CA ILE E 204 68.56 17.86 35.50
C ILE E 204 67.06 17.70 35.48
N ARG E 205 66.35 18.42 36.34
CA ARG E 205 64.89 18.36 36.35
C ARG E 205 64.33 18.94 35.05
N GLN E 206 65.02 19.94 34.49
CA GLN E 206 64.56 20.54 33.24
C GLN E 206 64.59 19.54 32.10
N GLN E 207 65.72 18.84 31.92
CA GLN E 207 65.85 17.91 30.80
C GLN E 207 64.83 16.78 30.89
N LYS E 208 64.30 16.51 32.08
CA LYS E 208 63.27 15.50 32.22
C LYS E 208 61.87 16.05 31.96
N THR E 209 61.70 17.37 32.06
CA THR E 209 60.37 17.97 31.88
C THR E 209 59.84 17.74 30.47
N GLU E 210 60.69 17.95 29.46
CA GLU E 210 60.25 17.71 28.09
C GLU E 210 59.91 16.24 27.87
N HIS E 211 60.73 15.33 28.40
CA HIS E 211 60.50 13.92 28.16
C HIS E 211 59.23 13.42 28.84
N LYS E 212 58.98 13.83 30.07
CA LYS E 212 57.73 13.43 30.74
C LYS E 212 56.53 14.04 30.04
N ASN E 213 56.65 15.30 29.62
CA ASN E 213 55.54 15.94 28.93
C ASN E 213 55.34 15.36 27.54
N ARG E 214 56.43 15.04 26.84
CA ARG E 214 56.31 14.44 25.52
C ARG E 214 55.63 13.07 25.58
N GLN E 215 55.96 12.28 26.60
CA GLN E 215 55.33 10.97 26.75
C GLN E 215 53.84 11.12 27.01
N ILE E 216 53.44 12.09 27.83
CA ILE E 216 52.03 12.32 28.07
C ILE E 216 51.42 13.18 26.98
N ALA E 217 52.26 13.85 26.17
CA ALA E 217 51.74 14.66 25.07
C ALA E 217 50.96 13.80 24.09
N LYS E 218 51.46 12.58 23.82
CA LYS E 218 50.81 11.72 22.85
C LYS E 218 49.58 11.04 23.43
N ILE E 219 49.36 11.12 24.73
CA ILE E 219 48.20 10.45 25.31
C ILE E 219 46.96 11.34 25.19
N GLN E 220 47.14 12.66 25.10
CA GLN E 220 46.02 13.52 24.73
C GLN E 220 45.69 13.36 23.25
N ARG E 221 46.71 13.19 22.42
CA ARG E 221 46.46 12.86 21.02
C ARG E 221 45.77 11.52 20.89
N LYS E 222 46.18 10.55 21.71
CA LYS E 222 45.59 9.21 21.62
C LYS E 222 44.17 9.18 22.15
N LYS E 223 43.87 9.99 23.17
CA LYS E 223 42.55 9.92 23.79
C LYS E 223 41.45 10.35 22.82
N ILE E 224 41.69 11.38 22.02
CA ILE E 224 40.64 11.86 21.11
C ILE E 224 40.58 10.99 19.86
N LYS E 225 41.68 10.35 19.48
CA LYS E 225 41.65 9.44 18.34
C LYS E 225 40.70 8.27 18.60
N ILE E 226 40.49 7.94 19.87
CA ILE E 226 39.47 6.95 20.20
C ILE E 226 38.19 7.63 20.66
N ASP E 227 38.28 8.91 21.06
CA ASP E 227 37.07 9.65 21.41
C ASP E 227 36.25 9.95 20.16
N ARG E 228 36.93 10.19 19.04
CA ARG E 228 36.20 10.43 17.79
C ARG E 228 35.69 9.14 17.17
N LYS E 229 36.17 7.99 17.65
CA LYS E 229 35.66 6.72 17.13
C LYS E 229 34.55 6.17 18.01
N MET E 230 34.56 6.47 19.31
CA MET E 230 33.46 6.03 20.17
C MET E 230 32.17 6.79 19.86
N THR E 231 32.28 8.08 19.54
CA THR E 231 31.12 8.83 19.07
C THR E 231 30.65 8.29 17.72
N LYS E 232 31.60 7.98 16.83
CA LYS E 232 31.24 7.36 15.56
C LYS E 232 30.60 5.99 15.76
N SER E 233 31.17 5.19 16.67
CA SER E 233 30.57 3.90 16.99
C SER E 233 29.26 4.07 17.75
N ARG E 234 29.04 5.23 18.37
CA ARG E 234 27.76 5.50 19.00
C ARG E 234 26.69 5.85 17.97
N LYS E 235 27.08 6.54 16.90
CA LYS E 235 26.10 7.01 15.93
C LYS E 235 25.48 5.86 15.16
N MET E 236 26.22 4.76 14.97
CA MET E 236 25.74 3.65 14.16
C MET E 236 24.58 2.90 14.79
N GLN E 237 24.38 3.00 16.10
CA GLN E 237 23.18 2.43 16.70
C GLN E 237 21.92 3.15 16.25
N GLY E 238 22.05 4.35 15.70
CA GLY E 238 20.94 5.07 15.09
C GLY E 238 20.78 4.87 13.61
N LYS E 239 21.63 4.04 12.98
CA LYS E 239 21.57 3.75 11.55
C LYS E 239 21.47 2.24 11.37
N GLU E 240 20.24 1.75 11.23
CA GLU E 240 20.00 0.34 10.91
C GLU E 240 19.30 0.18 9.57
N THR E 241 19.25 1.23 8.75
CA THR E 241 18.62 1.15 7.44
C THR E 241 19.52 0.51 6.39
N LEU E 242 20.78 0.24 6.73
CA LEU E 242 21.69 -0.38 5.76
C LEU E 242 21.21 -1.76 5.34
N LYS E 243 20.67 -2.53 6.30
CA LYS E 243 20.15 -3.85 5.98
C LYS E 243 18.99 -3.77 5.01
N ARG E 244 18.09 -2.79 5.22
CA ARG E 244 16.95 -2.58 4.34
C ARG E 244 17.29 -1.65 3.18
N ASP E 245 18.51 -1.11 3.14
CA ASP E 245 19.00 -0.16 2.15
C ASP E 245 18.40 1.22 2.39
N ILE E 246 19.22 2.25 2.29
CA ILE E 246 18.79 3.61 2.61
C ILE E 246 17.98 4.18 1.45
N ILE E 247 16.93 4.92 1.76
CA ILE E 247 16.15 5.60 0.74
C ILE E 247 17.02 6.65 0.06
N GLU E 248 16.77 6.86 -1.23
CA GLU E 248 17.63 7.75 -2.01
C GLU E 248 17.53 9.21 -1.54
N ASP E 249 16.42 9.59 -0.92
CA ASP E 249 16.27 10.98 -0.49
C ASP E 249 17.31 11.36 0.54
N TYR E 250 17.55 10.48 1.51
CA TYR E 250 18.60 10.75 2.49
C TYR E 250 19.99 10.64 1.88
N ALA E 251 20.23 9.61 1.07
CA ALA E 251 21.58 9.36 0.54
C ALA E 251 22.08 10.53 -0.29
N ASN E 252 21.18 11.18 -1.02
CA ASN E 252 21.58 12.36 -1.80
C ASN E 252 22.08 13.47 -0.88
N PHE E 253 21.36 13.72 0.21
CA PHE E 253 21.68 14.88 1.05
C PHE E 253 22.57 14.51 2.23
N ALA E 254 22.57 13.24 2.65
CA ALA E 254 23.48 12.82 3.71
C ALA E 254 24.92 12.83 3.23
N SER E 255 25.18 12.23 2.06
CA SER E 255 26.51 12.23 1.47
C SER E 255 26.77 13.58 0.82
N ARG E 256 27.49 14.44 1.53
CA ARG E 256 27.74 15.82 1.10
C ARG E 256 26.41 16.51 0.79
N VAL E 257 26.36 17.32 -0.25
CA VAL E 257 25.14 18.07 -0.56
C VAL E 257 24.24 17.24 -1.50
N TYR E 258 24.74 16.89 -2.69
CA TYR E 258 24.05 15.92 -3.53
C TYR E 258 24.97 14.95 -4.24
N ALA E 259 26.29 15.14 -4.17
CA ALA E 259 27.25 14.30 -4.89
C ALA E 259 27.89 13.31 -3.93
N GLY E 260 27.67 12.02 -4.19
CA GLY E 260 28.35 11.00 -3.42
C GLY E 260 29.82 10.91 -3.77
N ILE E 261 30.62 10.50 -2.80
CA ILE E 261 32.06 10.33 -2.95
C ILE E 261 32.42 8.90 -2.56
N THR E 262 33.23 8.27 -3.41
CA THR E 262 33.59 6.88 -3.18
C THR E 262 34.52 6.73 -1.97
N HIS E 263 34.72 5.49 -1.56
CA HIS E 263 35.64 5.14 -0.49
C HIS E 263 36.40 3.90 -0.88
N GLU E 264 37.33 3.49 -0.02
CA GLU E 264 38.14 2.29 -0.22
C GLU E 264 38.22 1.48 1.07
N GLY E 265 37.07 1.24 1.69
CA GLY E 265 37.05 0.50 2.94
C GLY E 265 37.48 -0.95 2.78
N LEU E 266 36.99 -1.62 1.75
CA LEU E 266 37.30 -3.03 1.52
C LEU E 266 38.22 -3.25 0.34
N SER E 267 38.72 -2.18 -0.28
CA SER E 267 39.70 -2.26 -1.35
C SER E 267 39.17 -3.02 -2.56
N LEU E 268 39.04 -4.34 -2.43
CA LEU E 268 38.52 -5.15 -3.53
C LEU E 268 37.01 -5.01 -3.65
N ASP E 269 36.29 -4.98 -2.53
CA ASP E 269 34.83 -5.01 -2.53
C ASP E 269 34.22 -3.62 -2.42
N LYS E 270 34.93 -2.58 -2.88
CA LYS E 270 34.39 -1.23 -2.90
C LYS E 270 34.77 -0.53 -4.20
N ILE E 271 34.63 -1.23 -5.32
CA ILE E 271 34.84 -0.61 -6.61
C ILE E 271 33.71 0.38 -6.88
N ALA E 272 34.06 1.58 -7.29
CA ALA E 272 33.09 2.67 -7.40
C ALA E 272 32.40 2.62 -8.75
N ASN E 273 31.64 3.67 -9.05
CA ASN E 273 30.97 3.80 -10.34
C ASN E 273 32.01 4.00 -11.43
N LYS E 274 32.22 2.97 -12.24
CA LYS E 274 33.28 3.00 -13.27
C LYS E 274 33.05 4.14 -14.25
N TYR E 275 31.93 4.10 -14.98
CA TYR E 275 31.52 5.18 -15.87
C TYR E 275 32.58 5.42 -16.95
N GLU E 276 32.78 4.40 -17.79
CA GLU E 276 33.72 4.47 -18.90
C GLU E 276 32.99 5.02 -20.12
N VAL E 277 33.27 6.27 -20.47
CA VAL E 277 32.60 6.95 -21.57
C VAL E 277 33.63 7.71 -22.39
N GLN E 278 33.42 7.73 -23.70
CA GLN E 278 34.24 8.51 -24.63
C GLN E 278 33.33 9.39 -25.47
N PRO E 279 33.11 10.65 -25.07
CA PRO E 279 32.29 11.56 -25.87
C PRO E 279 32.67 11.59 -27.34
N LEU E 280 31.76 11.11 -28.20
CA LEU E 280 32.01 11.03 -29.63
C LEU E 280 31.12 11.94 -30.46
N ALA E 281 30.08 12.51 -29.86
CA ALA E 281 29.14 13.39 -30.56
C ALA E 281 29.76 14.71 -31.00
N LEU E 282 31.05 14.94 -30.80
CA LEU E 282 31.70 16.15 -31.31
C LEU E 282 32.27 15.96 -32.71
N GLY E 283 32.16 14.76 -33.28
CA GLY E 283 32.72 14.49 -34.59
C GLY E 283 31.67 14.22 -35.66
N ASN E 284 30.47 13.79 -35.25
CA ASN E 284 29.43 13.45 -36.21
C ASN E 284 28.89 14.69 -36.91
N TYR E 285 28.87 15.82 -36.24
CA TYR E 285 28.45 17.09 -36.83
C TYR E 285 29.68 17.92 -37.11
N GLU E 286 29.88 18.30 -38.37
CA GLU E 286 31.11 18.93 -38.81
C GLU E 286 30.85 20.36 -39.30
N MET E 287 31.93 21.06 -39.57
CA MET E 287 31.90 22.49 -39.85
C MET E 287 31.56 22.81 -41.30
N LEU E 288 31.63 21.83 -42.21
CA LEU E 288 31.40 22.11 -43.62
C LEU E 288 29.91 22.31 -43.88
N GLN E 289 29.59 23.27 -44.76
CA GLN E 289 28.21 23.72 -44.92
C GLN E 289 27.31 22.60 -45.46
N ALA E 290 27.78 21.90 -46.49
CA ALA E 290 26.91 20.97 -47.20
C ALA E 290 26.45 19.82 -46.31
N LEU E 291 27.35 19.29 -45.48
CA LEU E 291 27.05 18.06 -44.76
C LEU E 291 25.98 18.25 -43.70
N HIS E 292 26.09 19.31 -42.90
CA HIS E 292 25.19 19.42 -41.75
C HIS E 292 23.85 20.03 -42.11
N GLU E 293 23.73 20.59 -43.32
CA GLU E 293 22.43 21.09 -43.77
C GLU E 293 21.48 19.93 -44.05
N GLY E 294 21.99 18.84 -44.63
CA GLY E 294 21.15 17.79 -45.17
C GLY E 294 20.47 16.89 -44.18
N ILE E 295 20.79 16.97 -42.89
CA ILE E 295 20.12 16.14 -41.90
C ILE E 295 18.68 16.59 -41.70
N ARG E 296 18.45 17.91 -41.66
CA ARG E 296 17.11 18.43 -41.41
C ARG E 296 16.08 17.98 -42.44
N PRO E 297 16.37 17.96 -43.75
CA PRO E 297 15.33 17.50 -44.70
C PRO E 297 14.81 16.09 -44.44
N ARG E 298 15.66 15.17 -43.99
CA ARG E 298 15.22 13.79 -43.85
C ARG E 298 14.48 13.58 -42.53
N GLU E 299 13.52 12.65 -42.56
CA GLU E 299 12.76 12.21 -41.38
C GLU E 299 12.04 13.39 -40.73
N PHE E 300 11.08 13.93 -41.49
CA PHE E 300 10.21 15.00 -40.99
C PHE E 300 8.95 14.47 -40.31
N GLU E 301 8.82 13.14 -40.19
CA GLU E 301 7.66 12.57 -39.50
C GLU E 301 7.68 12.94 -38.01
N THR E 302 8.85 12.90 -37.38
CA THR E 302 8.94 13.26 -35.97
C THR E 302 8.87 14.77 -35.76
N ARG E 303 9.03 15.57 -36.82
CA ARG E 303 9.06 17.01 -36.67
C ARG E 303 7.66 17.58 -36.44
N VAL E 304 6.67 17.03 -37.14
CA VAL E 304 5.31 17.58 -37.12
C VAL E 304 4.34 16.48 -36.72
N ASN E 305 3.22 16.91 -36.15
CA ASN E 305 2.16 15.98 -35.76
C ASN E 305 1.57 15.25 -36.96
N GLU E 321 -13.47 3.66 -26.77
CA GLU E 321 -13.71 3.26 -28.16
C GLU E 321 -14.03 1.78 -28.27
N ASN E 322 -13.25 1.07 -29.09
CA ASN E 322 -13.54 -0.34 -29.37
C ASN E 322 -13.06 -1.27 -28.26
N TYR E 323 -12.19 -0.80 -27.36
CA TYR E 323 -11.75 -1.65 -26.25
C TYR E 323 -12.87 -1.91 -25.24
N HIS E 324 -13.99 -1.19 -25.36
CA HIS E 324 -15.18 -1.43 -24.56
C HIS E 324 -15.90 -2.71 -24.94
N ARG E 325 -15.46 -3.39 -26.02
CA ARG E 325 -16.25 -4.42 -26.67
C ARG E 325 -16.72 -5.50 -25.70
N GLY E 326 -15.86 -5.87 -24.75
CA GLY E 326 -16.25 -6.90 -23.80
C GLY E 326 -17.34 -6.48 -22.85
N GLU E 327 -17.70 -5.20 -22.82
CA GLU E 327 -18.61 -4.67 -21.82
C GLU E 327 -19.89 -4.08 -22.41
N LEU E 328 -20.04 -4.06 -23.74
CA LEU E 328 -21.28 -3.56 -24.32
C LEU E 328 -22.49 -4.39 -23.91
N LYS E 329 -22.35 -5.71 -23.86
CA LYS E 329 -23.49 -6.56 -23.51
C LYS E 329 -24.14 -6.10 -22.22
N LYS E 330 -23.34 -5.57 -21.30
CA LYS E 330 -23.85 -4.90 -20.12
C LYS E 330 -24.10 -3.41 -20.35
N ALA E 331 -23.37 -2.79 -21.27
CA ALA E 331 -23.48 -1.34 -21.45
C ALA E 331 -24.85 -0.94 -21.99
N GLN E 332 -25.31 -1.57 -23.07
CA GLN E 332 -26.64 -1.23 -23.58
C GLN E 332 -27.74 -1.69 -22.63
N ASP E 333 -27.42 -2.55 -21.66
CA ASP E 333 -28.39 -2.82 -20.60
C ASP E 333 -28.54 -1.64 -19.67
N GLU E 334 -27.61 -0.68 -19.75
CA GLU E 334 -27.74 0.54 -18.95
C GLU E 334 -28.65 1.55 -19.62
N ILE E 335 -28.50 1.73 -20.93
CA ILE E 335 -29.36 2.67 -21.65
C ILE E 335 -30.81 2.22 -21.60
N ASN E 336 -31.05 0.92 -21.81
CA ASN E 336 -32.39 0.40 -21.65
C ASN E 336 -32.77 0.23 -20.18
N GLY E 337 -31.80 0.23 -19.28
CA GLY E 337 -32.08 0.14 -17.86
C GLY E 337 -32.78 1.38 -17.34
N VAL E 338 -32.32 2.55 -17.81
CA VAL E 338 -32.99 3.80 -17.46
C VAL E 338 -34.13 4.12 -18.42
N HIS E 339 -34.24 3.37 -19.52
CA HIS E 339 -35.29 3.64 -20.51
C HIS E 339 -36.67 3.54 -19.88
N GLU E 340 -36.94 2.44 -19.16
CA GLU E 340 -38.19 2.36 -18.44
C GLU E 340 -38.21 3.27 -17.22
N GLN E 341 -37.03 3.66 -16.73
CA GLN E 341 -36.97 4.62 -15.63
C GLN E 341 -37.17 6.04 -16.12
N SER E 342 -36.69 6.37 -17.32
CA SER E 342 -36.83 7.72 -17.84
C SER E 342 -38.29 8.09 -18.05
N LYS E 343 -39.09 7.14 -18.54
CA LYS E 343 -40.50 7.36 -18.78
C LYS E 343 -41.37 7.25 -17.53
N ALA E 344 -40.76 6.95 -16.38
CA ALA E 344 -41.54 6.85 -15.15
C ALA E 344 -42.00 8.22 -14.67
N GLN E 345 -41.15 9.23 -14.80
CA GLN E 345 -41.48 10.57 -14.33
C GLN E 345 -42.03 11.48 -15.41
N GLN E 346 -42.62 10.91 -16.47
CA GLN E 346 -43.27 11.70 -17.50
C GLN E 346 -44.66 12.17 -17.12
N LYS E 347 -45.08 11.90 -15.89
CA LYS E 347 -46.38 12.37 -15.39
C LYS E 347 -46.46 13.89 -15.34
N LEU F 564 -65.49 -16.89 -37.46
CA LEU F 564 -66.60 -17.59 -36.83
C LEU F 564 -66.16 -18.94 -36.29
N LYS F 565 -65.56 -19.74 -37.16
CA LYS F 565 -65.10 -21.07 -36.82
C LYS F 565 -63.64 -21.12 -36.39
N ASN F 566 -62.82 -20.17 -36.84
CA ASN F 566 -61.40 -20.18 -36.53
C ASN F 566 -61.08 -19.56 -35.18
N LEU F 567 -62.08 -19.04 -34.47
CA LEU F 567 -61.81 -18.46 -33.15
C LEU F 567 -61.26 -19.50 -32.19
N ASP F 568 -61.81 -20.72 -32.22
CA ASP F 568 -61.32 -21.78 -31.34
C ASP F 568 -59.83 -22.03 -31.59
N ASP F 569 -59.42 -22.06 -32.86
CA ASP F 569 -58.01 -22.20 -33.18
C ASP F 569 -57.21 -20.99 -32.68
N GLU F 570 -57.76 -19.78 -32.85
CA GLU F 570 -57.05 -18.58 -32.40
C GLU F 570 -56.90 -18.58 -30.88
N ILE F 571 -57.94 -18.98 -30.15
CA ILE F 571 -57.86 -19.05 -28.70
C ILE F 571 -56.81 -20.06 -28.27
N ARG F 572 -56.76 -21.20 -28.97
CA ARG F 572 -55.79 -22.23 -28.64
C ARG F 572 -54.36 -21.72 -28.81
N THR F 573 -54.10 -20.98 -29.89
CA THR F 573 -52.77 -20.43 -30.12
C THR F 573 -52.41 -19.42 -29.04
N VAL F 574 -53.36 -18.58 -28.64
CA VAL F 574 -53.08 -17.55 -27.64
C VAL F 574 -52.76 -18.18 -26.28
N LYS F 575 -53.53 -19.22 -25.90
CA LYS F 575 -53.30 -19.85 -24.61
C LYS F 575 -51.92 -20.48 -24.52
N LYS F 576 -51.45 -21.10 -25.61
CA LYS F 576 -50.11 -21.68 -25.61
C LYS F 576 -49.05 -20.60 -25.43
N LYS F 577 -49.23 -19.46 -26.10
CA LYS F 577 -48.33 -18.34 -25.88
C LYS F 577 -48.46 -17.80 -24.46
N LEU F 578 -49.68 -17.80 -23.92
CA LEU F 578 -49.89 -17.36 -22.54
C LEU F 578 -49.21 -18.29 -21.56
N ALA F 579 -49.21 -19.59 -21.84
CA ALA F 579 -48.53 -20.54 -20.96
C ALA F 579 -47.03 -20.31 -20.92
N TYR F 580 -46.44 -19.97 -22.08
CA TYR F 580 -44.99 -19.79 -22.15
C TYR F 580 -44.53 -18.59 -21.33
N VAL F 581 -45.22 -17.45 -21.49
CA VAL F 581 -44.80 -16.23 -20.80
C VAL F 581 -45.02 -16.35 -19.30
N GLU F 582 -46.11 -16.98 -18.89
CA GLU F 582 -46.42 -17.09 -17.46
C GLU F 582 -45.37 -17.91 -16.74
N GLU F 583 -44.92 -19.01 -17.33
CA GLU F 583 -43.88 -19.83 -16.71
C GLU F 583 -42.58 -19.05 -16.57
N GLU F 584 -42.22 -18.29 -17.60
CA GLU F 584 -41.00 -17.51 -17.55
C GLU F 584 -41.13 -16.33 -16.59
N ASN F 585 -42.32 -15.74 -16.49
CA ASN F 585 -42.52 -14.60 -15.61
C ASN F 585 -42.31 -14.98 -14.16
N THR F 586 -42.87 -16.11 -13.73
CA THR F 586 -42.66 -16.56 -12.36
C THR F 586 -41.21 -17.00 -12.15
N LYS F 587 -40.53 -17.40 -13.23
CA LYS F 587 -39.12 -17.74 -13.11
C LYS F 587 -38.29 -16.50 -12.77
N TYR F 588 -38.48 -15.42 -13.54
CA TYR F 588 -37.72 -14.19 -13.27
C TYR F 588 -38.13 -13.58 -11.94
N SER F 589 -39.45 -13.52 -11.67
CA SER F 589 -39.92 -12.88 -10.45
C SER F 589 -39.41 -13.59 -9.21
N SER F 590 -39.24 -14.91 -9.27
CA SER F 590 -38.69 -15.65 -8.13
C SER F 590 -37.18 -15.49 -8.03
N LEU F 591 -36.47 -15.40 -9.15
CA LEU F 591 -35.02 -15.30 -9.11
C LEU F 591 -34.55 -13.93 -8.63
N ILE F 592 -35.36 -12.89 -8.85
CA ILE F 592 -34.99 -11.57 -8.32
C ILE F 592 -35.01 -11.59 -6.79
N GLU F 593 -35.93 -12.34 -6.19
CA GLU F 593 -36.01 -12.39 -4.73
C GLU F 593 -34.68 -12.80 -4.11
N GLU F 594 -33.95 -13.70 -4.78
CA GLU F 594 -32.62 -14.05 -4.31
C GLU F 594 -31.66 -12.88 -4.43
N LEU F 595 -31.84 -12.05 -5.45
CA LEU F 595 -30.94 -10.89 -5.63
C LEU F 595 -31.08 -9.91 -4.48
N ILE F 596 -32.31 -9.60 -4.06
CA ILE F 596 -32.50 -8.78 -2.87
C ILE F 596 -31.91 -9.48 -1.66
N LEU F 597 -32.19 -10.77 -1.50
CA LEU F 597 -31.73 -11.51 -0.32
C LEU F 597 -30.20 -11.51 -0.24
N GLU F 598 -29.54 -11.76 -1.38
CA GLU F 598 -28.08 -11.80 -1.38
C GLU F 598 -27.49 -10.41 -1.16
N ASN F 599 -28.11 -9.38 -1.75
CA ASN F 599 -27.54 -8.05 -1.67
C ASN F 599 -27.68 -7.44 -0.28
N ASP F 600 -28.82 -7.65 0.39
CA ASP F 600 -28.99 -7.09 1.72
C ASP F 600 -28.03 -7.73 2.72
N MET F 601 -27.84 -9.05 2.63
CA MET F 601 -26.95 -9.75 3.55
C MET F 601 -25.51 -9.27 3.39
N THR F 602 -25.14 -8.85 2.18
CA THR F 602 -23.80 -8.30 1.99
C THR F 602 -23.61 -7.02 2.78
N TYR F 603 -24.59 -6.11 2.74
CA TYR F 603 -24.50 -4.86 3.48
C TYR F 603 -24.30 -5.12 4.96
N GLN F 604 -24.92 -6.18 5.49
CA GLN F 604 -24.67 -6.58 6.87
C GLN F 604 -23.23 -7.02 7.06
N ASP F 605 -22.67 -7.72 6.09
CA ASP F 605 -21.31 -8.21 6.22
C ASP F 605 -20.29 -7.09 6.03
N LEU F 606 -20.54 -6.18 5.08
CA LEU F 606 -19.63 -5.05 4.90
C LEU F 606 -19.60 -4.17 6.14
N ASN F 607 -20.76 -3.97 6.77
CA ASN F 607 -20.79 -3.22 8.03
C ASN F 607 -20.03 -3.96 9.11
N LYS F 608 -20.20 -5.29 9.17
CA LYS F 608 -19.50 -6.08 10.18
C LYS F 608 -18.01 -6.13 9.94
N ILE F 609 -17.59 -6.27 8.68
CA ILE F 609 -16.16 -6.37 8.40
C ILE F 609 -15.48 -5.02 8.61
N ILE F 610 -16.20 -3.92 8.36
CA ILE F 610 -15.65 -2.59 8.64
C ILE F 610 -15.44 -2.40 10.14
N LYS F 611 -16.40 -2.85 10.94
CA LYS F 611 -16.25 -2.75 12.38
C LYS F 611 -15.05 -3.55 12.87
N GLN F 612 -14.87 -4.77 12.34
CA GLN F 612 -13.72 -5.58 12.74
C GLN F 612 -12.42 -4.94 12.29
N LYS F 613 -12.45 -4.19 11.20
CA LYS F 613 -11.28 -3.39 10.83
C LYS F 613 -10.96 -2.37 11.90
N GLU F 614 -12.00 -1.70 12.44
CA GLU F 614 -11.78 -0.75 13.52
C GLU F 614 -11.30 -1.46 14.79
N GLU F 615 -11.85 -2.65 15.07
CA GLU F 615 -11.57 -3.31 16.34
C GLU F 615 -10.11 -3.72 16.49
N VAL F 616 -9.37 -3.84 15.40
CA VAL F 616 -7.95 -4.13 15.49
C VAL F 616 -7.11 -2.89 15.15
N LEU F 617 -7.65 -1.98 14.35
CA LEU F 617 -6.94 -0.74 14.03
C LEU F 617 -6.66 0.08 15.28
N VAL F 618 -7.56 0.05 16.26
CA VAL F 618 -7.28 0.68 17.55
C VAL F 618 -6.18 -0.08 18.27
N GLN F 619 -6.18 -1.41 18.18
CA GLN F 619 -5.11 -2.20 18.78
C GLN F 619 -3.79 -1.98 18.04
N HIS F 620 -3.85 -1.56 16.78
CA HIS F 620 -2.63 -1.23 16.04
C HIS F 620 -1.92 -0.05 16.67
N ASP F 621 -2.68 0.96 17.10
CA ASP F 621 -2.05 2.13 17.70
C ASP F 621 -1.55 1.86 19.11
N THR F 622 -2.32 1.11 19.89
CA THR F 622 -1.95 0.88 21.29
C THR F 622 -0.65 0.09 21.40
N MET F 623 -0.47 -0.94 20.56
CA MET F 623 0.77 -1.70 20.60
C MET F 623 1.94 -0.85 20.11
N LYS F 624 1.71 0.00 19.12
CA LYS F 624 2.75 0.93 18.68
C LYS F 624 3.09 1.93 19.77
N LEU F 625 2.12 2.23 20.66
CA LEU F 625 2.43 3.04 21.82
C LEU F 625 3.30 2.29 22.82
N GLU F 626 3.02 0.99 23.03
CA GLU F 626 3.79 0.21 23.98
C GLU F 626 5.24 0.07 23.53
N ILE F 627 5.46 -0.16 22.24
CA ILE F 627 6.83 -0.27 21.74
C ILE F 627 7.54 1.08 21.82
N LYS F 628 6.80 2.18 21.72
CA LYS F 628 7.41 3.49 21.91
C LYS F 628 7.79 3.71 23.37
N LYS F 629 6.95 3.23 24.29
CA LYS F 629 7.23 3.42 25.71
C LYS F 629 8.56 2.79 26.11
N ILE F 630 8.92 1.67 25.46
CA ILE F 630 10.22 1.06 25.73
C ILE F 630 11.33 1.85 25.09
N ASN F 631 11.02 2.65 24.05
CA ASN F 631 12.06 3.38 23.32
C ASN F 631 12.80 4.35 24.24
N GLU F 632 12.06 5.16 25.01
CA GLU F 632 12.74 6.09 25.91
C GLU F 632 13.38 5.38 27.09
N SER F 633 12.86 4.22 27.49
CA SER F 633 13.51 3.46 28.55
C SER F 633 14.90 3.00 28.13
N LEU F 634 15.03 2.50 26.90
CA LEU F 634 16.34 2.13 26.39
C LEU F 634 17.16 3.34 26.01
N ASN F 635 16.51 4.42 25.57
CA ASN F 635 17.23 5.64 25.22
C ASN F 635 17.95 6.20 26.46
N GLY F 636 17.27 6.21 27.60
CA GLY F 636 17.93 6.60 28.83
C GLY F 636 19.04 5.64 29.23
N ALA F 637 18.76 4.34 29.13
CA ALA F 637 19.77 3.34 29.49
C ALA F 637 20.98 3.41 28.55
N THR F 638 20.73 3.71 27.27
CA THR F 638 21.84 3.92 26.34
C THR F 638 22.70 5.11 26.76
N GLU F 639 22.05 6.19 27.20
CA GLU F 639 22.81 7.32 27.74
C GLU F 639 23.47 6.96 29.07
N LYS F 640 22.79 6.17 29.90
CA LYS F 640 23.33 5.87 31.23
C LYS F 640 24.49 4.89 31.16
N VAL F 641 24.63 4.16 30.05
CA VAL F 641 25.79 3.30 29.89
C VAL F 641 26.92 4.05 29.19
N PHE F 642 26.57 5.10 28.43
CA PHE F 642 27.60 5.86 27.72
C PHE F 642 28.41 6.72 28.68
N ASN F 643 27.75 7.43 29.59
CA ASN F 643 28.43 8.39 30.45
C ASN F 643 29.32 7.73 31.50
N LEU F 644 29.26 6.41 31.63
CA LEU F 644 30.14 5.72 32.58
C LEU F 644 31.46 5.36 31.92
N GLU F 645 31.43 4.87 30.68
CA GLU F 645 32.64 4.39 30.03
C GLU F 645 33.60 5.54 29.71
N ASN F 646 33.07 6.71 29.38
CA ASN F 646 33.94 7.84 29.08
C ASN F 646 34.57 8.40 30.34
N GLN F 647 33.80 8.50 31.44
CA GLN F 647 34.33 9.08 32.67
C GLN F 647 35.35 8.17 33.32
N ILE F 648 35.13 6.86 33.29
CA ILE F 648 36.12 5.94 33.85
C ILE F 648 37.41 6.01 33.06
N TYR F 649 37.31 6.09 31.73
CA TYR F 649 38.52 6.12 30.92
C TYR F 649 39.22 7.47 31.02
N GLN F 650 38.46 8.55 31.24
CA GLN F 650 39.07 9.85 31.50
C GLN F 650 39.88 9.82 32.78
N LEU F 651 39.33 9.19 33.83
CA LEU F 651 40.11 8.98 35.04
C LEU F 651 41.15 7.89 34.86
N GLU F 652 40.95 7.00 33.88
CA GLU F 652 41.93 5.96 33.62
C GLU F 652 43.25 6.55 33.15
N MET F 653 43.18 7.55 32.26
CA MET F 653 44.40 8.24 31.83
C MET F 653 44.89 9.19 32.91
N SER F 654 44.00 9.59 33.84
CA SER F 654 44.38 10.56 34.85
C SER F 654 45.35 9.99 35.87
N MET F 655 45.34 8.66 36.07
CA MET F 655 46.23 8.06 37.06
C MET F 655 47.69 8.23 36.67
N GLN F 656 48.05 7.83 35.45
CA GLN F 656 49.46 7.92 35.06
C GLN F 656 49.87 9.33 34.62
N GLU F 657 48.91 10.22 34.34
CA GLU F 657 49.27 11.62 34.15
C GLU F 657 49.83 12.20 35.45
N ARG F 658 49.15 11.93 36.58
CA ARG F 658 49.69 12.32 37.88
C ARG F 658 50.88 11.45 38.24
N GLU F 659 50.87 10.17 37.86
CA GLU F 659 51.94 9.26 38.23
C GLU F 659 53.27 9.69 37.63
N LYS F 660 53.28 9.98 36.33
CA LYS F 660 54.53 10.35 35.65
C LYS F 660 55.19 11.55 36.32
N GLU F 661 54.39 12.43 36.91
CA GLU F 661 54.95 13.54 37.67
C GLU F 661 55.72 13.06 38.88
N ILE F 662 55.31 11.93 39.47
CA ILE F 662 55.92 11.45 40.70
C ILE F 662 57.33 10.93 40.45
N GLU F 663 57.53 10.13 39.39
CA GLU F 663 58.87 9.64 39.13
C GLU F 663 59.84 10.76 38.78
N VAL F 664 59.37 11.79 38.06
CA VAL F 664 60.21 12.93 37.77
C VAL F 664 60.63 13.62 39.07
N HIS F 665 59.67 13.82 39.98
CA HIS F 665 60.03 14.30 41.31
C HIS F 665 60.92 13.29 42.03
N LYS F 666 60.65 12.00 41.84
CA LYS F 666 61.47 10.96 42.46
C LYS F 666 62.90 11.00 41.94
N ASP F 667 63.06 11.18 40.63
CA ASP F 667 64.40 11.16 40.05
C ASP F 667 65.22 12.38 40.45
N VAL F 668 64.56 13.54 40.57
CA VAL F 668 65.25 14.74 41.03
C VAL F 668 65.71 14.56 42.48
N LEU F 669 64.92 13.84 43.28
CA LEU F 669 65.35 13.57 44.65
C LEU F 669 66.56 12.63 44.65
N MET F 670 66.69 11.79 43.63
CA MET F 670 67.86 10.92 43.52
C MET F 670 69.13 11.74 43.31
N THR F 671 69.10 12.68 42.37
CA THR F 671 70.29 13.50 42.12
C THR F 671 70.50 14.51 43.24
N GLU F 672 69.46 14.81 44.03
CA GLU F 672 69.66 15.58 45.25
C GLU F 672 70.38 14.74 46.30
N HIS F 673 69.95 13.50 46.48
CA HIS F 673 70.61 12.61 47.43
C HIS F 673 72.04 12.29 47.00
N LYS F 674 72.24 12.04 45.71
CA LYS F 674 73.57 11.69 45.22
C LYS F 674 74.52 12.87 45.35
N ALA F 675 74.08 14.06 44.99
CA ALA F 675 74.94 15.24 45.04
C ALA F 675 75.35 15.56 46.47
N ALA F 676 74.40 15.46 47.40
CA ALA F 676 74.70 15.81 48.79
C ALA F 676 75.69 14.84 49.41
N GLU F 677 75.64 13.56 49.05
CA GLU F 677 76.53 12.58 49.64
C GLU F 677 77.96 12.79 49.16
N GLU F 678 78.14 13.21 47.91
CA GLU F 678 79.47 13.41 47.38
C GLU F 678 80.22 14.49 48.15
N GLU F 679 79.54 15.59 48.46
CA GLU F 679 80.18 16.68 49.20
C GLU F 679 80.47 16.29 50.64
N ARG F 680 79.61 15.46 51.24
CA ARG F 680 79.83 15.03 52.62
C ARG F 680 81.13 14.25 52.74
N HIS F 681 81.41 13.37 51.79
CA HIS F 681 82.64 12.59 51.83
C HIS F 681 83.87 13.47 51.67
N LYS F 682 83.77 14.50 50.82
CA LYS F 682 84.91 15.38 50.60
C LYS F 682 85.31 16.11 51.87
N ILE F 683 84.32 16.62 52.62
CA ILE F 683 84.63 17.26 53.89
C ILE F 683 85.07 16.25 54.94
N ALA F 684 84.42 15.08 54.97
CA ALA F 684 84.77 14.06 55.95
C ALA F 684 86.23 13.63 55.79
N VAL F 685 86.68 13.44 54.56
CA VAL F 685 88.08 13.13 54.30
C VAL F 685 88.96 14.31 54.73
N GLU F 686 88.53 15.53 54.41
CA GLU F 686 89.33 16.71 54.71
C GLU F 686 89.48 16.91 56.22
N LEU F 687 88.46 16.52 56.98
CA LEU F 687 88.53 16.66 58.44
C LEU F 687 89.66 15.81 59.01
N ALA F 688 89.81 14.57 58.53
CA ALA F 688 90.83 13.68 59.07
C ALA F 688 92.23 14.25 58.85
N GLU F 689 92.44 14.96 57.74
CA GLU F 689 93.73 15.57 57.49
C GLU F 689 94.07 16.63 58.53
N ARG F 690 93.08 17.43 58.93
CA ARG F 690 93.31 18.40 59.99
C ARG F 690 93.44 17.71 61.34
N LYS F 691 92.75 16.60 61.52
CA LYS F 691 92.89 15.81 62.75
C LYS F 691 94.30 15.25 62.89
N ASN F 692 94.87 14.77 61.78
CA ASN F 692 96.19 14.15 61.83
C ASN F 692 97.26 15.15 62.27
N LYS F 693 97.19 16.38 61.75
CA LYS F 693 98.18 17.39 62.12
C LYS F 693 98.13 17.70 63.61
N VAL F 694 96.92 17.76 64.18
CA VAL F 694 96.78 17.89 65.63
C VAL F 694 97.39 16.68 66.32
N LYS F 695 97.09 15.48 65.83
CA LYS F 695 97.68 14.28 66.42
C LYS F 695 99.18 14.19 66.14
N ASN F 696 99.62 14.63 64.95
CA ASN F 696 101.06 14.66 64.70
C ASN F 696 101.75 15.66 65.61
N LEU F 697 101.15 16.84 65.80
CA LEU F 697 101.70 17.81 66.73
C LEU F 697 101.48 17.38 68.18
N LYS F 698 100.54 16.46 68.40
CA LYS F 698 100.30 15.94 69.74
C LYS F 698 101.55 15.26 70.29
N ILE F 699 102.25 14.49 69.43
CA ILE F 699 103.37 13.68 69.89
C ILE F 699 104.63 14.52 70.11
N LYS F 700 104.71 15.70 69.49
CA LYS F 700 105.99 16.41 69.47
C LYS F 700 106.23 17.16 70.77
N TYR F 701 105.18 17.74 71.37
CA TYR F 701 105.36 18.42 72.65
C TYR F 701 105.90 17.48 73.72
N GLU F 702 105.47 16.22 73.70
CA GLU F 702 106.02 15.25 74.65
C GLU F 702 107.53 15.14 74.50
N SER F 703 108.02 15.23 73.26
CA SER F 703 109.46 15.26 73.04
C SER F 703 110.06 16.61 73.43
N LEU F 704 109.34 17.71 73.18
CA LEU F 704 109.93 19.02 73.43
C LEU F 704 109.73 19.48 74.87
N VAL F 705 108.79 18.88 75.61
CA VAL F 705 108.79 19.08 77.05
C VAL F 705 109.97 18.37 77.67
N GLN F 706 110.40 17.26 77.06
CA GLN F 706 111.68 16.66 77.42
C GLN F 706 112.84 17.58 77.06
N LYS F 707 112.74 18.25 75.91
CA LYS F 707 113.78 19.20 75.52
C LYS F 707 113.73 20.46 76.37
N ASN F 708 112.53 20.93 76.72
CA ASN F 708 112.41 22.02 77.70
C ASN F 708 112.98 21.60 79.05
N LYS F 709 112.88 20.32 79.40
CA LYS F 709 113.54 19.81 80.59
C LYS F 709 115.06 19.89 80.47
N ALA F 710 115.57 19.99 79.25
CA ALA F 710 117.01 20.11 79.03
C ALA F 710 117.44 21.57 78.99
N ALA F 724 106.28 29.50 81.41
CA ALA F 724 106.39 28.08 81.68
C ALA F 724 106.55 27.82 83.17
N TYR F 725 106.85 26.58 83.53
CA TYR F 725 107.06 26.23 84.93
C TYR F 725 108.36 26.83 85.46
N TYR F 726 109.38 26.93 84.61
CA TYR F 726 110.68 27.43 85.05
C TYR F 726 110.71 28.95 85.10
N VAL F 727 109.73 29.56 85.77
CA VAL F 727 109.76 31.01 85.94
C VAL F 727 110.85 31.42 86.91
N ILE F 728 111.02 30.67 87.99
CA ILE F 728 112.04 30.96 89.00
C ILE F 728 113.30 30.14 88.77
N LYS F 729 113.14 28.89 88.36
CA LYS F 729 114.29 28.01 88.15
C LYS F 729 115.21 28.55 87.06
N ALA F 730 114.64 29.08 85.98
CA ALA F 730 115.44 29.64 84.90
C ALA F 730 115.83 31.09 85.13
N ALA F 731 115.27 31.73 86.16
CA ALA F 731 115.64 33.11 86.47
C ALA F 731 116.69 33.18 87.58
N GLN F 732 116.51 32.40 88.65
CA GLN F 732 117.42 32.44 89.78
C GLN F 732 118.68 31.60 89.55
N GLU F 733 118.69 30.72 88.57
CA GLU F 733 119.91 29.99 88.24
C GLU F 733 120.97 30.91 87.66
N ARG F 734 120.57 32.00 87.00
CA ARG F 734 121.48 32.96 86.42
C ARG F 734 121.91 34.04 87.40
N GLU F 735 121.37 34.04 88.61
CA GLU F 735 121.72 35.01 89.63
C GLU F 735 122.47 34.42 90.82
N GLU F 736 122.26 33.14 91.14
CA GLU F 736 123.08 32.49 92.16
C GLU F 736 124.54 32.46 91.74
N LEU F 737 124.80 32.33 90.44
CA LEU F 737 126.16 32.55 89.95
C LEU F 737 126.57 34.00 90.14
N GLN F 738 125.65 34.94 89.88
CA GLN F 738 125.96 36.36 90.09
C GLN F 738 126.22 36.68 91.55
N ARG F 739 125.74 35.83 92.46
CA ARG F 739 126.06 36.02 93.88
C ARG F 739 127.54 35.69 94.14
N LYS F 740 128.14 34.85 93.30
CA LYS F 740 129.58 34.62 93.42
C LYS F 740 130.36 35.83 92.95
N GLY F 741 129.86 36.52 91.92
CA GLY F 741 130.58 37.67 91.39
C GLY F 741 130.69 38.80 92.39
N ASP F 742 129.62 39.06 93.14
CA ASP F 742 129.64 40.13 94.13
C ASP F 742 130.68 39.86 95.21
N GLU F 743 130.72 38.62 95.71
CA GLU F 743 131.71 38.23 96.71
C GLU F 743 132.99 37.69 96.09
N LEU F 744 133.07 37.63 94.75
CA LEU F 744 134.34 37.42 94.08
C LEU F 744 135.34 38.51 94.48
N ASN F 745 134.85 39.75 94.54
CA ASN F 745 135.68 40.84 95.02
C ASN F 745 135.97 40.72 96.51
N ALA F 746 135.04 40.15 97.27
CA ALA F 746 135.22 40.03 98.71
C ALA F 746 136.42 39.14 99.05
N LYS F 747 136.55 38.01 98.35
CA LYS F 747 137.63 37.08 98.64
C LYS F 747 138.96 37.57 98.08
N ILE F 748 138.93 38.33 96.97
CA ILE F 748 140.18 38.85 96.42
C ILE F 748 140.69 39.99 97.30
N LEU F 749 139.80 40.61 98.08
CA LEU F 749 140.21 41.67 98.99
C LEU F 749 140.90 41.13 100.24
N LYS F 750 140.47 39.95 100.70
CA LYS F 750 140.99 39.45 101.98
C LYS F 750 142.43 38.96 101.84
N ASN F 751 142.76 38.31 100.73
CA ASN F 751 144.12 37.81 100.53
C ASN F 751 145.10 38.93 100.21
N GLU F 752 144.69 39.91 99.40
CA GLU F 752 145.56 41.07 99.21
C GLU F 752 145.75 41.83 100.52
N LYS F 753 144.70 41.92 101.33
CA LYS F 753 144.86 42.45 102.69
C LYS F 753 145.79 41.57 103.52
N GLU F 754 145.69 40.26 103.34
CA GLU F 754 146.68 39.36 103.97
C GLU F 754 148.07 39.67 103.44
N LEU F 755 148.20 39.92 102.14
CA LEU F 755 149.48 40.34 101.58
C LEU F 755 149.84 41.76 101.99
N LYS F 756 148.84 42.62 102.22
CA LYS F 756 149.11 43.97 102.71
C LYS F 756 149.62 43.93 104.15
N ALA F 757 148.95 43.18 105.02
CA ALA F 757 149.42 43.04 106.40
C ALA F 757 150.67 42.18 106.46
N LEU F 758 150.97 41.47 105.38
CA LEU F 758 152.20 40.68 105.28
C LEU F 758 153.44 41.56 105.27
N ASP F 759 153.45 42.56 104.40
CA ASP F 759 154.66 43.34 104.17
C ASP F 759 154.99 44.26 105.33
N ASN F 760 153.99 44.77 106.04
CA ASN F 760 154.24 45.74 107.10
C ASN F 760 154.83 45.11 108.35
N THR F 761 154.95 43.78 108.39
CA THR F 761 155.57 43.08 109.51
C THR F 761 156.98 42.59 109.18
N LEU F 762 157.18 42.02 108.00
CA LEU F 762 158.48 41.51 107.57
C LEU F 762 159.23 42.46 106.66
N ASN F 763 158.73 43.68 106.49
CA ASN F 763 159.40 44.66 105.64
C ASN F 763 159.00 46.07 106.06
N ILE G 516 -69.06 -15.78 -32.73
CA ILE G 516 -68.71 -14.72 -31.81
C ILE G 516 -68.72 -15.24 -30.38
N LYS G 517 -69.10 -14.36 -29.44
CA LYS G 517 -69.23 -14.62 -28.01
C LYS G 517 -67.90 -14.90 -27.33
N LYS G 518 -66.79 -14.90 -28.07
CA LYS G 518 -65.47 -15.16 -27.50
C LYS G 518 -64.49 -14.02 -27.72
N GLN G 519 -64.93 -12.92 -28.35
CA GLN G 519 -64.03 -11.79 -28.54
C GLN G 519 -63.61 -11.17 -27.22
N THR G 520 -64.47 -11.27 -26.20
CA THR G 520 -64.10 -10.79 -24.87
C THR G 520 -62.88 -11.56 -24.34
N LEU G 521 -62.87 -12.88 -24.54
CA LEU G 521 -61.72 -13.68 -24.13
C LEU G 521 -60.48 -13.30 -24.92
N LEU G 522 -60.61 -13.16 -26.24
CA LEU G 522 -59.44 -12.96 -27.09
C LEU G 522 -58.68 -11.72 -26.69
N VAL G 523 -59.38 -10.58 -26.60
CA VAL G 523 -58.71 -9.33 -26.25
C VAL G 523 -58.18 -9.39 -24.81
N THR G 524 -58.76 -10.25 -23.98
CA THR G 524 -58.34 -10.33 -22.59
C THR G 524 -56.93 -10.91 -22.47
N GLN G 525 -56.66 -12.01 -23.18
CA GLN G 525 -55.33 -12.60 -23.07
C GLN G 525 -54.28 -11.84 -23.88
N ASN G 526 -54.68 -11.20 -24.99
CA ASN G 526 -53.71 -10.39 -25.73
C ASN G 526 -53.17 -9.26 -24.87
N ASN G 527 -54.04 -8.57 -24.13
CA ASN G 527 -53.55 -7.54 -23.24
C ASN G 527 -52.74 -8.13 -22.10
N ARG G 528 -53.09 -9.34 -21.65
CA ARG G 528 -52.24 -10.04 -20.69
C ARG G 528 -50.88 -10.33 -21.29
N LEU G 529 -50.84 -10.81 -22.53
CA LEU G 529 -49.56 -11.06 -23.19
C LEU G 529 -48.74 -9.78 -23.32
N ASN G 530 -49.37 -8.70 -23.75
CA ASN G 530 -48.65 -7.44 -23.92
C ASN G 530 -48.11 -6.93 -22.59
N LYS G 531 -48.93 -7.01 -21.53
CA LYS G 531 -48.48 -6.58 -20.22
C LYS G 531 -47.40 -7.51 -19.68
N ILE G 532 -47.56 -8.82 -19.87
CA ILE G 532 -46.63 -9.77 -19.25
C ILE G 532 -45.37 -9.95 -20.08
N GLU G 533 -45.43 -9.67 -21.39
CA GLU G 533 -44.22 -9.70 -22.19
C GLU G 533 -43.29 -8.55 -21.81
N GLU G 534 -43.85 -7.38 -21.53
CA GLU G 534 -43.03 -6.28 -21.05
C GLU G 534 -42.47 -6.57 -19.67
N ASP G 535 -43.21 -7.34 -18.86
CA ASP G 535 -42.76 -7.63 -17.50
C ASP G 535 -41.45 -8.42 -17.51
N VAL G 536 -41.36 -9.47 -18.33
CA VAL G 536 -40.15 -10.27 -18.36
C VAL G 536 -38.99 -9.47 -18.93
N SER G 537 -39.25 -8.56 -19.85
CA SER G 537 -38.19 -7.69 -20.37
C SER G 537 -37.63 -6.81 -19.27
N GLN G 538 -38.50 -6.20 -18.46
CA GLN G 538 -38.04 -5.41 -17.33
C GLN G 538 -37.32 -6.28 -16.31
N LEU G 539 -37.84 -7.49 -16.06
CA LEU G 539 -37.17 -8.41 -15.14
C LEU G 539 -35.82 -8.86 -15.69
N LYS G 540 -35.74 -9.04 -17.02
CA LYS G 540 -34.46 -9.38 -17.64
C LYS G 540 -33.43 -8.28 -17.38
N THR G 541 -33.82 -7.02 -17.57
CA THR G 541 -32.91 -5.91 -17.30
C THR G 541 -32.61 -5.81 -15.80
N LYS G 542 -33.61 -6.02 -14.95
CA LYS G 542 -33.40 -5.94 -13.51
C LYS G 542 -32.45 -7.02 -13.03
N GLN G 543 -32.57 -8.24 -13.56
CA GLN G 543 -31.66 -9.30 -13.15
C GLN G 543 -30.21 -8.94 -13.51
N THR G 544 -30.01 -8.36 -14.69
CA THR G 544 -28.65 -8.00 -15.11
C THR G 544 -28.08 -6.90 -14.22
N ILE G 545 -28.86 -5.87 -13.92
CA ILE G 545 -28.34 -4.71 -13.22
C ILE G 545 -27.97 -5.05 -11.77
N LEU G 546 -28.77 -5.90 -11.12
CA LEU G 546 -28.42 -6.31 -9.76
C LEU G 546 -27.31 -7.36 -9.74
N GLU G 547 -27.15 -8.12 -10.83
CA GLU G 547 -26.10 -9.13 -10.86
C GLU G 547 -24.71 -8.50 -10.73
N GLN G 548 -24.47 -7.39 -11.44
CA GLN G 548 -23.18 -6.72 -11.33
C GLN G 548 -23.05 -6.05 -9.96
N LYS G 549 -24.15 -5.54 -9.41
CA LYS G 549 -24.10 -4.94 -8.07
C LYS G 549 -23.61 -5.95 -7.04
N LYS G 550 -23.98 -7.22 -7.22
CA LYS G 550 -23.47 -8.27 -6.33
C LYS G 550 -21.95 -8.39 -6.45
N LEU G 551 -21.43 -8.26 -7.67
CA LEU G 551 -19.98 -8.33 -7.86
C LEU G 551 -19.27 -7.15 -7.21
N ARG G 552 -19.84 -5.94 -7.33
CA ARG G 552 -19.19 -4.75 -6.79
C ARG G 552 -19.06 -4.82 -5.28
N LEU G 553 -20.11 -5.26 -4.60
CA LEU G 553 -20.04 -5.37 -3.14
C LEU G 553 -19.03 -6.41 -2.70
N ASN G 554 -18.98 -7.56 -3.38
CA ASN G 554 -18.02 -8.59 -3.03
C ASN G 554 -16.59 -8.10 -3.23
N ASN G 555 -16.36 -7.33 -4.29
CA ASN G 555 -15.03 -6.73 -4.49
C ASN G 555 -14.69 -5.79 -3.34
N ASN G 556 -15.68 -5.07 -2.83
CA ASN G 556 -15.46 -4.24 -1.64
C ASN G 556 -15.10 -5.10 -0.45
N TYR G 557 -15.78 -6.24 -0.28
CA TYR G 557 -15.51 -7.13 0.84
C TYR G 557 -14.10 -7.69 0.77
N ARG G 558 -13.63 -8.06 -0.43
CA ARG G 558 -12.29 -8.58 -0.59
C ARG G 558 -11.25 -7.52 -0.22
N ILE G 559 -11.48 -6.27 -0.61
CA ILE G 559 -10.58 -5.20 -0.23
C ILE G 559 -10.55 -5.03 1.28
N TYR G 560 -11.72 -5.09 1.92
CA TYR G 560 -11.78 -4.96 3.38
C TYR G 560 -11.03 -6.08 4.07
N GLU G 561 -11.14 -7.31 3.55
CA GLU G 561 -10.39 -8.42 4.11
C GLU G 561 -8.90 -8.25 3.88
N LYS G 562 -8.51 -7.67 2.75
CA LYS G 562 -7.10 -7.44 2.49
C LYS G 562 -6.56 -6.26 3.30
N ASP G 563 -7.43 -5.32 3.68
CA ASP G 563 -6.98 -4.20 4.50
C ASP G 563 -6.77 -4.63 5.95
N ILE G 564 -7.55 -5.61 6.42
CA ILE G 564 -7.30 -6.18 7.74
C ILE G 564 -6.00 -6.96 7.75
N ARG G 565 -5.74 -7.71 6.68
CA ARG G 565 -4.58 -8.61 6.64
C ARG G 565 -3.27 -7.84 6.82
N GLU G 566 -3.15 -6.68 6.15
CA GLU G 566 -1.94 -5.89 6.33
C GLU G 566 -1.83 -5.35 7.75
N ILE G 567 -2.96 -5.12 8.41
CA ILE G 567 -2.93 -4.73 9.82
C ILE G 567 -2.50 -5.91 10.68
N GLN G 568 -3.04 -7.11 10.42
CA GLN G 568 -2.76 -8.25 11.26
C GLN G 568 -1.28 -8.62 11.23
N ASN G 569 -0.67 -8.63 10.03
CA ASN G 569 0.75 -8.93 9.95
C ASN G 569 1.61 -7.77 10.46
N ALA G 570 1.07 -6.55 10.45
CA ALA G 570 1.76 -5.45 11.09
C ALA G 570 1.85 -5.64 12.59
N LEU G 571 0.80 -6.17 13.21
CA LEU G 571 0.85 -6.49 14.64
C LEU G 571 1.93 -7.53 14.92
N LYS G 572 2.01 -8.57 14.08
CA LYS G 572 3.11 -9.52 14.19
C LYS G 572 4.44 -8.88 13.85
N ASN G 573 4.44 -7.95 12.88
CA ASN G 573 5.66 -7.21 12.56
C ASN G 573 6.09 -6.36 13.76
N LEU G 574 5.13 -5.77 14.47
CA LEU G 574 5.45 -5.06 15.70
C LEU G 574 5.74 -6.02 16.83
N ARG G 575 5.28 -7.27 16.72
CA ARG G 575 5.43 -8.23 17.81
C ARG G 575 6.88 -8.65 18.00
N ASN G 576 7.56 -9.02 16.90
CA ASN G 576 8.94 -9.45 17.02
C ASN G 576 9.86 -8.29 17.42
N GLU G 577 9.47 -7.06 17.09
CA GLU G 577 10.18 -5.89 17.61
C GLU G 577 10.10 -5.84 19.13
N MET G 578 8.92 -6.14 19.68
CA MET G 578 8.80 -6.31 21.13
C MET G 578 9.69 -7.45 21.62
N ASN G 579 9.70 -8.56 20.88
CA ASN G 579 10.52 -9.70 21.26
C ASN G 579 12.02 -9.46 21.04
N LYS G 580 12.38 -8.44 20.25
CA LYS G 580 13.79 -8.15 20.00
C LYS G 580 14.28 -6.92 20.76
N LEU G 581 13.37 -6.17 21.40
CA LEU G 581 13.77 -5.06 22.26
C LEU G 581 13.57 -5.36 23.74
N ASN G 582 12.83 -6.42 24.07
CA ASN G 582 12.70 -6.82 25.47
C ASN G 582 14.02 -7.31 26.04
N ASP G 583 14.83 -7.99 25.21
CA ASP G 583 16.17 -8.37 25.64
C ASP G 583 17.12 -7.19 25.60
N ALA G 584 16.90 -6.23 24.69
CA ALA G 584 17.76 -5.06 24.62
C ALA G 584 17.68 -4.23 25.89
N ILE G 585 16.47 -4.02 26.41
CA ILE G 585 16.32 -3.36 27.70
C ILE G 585 16.78 -4.26 28.83
N TYR G 586 16.82 -5.58 28.61
CA TYR G 586 17.24 -6.52 29.64
C TYR G 586 18.74 -6.40 29.92
N ARG G 587 19.55 -6.38 28.86
CA ARG G 587 20.99 -6.55 29.02
C ARG G 587 21.68 -5.32 29.61
N ASN G 588 21.13 -4.12 29.39
CA ASN G 588 21.86 -2.91 29.77
C ASN G 588 21.86 -2.67 31.28
N LYS G 589 20.88 -3.20 32.02
CA LYS G 589 20.79 -2.87 33.43
C LYS G 589 21.89 -3.55 34.24
N GLU G 590 22.21 -4.81 33.94
CA GLU G 590 23.32 -5.45 34.64
C GLU G 590 24.66 -4.94 34.12
N LYS G 591 24.70 -4.44 32.89
CA LYS G 591 25.92 -3.83 32.38
C LYS G 591 26.26 -2.59 33.19
N GLN G 592 25.25 -1.81 33.58
CA GLN G 592 25.49 -0.64 34.42
C GLN G 592 26.02 -1.06 35.79
N GLN G 593 25.46 -2.14 36.37
CA GLN G 593 25.86 -2.53 37.71
C GLN G 593 27.28 -3.07 37.73
N LYS G 594 27.71 -3.75 36.67
CA LYS G 594 29.10 -4.20 36.61
C LYS G 594 30.03 -3.04 36.28
N LEU G 595 29.55 -2.05 35.52
CA LEU G 595 30.37 -0.87 35.26
C LEU G 595 30.52 -0.02 36.51
N ASP G 596 29.50 -0.02 37.38
CA ASP G 596 29.55 0.78 38.60
C ASP G 596 30.54 0.22 39.61
N ASN G 597 30.56 -1.10 39.78
CA ASN G 597 31.38 -1.70 40.83
C ASN G 597 32.87 -1.60 40.51
N GLU G 598 33.24 -1.76 39.23
CA GLU G 598 34.65 -1.62 38.87
C GLU G 598 35.11 -0.18 39.02
N ASN G 599 34.20 0.78 38.88
CA ASN G 599 34.55 2.18 39.16
C ASN G 599 34.95 2.34 40.61
N PHE G 600 34.17 1.79 41.54
CA PHE G 600 34.44 1.96 42.96
C PHE G 600 35.72 1.23 43.37
N ASN G 601 36.00 0.10 42.73
CA ASN G 601 37.19 -0.68 43.08
C ASN G 601 38.47 0.08 42.74
N ILE G 602 38.50 0.74 41.58
CA ILE G 602 39.73 1.40 41.16
C ILE G 602 39.90 2.76 41.82
N LYS G 603 38.83 3.36 42.31
CA LYS G 603 38.98 4.61 43.06
C LYS G 603 39.82 4.41 44.30
N SER G 604 39.53 3.34 45.06
CA SER G 604 40.32 3.06 46.26
C SER G 604 41.72 2.61 45.89
N GLU G 605 41.86 1.85 44.81
CA GLU G 605 43.15 1.26 44.47
C GLU G 605 44.20 2.32 44.17
N PHE G 606 43.89 3.27 43.29
CA PHE G 606 44.87 4.28 42.94
C PHE G 606 45.12 5.24 44.10
N VAL G 607 44.06 5.60 44.83
CA VAL G 607 44.24 6.45 46.01
C VAL G 607 45.09 5.73 47.04
N GLU G 608 44.89 4.42 47.22
CA GLU G 608 45.83 3.63 47.99
C GLU G 608 47.21 3.69 47.36
N LYS G 609 47.28 3.51 46.03
CA LYS G 609 48.56 3.53 45.34
C LYS G 609 49.23 4.88 45.48
N LEU G 610 48.47 5.97 45.35
CA LEU G 610 49.05 7.31 45.42
C LEU G 610 49.69 7.56 46.78
N LYS G 611 49.00 7.19 47.85
CA LYS G 611 49.54 7.43 49.19
C LYS G 611 50.62 6.43 49.55
N GLU G 612 50.50 5.18 49.08
CA GLU G 612 51.46 4.16 49.48
C GLU G 612 52.81 4.32 48.81
N LEU G 613 52.92 5.12 47.76
CA LEU G 613 54.21 5.43 47.15
C LEU G 613 54.67 6.85 47.42
N GLU G 614 53.74 7.75 47.74
CA GLU G 614 54.11 9.09 48.16
C GLU G 614 54.89 9.05 49.48
N LYS G 615 54.72 7.98 50.25
CA LYS G 615 55.44 7.86 51.52
C LYS G 615 56.93 7.68 51.28
N GLU G 616 57.32 6.57 50.65
CA GLU G 616 58.73 6.29 50.41
C GLU G 616 59.38 7.30 49.48
N SER G 617 58.62 7.88 48.55
CA SER G 617 59.14 8.99 47.76
C SER G 617 59.52 10.15 48.65
N VAL G 618 58.66 10.48 49.62
CA VAL G 618 59.00 11.50 50.61
C VAL G 618 59.93 10.94 51.68
N LYS G 619 59.74 9.68 52.07
CA LYS G 619 60.47 9.11 53.20
C LYS G 619 61.97 9.23 53.04
N LEU G 620 62.46 9.29 51.80
CA LEU G 620 63.89 9.49 51.60
C LEU G 620 64.38 10.83 52.14
N GLU G 621 63.48 11.79 52.37
CA GLU G 621 63.90 13.12 52.81
C GLU G 621 64.66 13.07 54.13
N VAL G 622 64.39 12.08 54.98
CA VAL G 622 65.10 11.99 56.26
C VAL G 622 66.57 11.68 56.01
N GLU G 623 66.88 10.91 54.97
CA GLU G 623 68.27 10.61 54.66
C GLU G 623 69.00 11.85 54.16
N ILE G 624 68.42 12.58 53.23
CA ILE G 624 69.05 13.79 52.73
C ILE G 624 69.11 14.84 53.83
N ASP G 625 68.03 14.99 54.61
CA ASP G 625 68.04 15.94 55.71
C ASP G 625 69.06 15.55 56.77
N ARG G 626 69.26 14.25 56.96
CA ARG G 626 70.30 13.78 57.88
C ARG G 626 71.67 14.25 57.44
N LEU G 627 71.82 14.59 56.16
CA LEU G 627 73.14 14.91 55.64
C LEU G 627 73.51 16.36 55.92
N LYS G 628 72.57 17.30 55.79
CA LYS G 628 72.92 18.71 56.01
C LYS G 628 73.41 18.94 57.43
N GLU G 629 72.71 18.37 58.41
CA GLU G 629 73.17 18.53 59.79
C GLU G 629 74.53 17.87 60.01
N GLU G 630 74.85 16.83 59.21
CA GLU G 630 76.18 16.26 59.26
C GLU G 630 77.19 17.17 58.56
N LYS G 631 76.74 17.94 57.58
CA LYS G 631 77.61 18.94 56.96
C LYS G 631 78.02 20.01 57.96
N ALA G 632 77.04 20.61 58.64
CA ALA G 632 77.34 21.63 59.62
C ALA G 632 78.12 21.05 60.80
N ASP G 633 77.79 19.81 61.19
CA ASP G 633 78.54 19.15 62.25
C ASP G 633 79.98 18.94 61.86
N LEU G 634 80.23 18.52 60.62
CA LEU G 634 81.60 18.20 60.21
C LEU G 634 82.48 19.45 60.16
N LEU G 635 81.99 20.52 59.54
CA LEU G 635 82.78 21.74 59.47
C LEU G 635 82.90 22.39 60.85
N ALA G 636 81.93 22.16 61.73
CA ALA G 636 82.08 22.61 63.11
C ALA G 636 83.22 21.88 63.80
N GLU G 637 83.43 20.61 63.45
CA GLU G 637 84.58 19.88 63.98
C GLU G 637 85.88 20.44 63.42
N ILE G 638 85.87 20.90 62.17
CA ILE G 638 87.02 21.62 61.63
C ILE G 638 87.28 22.88 62.43
N VAL G 639 86.22 23.64 62.72
CA VAL G 639 86.36 24.87 63.50
C VAL G 639 86.89 24.54 64.89
N GLU G 640 86.32 23.51 65.53
CA GLU G 640 86.75 23.16 66.88
C GLU G 640 88.17 22.61 66.88
N SER G 641 88.49 21.71 65.94
CA SER G 641 89.83 21.14 65.89
C SER G 641 90.88 22.19 65.59
N GLU G 642 90.58 23.10 64.66
CA GLU G 642 91.51 24.20 64.36
C GLU G 642 91.61 25.17 65.53
N ARG G 643 90.63 25.16 66.43
CA ARG G 643 90.76 25.91 67.67
C ARG G 643 91.76 25.23 68.60
N GLN G 644 91.72 23.89 68.66
CA GLN G 644 92.65 23.16 69.52
C GLN G 644 94.08 23.31 69.06
N ILE G 645 94.31 23.25 67.74
CA ILE G 645 95.67 23.26 67.23
C ILE G 645 96.34 24.61 67.54
N LEU G 646 95.59 25.71 67.46
CA LEU G 646 96.18 27.03 67.62
C LEU G 646 96.55 27.30 69.08
N LEU G 647 95.67 26.94 70.01
CA LEU G 647 96.04 27.05 71.42
C LEU G 647 97.12 26.03 71.77
N TRP G 648 97.11 24.88 71.09
CA TRP G 648 98.25 23.98 71.20
C TRP G 648 99.47 24.61 70.52
N GLU G 649 99.25 25.30 69.40
CA GLU G 649 100.30 26.09 68.74
C GLU G 649 100.70 27.29 69.59
N ARG G 650 99.79 27.76 70.45
CA ARG G 650 100.15 28.82 71.39
C ARG G 650 101.28 28.36 72.31
N LYS G 651 101.36 27.05 72.57
CA LYS G 651 102.39 26.52 73.44
C LYS G 651 103.72 26.35 72.71
N ILE G 652 103.76 26.62 71.40
CA ILE G 652 105.04 26.67 70.70
C ILE G 652 105.93 27.73 71.31
N GLN G 653 105.52 28.99 71.21
CA GLN G 653 106.42 30.09 71.54
C GLN G 653 106.59 30.25 73.05
N LEU G 654 105.52 30.08 73.83
CA LEU G 654 105.61 30.29 75.26
C LEU G 654 106.57 29.30 75.90
N GLU G 655 106.57 28.06 75.40
CA GLU G 655 107.55 27.08 75.86
C GLU G 655 108.92 27.33 75.23
N LYS G 656 108.93 27.87 74.01
CA LYS G 656 110.21 28.04 73.31
C LYS G 656 110.93 29.31 73.75
N GLU G 657 110.20 30.43 73.90
CA GLU G 657 110.83 31.66 74.36
C GLU G 657 111.33 31.52 75.79
N MET G 658 110.80 30.54 76.52
CA MET G 658 111.33 30.23 77.84
C MET G 658 112.46 29.21 77.79
N GLN G 659 112.37 28.23 76.90
CA GLN G 659 113.39 27.19 76.83
C GLN G 659 114.74 27.74 76.39
N ASP G 660 114.75 28.58 75.34
CA ASP G 660 116.01 29.17 74.90
C ASP G 660 116.57 30.16 75.92
N ALA G 661 115.73 30.70 76.81
CA ALA G 661 116.24 31.56 77.86
C ALA G 661 117.18 30.79 78.79
N LEU G 662 116.81 29.56 79.15
CA LEU G 662 117.72 28.70 79.91
C LEU G 662 118.96 28.37 79.11
N ASP G 663 118.80 28.10 77.82
CA ASP G 663 119.94 27.79 76.96
C ASP G 663 120.65 29.07 76.52
N THR G 669 124.34 30.70 80.23
CA THR G 669 125.16 31.40 79.24
C THR G 669 126.39 32.00 79.88
N GLU G 670 126.17 33.00 80.74
CA GLU G 670 127.27 33.66 81.43
C GLU G 670 127.90 32.81 82.52
N ILE G 671 127.30 31.67 82.85
CA ILE G 671 127.84 30.82 83.91
C ILE G 671 129.25 30.37 83.56
N GLN G 672 129.50 30.09 82.28
CA GLN G 672 130.83 29.66 81.86
C GLN G 672 131.88 30.74 82.11
N GLU G 673 131.56 32.00 81.83
CA GLU G 673 132.56 33.04 81.97
C GLU G 673 132.76 33.45 83.43
N LEU G 674 131.75 33.30 84.29
CA LEU G 674 132.03 33.41 85.72
C LEU G 674 132.87 32.25 86.21
N LYS G 675 132.71 31.07 85.62
CA LYS G 675 133.65 29.99 85.89
C LYS G 675 135.05 30.40 85.45
N ARG G 676 135.15 31.21 84.41
CA ARG G 676 136.43 31.82 84.05
C ARG G 676 136.82 32.91 85.04
N GLU G 677 135.85 33.71 85.48
CA GLU G 677 136.15 34.76 86.46
C GLU G 677 136.59 34.15 87.79
N ILE G 678 135.87 33.13 88.27
CA ILE G 678 136.29 32.47 89.50
C ILE G 678 137.59 31.70 89.29
N HIS G 679 137.84 31.23 88.06
CA HIS G 679 139.11 30.59 87.76
C HIS G 679 140.26 31.60 87.90
N ARG G 680 140.01 32.86 87.56
CA ARG G 680 141.03 33.89 87.75
C ARG G 680 141.35 34.06 89.22
N MET G 681 140.35 33.92 90.09
CA MET G 681 140.61 33.90 91.53
C MET G 681 141.44 32.68 91.91
N GLU G 682 141.02 31.50 91.44
CA GLU G 682 141.74 30.29 91.79
C GLU G 682 143.19 30.33 91.29
N LEU G 683 143.40 30.91 90.10
CA LEU G 683 144.76 31.07 89.60
C LEU G 683 145.58 31.99 90.50
N ARG G 684 144.95 33.05 91.02
CA ARG G 684 145.68 33.97 91.89
C ARG G 684 145.96 33.33 93.24
N LEU G 685 144.94 32.69 93.85
CA LEU G 685 145.15 32.05 95.14
C LEU G 685 146.21 30.96 95.08
N ASP G 686 146.38 30.33 93.90
CA ASP G 686 147.40 29.30 93.77
C ASP G 686 148.79 29.87 94.02
N ASP G 687 149.05 31.07 93.51
CA ASP G 687 150.33 31.72 93.77
C ASP G 687 150.43 32.17 95.23
N LEU G 688 149.28 32.30 95.90
CA LEU G 688 149.27 32.92 97.22
C LEU G 688 149.76 32.00 98.32
N ARG G 689 149.53 30.69 98.24
CA ARG G 689 150.09 29.82 99.28
C ARG G 689 151.61 29.84 99.27
N LYS G 690 152.22 30.31 98.18
CA LYS G 690 153.68 30.35 98.11
C LYS G 690 154.28 31.13 99.28
N LYS G 691 153.59 32.16 99.75
CA LYS G 691 154.12 32.95 100.87
C LYS G 691 153.91 32.28 102.21
N GLN G 692 152.93 31.38 102.33
CA GLN G 692 152.71 30.68 103.59
C GLN G 692 153.91 29.83 103.98
N GLU G 693 154.50 29.11 103.01
CA GLU G 693 155.77 28.45 103.30
C GLU G 693 156.91 29.46 103.34
N ALA G 694 156.80 30.54 102.57
CA ALA G 694 157.88 31.51 102.51
C ALA G 694 158.01 32.31 103.79
N ILE G 695 156.88 32.77 104.34
CA ILE G 695 156.93 33.65 105.51
C ILE G 695 157.42 32.91 106.75
N ILE G 696 157.30 31.58 106.79
CA ILE G 696 157.77 30.83 107.94
C ILE G 696 159.19 30.32 107.80
N ALA G 697 159.75 30.37 106.58
CA ALA G 697 161.12 29.89 106.38
C ALA G 697 162.12 30.76 107.11
N GLU G 698 161.93 32.07 107.10
CA GLU G 698 162.84 33.00 107.75
C GLU G 698 162.46 33.23 109.20
N ILE H 636 -152.23 -77.08 65.80
CA ILE H 636 -152.66 -75.82 65.20
C ILE H 636 -151.61 -74.75 65.41
N ASP H 637 -150.60 -75.04 66.25
CA ASP H 637 -149.51 -74.11 66.44
C ASP H 637 -148.73 -73.91 65.14
N PHE H 638 -148.50 -75.00 64.40
CA PHE H 638 -147.82 -74.89 63.11
C PHE H 638 -148.80 -74.58 61.98
N GLU H 639 -150.10 -74.51 62.27
CA GLU H 639 -151.07 -74.14 61.25
C GLU H 639 -150.90 -72.68 60.85
N GLN H 640 -150.81 -71.78 61.83
CA GLN H 640 -150.50 -70.39 61.52
C GLN H 640 -149.06 -70.24 61.04
N LEU H 641 -148.17 -71.13 61.48
CA LEU H 641 -146.82 -71.16 60.93
C LEU H 641 -146.83 -71.57 59.47
N LYS H 642 -147.61 -72.61 59.14
CA LYS H 642 -147.72 -73.06 57.75
C LYS H 642 -148.33 -71.97 56.88
N ILE H 643 -149.35 -71.28 57.39
CA ILE H 643 -149.95 -70.17 56.65
C ILE H 643 -148.93 -69.06 56.45
N GLU H 644 -148.19 -68.71 57.50
CA GLU H 644 -147.18 -67.66 57.38
C GLU H 644 -146.07 -68.07 56.42
N ASN H 645 -145.48 -69.25 56.63
CA ASN H 645 -144.38 -69.69 55.77
C ASN H 645 -144.84 -69.99 54.36
N GLN H 646 -146.15 -70.14 54.13
CA GLN H 646 -146.66 -70.31 52.78
C GLN H 646 -146.43 -69.08 51.91
N THR H 647 -146.38 -67.89 52.51
CA THR H 647 -146.31 -66.65 51.75
C THR H 647 -144.96 -65.95 51.80
N LEU H 648 -143.95 -66.55 52.45
CA LEU H 648 -142.60 -66.00 52.35
C LEU H 648 -142.10 -66.01 50.91
N ASN H 649 -142.35 -67.10 50.19
CA ASN H 649 -142.03 -67.10 48.77
C ASN H 649 -142.88 -66.09 48.01
N GLU H 650 -144.15 -65.94 48.42
CA GLU H 650 -145.03 -64.99 47.74
C GLU H 650 -144.53 -63.56 47.88
N LYS H 651 -144.05 -63.18 49.07
CA LYS H 651 -143.49 -61.85 49.25
C LYS H 651 -142.07 -61.74 48.71
N ILE H 652 -141.44 -62.85 48.35
CA ILE H 652 -140.13 -62.80 47.71
C ILE H 652 -140.27 -62.92 46.20
N GLU H 653 -141.29 -63.64 45.72
CA GLU H 653 -141.57 -63.67 44.29
C GLU H 653 -142.01 -62.29 43.79
N GLU H 654 -142.66 -61.50 44.64
CA GLU H 654 -142.91 -60.10 44.30
C GLU H 654 -141.60 -59.34 44.15
N ARG H 655 -140.62 -59.63 45.01
CA ARG H 655 -139.29 -59.05 44.86
C ARG H 655 -138.67 -59.46 43.54
N ASN H 656 -138.80 -60.73 43.17
CA ASN H 656 -138.31 -61.17 41.86
C ASN H 656 -139.07 -60.50 40.73
N GLU H 657 -140.34 -60.15 40.98
CA GLU H 657 -141.09 -59.39 39.99
C GLU H 657 -140.51 -57.99 39.81
N GLU H 658 -140.14 -57.34 40.91
CA GLU H 658 -139.61 -55.97 40.82
C GLU H 658 -138.13 -55.96 40.47
N LEU H 659 -137.44 -57.10 40.62
CA LEU H 659 -136.04 -57.15 40.19
C LEU H 659 -135.92 -57.05 38.68
N HIS H 660 -136.93 -57.55 37.96
CA HIS H 660 -136.93 -57.44 36.50
C HIS H 660 -137.25 -56.02 36.04
N LYS H 661 -138.22 -55.37 36.68
CA LYS H 661 -138.62 -54.04 36.26
C LYS H 661 -137.68 -52.94 36.75
N LEU H 662 -136.73 -53.26 37.61
CA LEU H 662 -135.71 -52.27 37.94
C LEU H 662 -134.52 -52.34 36.99
N LYS H 663 -134.22 -53.53 36.46
CA LYS H 663 -133.08 -53.68 35.56
C LYS H 663 -133.46 -53.39 34.11
N LYS H 664 -134.75 -53.21 33.81
CA LYS H 664 -135.12 -52.69 32.50
C LYS H 664 -134.60 -51.26 32.32
N LYS H 665 -134.61 -50.48 33.41
CA LYS H 665 -133.98 -49.16 33.36
C LYS H 665 -132.46 -49.30 33.41
N ASN H 666 -131.95 -50.34 34.09
CA ASN H 666 -130.51 -50.54 34.15
C ASN H 666 -129.92 -50.75 32.77
N THR H 667 -130.59 -51.57 31.94
CA THR H 667 -130.10 -51.81 30.59
C THR H 667 -130.15 -50.54 29.75
N THR H 668 -131.28 -49.81 29.81
CA THR H 668 -131.40 -48.58 29.03
C THR H 668 -130.42 -47.52 29.53
N THR H 669 -130.26 -47.39 30.85
CA THR H 669 -129.25 -46.48 31.37
C THR H 669 -127.84 -46.93 30.99
N ILE H 670 -127.61 -48.25 30.98
CA ILE H 670 -126.36 -48.77 30.42
C ILE H 670 -126.34 -48.53 28.91
N GLN H 671 -127.49 -48.67 28.24
CA GLN H 671 -127.54 -48.36 26.82
C GLN H 671 -127.19 -46.89 26.56
N ILE H 672 -127.75 -45.97 27.35
CA ILE H 672 -127.34 -44.58 27.27
C ILE H 672 -125.89 -44.44 27.70
N LEU H 673 -125.46 -45.23 28.67
CA LEU H 673 -124.05 -45.26 29.05
C LEU H 673 -123.18 -45.71 27.88
N THR H 674 -123.62 -46.74 27.16
CA THR H 674 -122.87 -47.15 25.97
C THR H 674 -123.05 -46.14 24.84
N HIS H 675 -124.23 -45.52 24.75
CA HIS H 675 -124.47 -44.50 23.72
C HIS H 675 -123.57 -43.29 23.95
N THR H 676 -123.44 -42.84 25.19
CA THR H 676 -122.59 -41.68 25.45
C THR H 676 -121.12 -42.02 25.29
N ARG H 677 -120.72 -43.26 25.57
CA ARG H 677 -119.33 -43.65 25.36
C ARG H 677 -118.95 -43.56 23.89
N GLU H 678 -119.81 -44.06 23.00
CA GLU H 678 -119.61 -43.84 21.58
C GLU H 678 -119.71 -42.37 21.24
N LYS H 679 -120.66 -41.66 21.84
CA LYS H 679 -120.77 -40.22 21.65
C LYS H 679 -119.51 -39.50 22.12
N LEU H 680 -119.08 -39.76 23.35
CA LEU H 680 -117.85 -39.13 23.83
C LEU H 680 -116.63 -39.70 23.11
N GLY H 681 -116.58 -41.01 22.91
CA GLY H 681 -115.47 -41.59 22.17
C GLY H 681 -115.33 -41.00 20.79
N PHE H 682 -116.43 -40.52 20.22
CA PHE H 682 -116.36 -39.81 18.94
C PHE H 682 -115.80 -38.41 19.10
N VAL H 683 -116.22 -37.67 20.13
CA VAL H 683 -115.87 -36.25 20.20
C VAL H 683 -114.40 -36.09 20.55
N GLN H 684 -113.91 -36.77 21.60
CA GLN H 684 -112.50 -36.63 21.93
C GLN H 684 -111.60 -37.20 20.83
N GLY H 685 -112.14 -38.07 19.99
CA GLY H 685 -111.44 -38.40 18.75
C GLY H 685 -111.39 -37.21 17.81
N GLU H 686 -112.52 -36.51 17.66
CA GLU H 686 -112.53 -35.30 16.84
C GLU H 686 -111.76 -34.18 17.51
N ASN H 687 -111.89 -34.05 18.84
CA ASN H 687 -111.12 -33.06 19.58
C ASN H 687 -109.61 -33.25 19.37
N GLY H 688 -109.14 -34.49 19.44
CA GLY H 688 -107.76 -34.77 19.11
C GLY H 688 -107.45 -34.39 17.68
N GLU H 689 -108.40 -34.59 16.77
CA GLU H 689 -108.23 -34.11 15.40
C GLU H 689 -108.39 -32.60 15.34
N LEU H 690 -109.27 -32.03 16.17
CA LEU H 690 -109.35 -30.58 16.27
C LEU H 690 -108.03 -29.98 16.73
N ASN H 691 -107.45 -30.54 17.80
CA ASN H 691 -106.12 -30.10 18.20
C ASN H 691 -105.10 -30.42 17.11
N SER H 692 -105.24 -31.59 16.46
CA SER H 692 -104.30 -31.97 15.41
C SER H 692 -104.31 -30.96 14.26
N GLN H 693 -105.50 -30.63 13.75
CA GLN H 693 -105.57 -29.65 12.67
C GLN H 693 -105.11 -28.28 13.15
N ASN H 694 -105.39 -27.94 14.41
CA ASN H 694 -104.88 -26.70 14.98
C ASN H 694 -103.36 -26.67 14.98
N VAL H 695 -102.73 -27.84 15.14
CA VAL H 695 -101.27 -27.90 15.21
C VAL H 695 -100.66 -27.58 13.85
N ARG H 696 -100.93 -28.42 12.85
CA ARG H 696 -100.19 -28.30 11.59
C ARG H 696 -100.71 -27.16 10.71
N LYS H 697 -101.82 -26.52 11.09
CA LYS H 697 -102.17 -25.26 10.44
C LYS H 697 -101.11 -24.21 10.72
N ASP H 698 -100.61 -24.15 11.96
CA ASP H 698 -99.69 -23.10 12.34
C ASP H 698 -98.39 -23.17 11.52
N GLN H 699 -97.85 -24.37 11.34
CA GLN H 699 -96.64 -24.49 10.52
C GLN H 699 -96.90 -24.10 9.07
N GLU H 700 -98.03 -24.54 8.50
CA GLU H 700 -98.34 -24.16 7.12
C GLU H 700 -98.81 -22.71 7.03
N LEU H 701 -99.42 -22.17 8.09
CA LEU H 701 -99.62 -20.73 8.16
C LEU H 701 -98.29 -19.99 8.23
N ASP H 702 -97.36 -20.49 9.05
CA ASP H 702 -96.00 -19.94 9.05
C ASP H 702 -95.32 -20.20 7.71
N ASP H 703 -95.50 -21.40 7.15
CA ASP H 703 -94.93 -21.69 5.84
C ASP H 703 -95.50 -20.76 4.78
N MET H 704 -96.81 -20.53 4.80
CA MET H 704 -97.41 -19.57 3.88
C MET H 704 -96.89 -18.16 4.14
N ARG H 705 -96.79 -17.76 5.41
CA ARG H 705 -96.24 -16.45 5.73
C ARG H 705 -94.79 -16.34 5.27
N LYS H 706 -94.01 -17.39 5.48
CA LYS H 706 -92.61 -17.37 5.05
C LYS H 706 -92.48 -17.32 3.54
N GLN H 707 -93.29 -18.10 2.82
CA GLN H 707 -93.07 -18.15 1.38
C GLN H 707 -93.60 -16.92 0.66
N LEU H 708 -94.59 -16.21 1.20
CA LEU H 708 -94.79 -14.83 0.74
C LEU H 708 -93.61 -13.95 1.09
N THR H 709 -93.07 -14.11 2.30
CA THR H 709 -92.00 -13.22 2.76
C THR H 709 -90.78 -13.31 1.85
N GLN H 710 -90.40 -14.54 1.47
CA GLN H 710 -89.29 -14.69 0.54
C GLN H 710 -89.67 -14.23 -0.87
N GLN H 711 -90.97 -14.11 -1.17
CA GLN H 711 -91.37 -13.57 -2.45
C GLN H 711 -91.15 -12.05 -2.51
N LYS H 712 -91.38 -11.33 -1.41
CA LYS H 712 -90.99 -9.92 -1.39
C LYS H 712 -89.48 -9.77 -1.55
N LYS H 713 -88.71 -10.62 -0.87
CA LYS H 713 -87.26 -10.53 -0.97
C LYS H 713 -86.78 -10.80 -2.40
N THR H 714 -87.55 -11.57 -3.17
CA THR H 714 -87.22 -11.75 -4.58
C THR H 714 -87.59 -10.52 -5.39
N LYS H 715 -88.89 -10.19 -5.43
CA LYS H 715 -89.37 -9.12 -6.30
C LYS H 715 -88.73 -7.78 -5.96
N ASP H 716 -88.26 -7.60 -4.73
CA ASP H 716 -87.55 -6.37 -4.38
C ASP H 716 -86.24 -6.26 -5.15
N LYS H 717 -85.55 -7.38 -5.33
CA LYS H 717 -84.30 -7.36 -6.09
C LYS H 717 -84.55 -7.26 -7.58
N LEU H 718 -85.67 -7.80 -8.06
CA LEU H 718 -85.95 -7.79 -9.51
C LEU H 718 -86.05 -6.37 -10.05
N ARG H 719 -86.87 -5.53 -9.44
CA ARG H 719 -87.02 -4.19 -10.01
C ARG H 719 -85.82 -3.31 -9.67
N SER H 720 -85.03 -3.67 -8.66
CA SER H 720 -83.78 -2.97 -8.41
C SER H 720 -82.76 -3.27 -9.50
N VAL H 721 -82.60 -4.55 -9.84
CA VAL H 721 -81.67 -4.90 -10.92
C VAL H 721 -82.27 -4.55 -12.27
N ASN H 722 -83.59 -4.44 -12.35
CA ASN H 722 -84.21 -3.85 -13.52
C ASN H 722 -83.79 -2.39 -13.65
N LEU H 723 -83.69 -1.69 -12.52
CA LEU H 723 -83.28 -0.29 -12.54
C LEU H 723 -81.83 -0.15 -12.99
N THR H 724 -80.97 -1.11 -12.61
CA THR H 724 -79.58 -1.06 -13.04
C THR H 724 -79.45 -1.29 -14.54
N LEU H 725 -80.14 -2.30 -15.07
CA LEU H 725 -80.05 -2.60 -16.49
C LEU H 725 -80.71 -1.52 -17.33
N LYS H 726 -81.74 -0.86 -16.81
CA LYS H 726 -82.39 0.22 -17.54
C LYS H 726 -81.50 1.46 -17.61
N GLN H 727 -80.72 1.73 -16.57
CA GLN H 727 -79.93 2.95 -16.46
C GLN H 727 -78.92 3.12 -17.59
N GLN H 728 -78.74 2.09 -18.42
CA GLN H 728 -77.75 2.16 -19.48
C GLN H 728 -78.17 3.13 -20.57
N THR H 729 -79.30 2.85 -21.22
CA THR H 729 -79.77 3.66 -22.33
C THR H 729 -80.28 5.02 -21.86
N SER H 734 -70.67 -4.27 -28.71
CA SER H 734 -70.09 -4.38 -27.37
C SER H 734 -69.63 -3.02 -26.87
N GLU H 735 -69.20 -2.97 -25.60
CA GLU H 735 -68.67 -1.76 -25.01
C GLU H 735 -67.26 -1.96 -24.45
N GLU H 736 -66.65 -3.12 -24.69
CA GLU H 736 -65.25 -3.37 -24.36
C GLU H 736 -64.38 -3.30 -25.60
N LEU H 737 -64.97 -3.27 -26.79
CA LEU H 737 -64.24 -3.29 -28.04
C LEU H 737 -64.48 -2.01 -28.85
N GLY H 738 -64.81 -0.92 -28.15
CA GLY H 738 -65.13 0.32 -28.85
C GLY H 738 -63.96 0.86 -29.65
N GLN H 739 -62.76 0.85 -29.05
CA GLN H 739 -61.57 1.27 -29.77
C GLN H 739 -60.93 0.12 -30.53
N ASP H 740 -61.09 -1.12 -30.05
CA ASP H 740 -60.56 -2.27 -30.77
C ASP H 740 -61.20 -2.39 -32.15
N TYR H 741 -62.44 -1.95 -32.29
CA TYR H 741 -63.03 -1.81 -33.62
C TYR H 741 -62.48 -0.56 -34.32
N ARG H 742 -62.28 0.52 -33.56
CA ARG H 742 -61.91 1.80 -34.18
C ARG H 742 -60.51 1.77 -34.77
N ASP H 743 -59.53 1.23 -34.02
CA ASP H 743 -58.19 1.13 -34.58
C ASP H 743 -58.12 0.12 -35.71
N LEU H 744 -58.99 -0.90 -35.67
CA LEU H 744 -59.06 -1.86 -36.78
C LEU H 744 -59.52 -1.19 -38.06
N ARG H 745 -60.30 -0.10 -37.94
CA ARG H 745 -60.62 0.72 -39.10
C ARG H 745 -59.34 1.22 -39.76
N THR H 746 -58.46 1.83 -38.97
CA THR H 746 -57.21 2.38 -39.50
C THR H 746 -56.18 1.29 -39.76
N ARG H 747 -56.15 0.26 -38.92
CA ARG H 747 -55.16 -0.80 -39.09
C ARG H 747 -55.36 -1.52 -40.42
N VAL H 748 -56.61 -1.78 -40.80
CA VAL H 748 -56.89 -2.23 -42.15
C VAL H 748 -56.62 -1.12 -43.16
N SER H 749 -56.90 0.13 -42.79
CA SER H 749 -56.86 1.22 -43.76
C SER H 749 -55.48 1.43 -44.34
N LYS H 750 -54.43 1.45 -43.49
CA LYS H 750 -53.11 1.71 -44.02
C LYS H 750 -52.59 0.53 -44.84
N LEU H 751 -53.09 -0.68 -44.57
CA LEU H 751 -52.69 -1.84 -45.37
C LEU H 751 -53.26 -1.76 -46.78
N GLU H 752 -54.37 -1.04 -46.98
CA GLU H 752 -54.94 -0.91 -48.31
C GLU H 752 -54.00 -0.14 -49.22
N GLU H 753 -53.51 1.03 -48.77
CA GLU H 753 -52.59 1.81 -49.58
C GLU H 753 -51.17 1.29 -49.51
N GLU H 754 -50.86 0.45 -48.50
CA GLU H 754 -49.55 -0.18 -48.45
C GLU H 754 -49.35 -1.13 -49.63
N LYS H 755 -50.41 -1.85 -50.01
CA LYS H 755 -50.34 -2.68 -51.21
C LYS H 755 -50.08 -1.84 -52.45
N LYS H 756 -50.61 -0.62 -52.48
CA LYS H 756 -50.31 0.29 -53.58
C LYS H 756 -48.82 0.63 -53.59
N ARG H 757 -48.23 0.82 -52.41
CA ARG H 757 -46.79 1.02 -52.32
C ARG H 757 -46.02 -0.18 -52.83
N LEU H 758 -46.47 -1.38 -52.48
CA LEU H 758 -45.75 -2.58 -52.93
C LEU H 758 -45.94 -2.81 -54.42
N GLU H 759 -47.10 -2.44 -54.97
CA GLU H 759 -47.35 -2.66 -56.39
C GLU H 759 -46.56 -1.70 -57.26
N GLN H 760 -46.46 -0.43 -56.84
CA GLN H 760 -45.72 0.54 -57.64
C GLN H 760 -44.23 0.22 -57.66
N LYS H 761 -43.71 -0.39 -56.59
CA LYS H 761 -42.34 -0.86 -56.62
C LYS H 761 -42.21 -2.24 -57.23
N LEU H 762 -43.33 -2.93 -57.47
CA LEU H 762 -43.31 -4.21 -58.16
C LEU H 762 -43.54 -4.02 -59.66
N ARG H 763 -44.47 -3.14 -60.02
CA ARG H 763 -44.63 -2.79 -61.42
C ARG H 763 -43.38 -2.12 -61.97
N SER H 764 -42.76 -1.23 -61.18
CA SER H 764 -41.61 -0.47 -61.67
C SER H 764 -40.50 -1.40 -62.14
N MET H 765 -40.33 -2.54 -61.46
CA MET H 765 -39.33 -3.51 -61.91
C MET H 765 -39.67 -4.05 -63.29
N HIS H 766 -40.96 -4.32 -63.56
CA HIS H 766 -41.34 -5.03 -64.77
C HIS H 766 -41.06 -4.21 -66.03
N GLU H 767 -41.35 -2.90 -66.00
CA GLU H 767 -40.94 -2.09 -67.15
C GLU H 767 -39.45 -1.78 -67.11
N ALA H 768 -38.84 -1.72 -65.92
CA ALA H 768 -37.40 -1.52 -65.85
C ALA H 768 -36.66 -2.71 -66.47
N ILE H 769 -37.15 -3.92 -66.23
CA ILE H 769 -36.59 -5.10 -66.89
C ILE H 769 -36.82 -5.02 -68.40
N LYS H 770 -38.04 -4.66 -68.81
CA LYS H 770 -38.33 -4.52 -70.22
C LYS H 770 -37.59 -3.33 -70.84
N THR H 771 -37.26 -2.33 -70.02
CA THR H 771 -36.43 -1.23 -70.53
C THR H 771 -35.06 -1.75 -70.95
N ALA H 772 -34.46 -2.62 -70.13
CA ALA H 772 -33.19 -3.22 -70.49
C ALA H 772 -33.35 -4.16 -71.69
N ASN H 773 -34.45 -4.93 -71.72
CA ASN H 773 -34.62 -5.94 -72.76
C ASN H 773 -34.65 -5.30 -74.15
N GLN H 774 -35.42 -4.22 -74.30
CA GLN H 774 -35.41 -3.51 -75.58
C GLN H 774 -34.06 -2.86 -75.86
N ILE H 775 -33.35 -2.45 -74.81
CA ILE H 775 -31.98 -1.98 -74.97
C ILE H 775 -31.05 -3.15 -75.29
N SER H 776 -31.29 -4.30 -74.65
CA SER H 776 -30.44 -5.47 -74.88
C SER H 776 -30.51 -5.95 -76.33
N THR H 777 -31.72 -5.98 -76.90
CA THR H 777 -31.89 -6.43 -78.27
C THR H 777 -31.86 -5.26 -79.25
N LEU I 212 -141.57 -77.48 59.42
CA LEU I 212 -141.29 -76.62 58.28
C LEU I 212 -140.15 -75.67 58.59
N GLN I 213 -139.31 -76.05 59.56
CA GLN I 213 -138.23 -75.16 60.00
C GLN I 213 -137.08 -75.16 59.00
N ILE I 214 -136.90 -76.24 58.24
CA ILE I 214 -135.78 -76.32 57.31
C ILE I 214 -135.90 -75.25 56.24
N GLU I 215 -137.09 -75.07 55.68
CA GLU I 215 -137.29 -74.03 54.67
C GLU I 215 -137.19 -72.63 55.28
N ASN I 216 -137.52 -72.49 56.57
CA ASN I 216 -137.51 -71.18 57.19
C ASN I 216 -136.11 -70.58 57.23
N LYS I 217 -135.11 -71.39 57.55
CA LYS I 217 -133.74 -70.88 57.61
C LYS I 217 -133.23 -70.48 56.24
N LYS I 218 -133.74 -71.12 55.18
CA LYS I 218 -133.26 -70.81 53.83
C LYS I 218 -133.84 -69.49 53.33
N TYR I 219 -135.10 -69.20 53.67
CA TYR I 219 -135.77 -68.02 53.12
C TYR I 219 -135.14 -66.73 53.62
N VAL I 220 -134.75 -66.68 54.90
CA VAL I 220 -134.11 -65.47 55.40
C VAL I 220 -132.79 -65.19 54.69
N LYS I 221 -132.14 -66.24 54.16
CA LYS I 221 -130.97 -66.05 53.32
C LYS I 221 -131.33 -65.57 51.92
N GLU I 222 -132.61 -65.61 51.54
CA GLU I 222 -133.05 -65.17 50.22
C GLU I 222 -133.50 -63.73 50.21
N ILE I 223 -133.43 -63.04 51.35
CA ILE I 223 -133.64 -61.60 51.40
C ILE I 223 -132.37 -60.84 51.77
N ASP I 224 -131.47 -61.45 52.56
CA ASP I 224 -130.21 -60.80 52.90
C ASP I 224 -129.37 -60.55 51.67
N ASP I 225 -129.32 -61.52 50.75
CA ASP I 225 -128.59 -61.33 49.50
C ASP I 225 -129.29 -60.34 48.58
N LYS I 226 -130.63 -60.31 48.60
CA LYS I 226 -131.35 -59.39 47.74
C LYS I 226 -131.33 -57.97 48.28
N ASN I 227 -131.27 -57.80 49.61
CA ASN I 227 -131.10 -56.47 50.18
C ASN I 227 -129.68 -55.95 50.04
N LYS I 228 -128.75 -56.81 49.59
CA LYS I 228 -127.38 -56.36 49.36
C LYS I 228 -127.32 -55.35 48.22
N LYS I 229 -128.10 -55.57 47.16
CA LYS I 229 -128.10 -54.65 46.03
C LYS I 229 -128.62 -53.26 46.40
N LEU I 230 -129.34 -53.14 47.52
CA LEU I 230 -129.78 -51.82 47.95
C LEU I 230 -128.61 -50.97 48.41
N LEU I 231 -127.43 -51.58 48.57
CA LEU I 231 -126.20 -50.84 48.84
C LEU I 231 -125.11 -51.08 47.82
N ALA I 232 -125.12 -52.24 47.14
CA ALA I 232 -124.07 -52.54 46.18
C ALA I 232 -124.22 -51.72 44.90
N LEU I 233 -125.43 -51.65 44.37
CA LEU I 233 -125.67 -50.94 43.11
C LEU I 233 -126.33 -49.59 43.30
N LYS I 234 -127.05 -49.38 44.41
CA LYS I 234 -127.71 -48.09 44.63
C LYS I 234 -126.70 -46.95 44.80
N ILE I 235 -125.43 -47.26 45.04
CA ILE I 235 -124.42 -46.22 45.02
C ILE I 235 -123.99 -45.94 43.58
N SER I 236 -124.18 -46.90 42.68
CA SER I 236 -123.82 -46.71 41.28
C SER I 236 -124.81 -45.82 40.54
N THR I 237 -126.10 -45.86 40.92
CA THR I 237 -127.10 -45.06 40.23
C THR I 237 -126.81 -43.56 40.38
N ASN I 238 -126.21 -43.16 41.50
CA ASN I 238 -125.84 -41.76 41.67
C ASN I 238 -124.62 -41.40 40.83
N ARG I 239 -123.70 -42.35 40.63
CA ARG I 239 -122.47 -42.05 39.91
C ARG I 239 -122.74 -41.68 38.46
N ILE I 240 -123.67 -42.39 37.81
CA ILE I 240 -123.95 -42.12 36.40
C ILE I 240 -124.61 -40.75 36.22
N SER I 241 -125.17 -40.20 37.30
CA SER I 241 -125.80 -38.88 37.20
C SER I 241 -124.76 -37.77 37.20
N GLN I 242 -123.87 -37.78 38.20
CA GLN I 242 -122.85 -36.73 38.31
C GLN I 242 -121.92 -36.73 37.10
N THR I 243 -121.53 -37.92 36.65
CA THR I 243 -120.64 -38.02 35.49
C THR I 243 -121.28 -37.42 34.24
N LEU I 244 -122.55 -37.75 34.00
CA LEU I 244 -123.24 -37.19 32.83
C LEU I 244 -123.52 -35.71 33.01
N LYS I 245 -123.77 -35.26 34.25
CA LYS I 245 -123.91 -33.83 34.49
C LYS I 245 -122.63 -33.09 34.16
N ASP I 246 -121.49 -33.66 34.54
CA ASP I 246 -120.20 -33.12 34.12
C ASP I 246 -120.03 -33.18 32.61
N GLU I 247 -120.47 -34.29 31.99
CA GLU I 247 -120.28 -34.47 30.56
C GLU I 247 -120.98 -33.37 29.76
N LYS I 248 -122.22 -33.04 30.14
CA LYS I 248 -122.94 -31.99 29.43
C LYS I 248 -122.24 -30.64 29.58
N GLN I 249 -121.73 -30.34 30.77
CA GLN I 249 -120.82 -29.21 30.91
C GLN I 249 -119.54 -29.42 30.13
N ASN I 250 -118.98 -30.64 30.19
CA ASN I 250 -117.76 -30.94 29.45
C ASN I 250 -117.99 -30.90 27.95
N LEU I 251 -119.17 -31.33 27.49
CA LEU I 251 -119.45 -31.37 26.06
C LEU I 251 -119.40 -29.96 25.47
N LYS I 252 -119.96 -28.98 26.17
CA LYS I 252 -119.90 -27.62 25.66
C LYS I 252 -118.51 -27.01 25.80
N GLN I 253 -117.74 -27.44 26.81
CA GLN I 253 -116.39 -26.90 26.99
C GLN I 253 -115.51 -27.25 25.82
N GLU I 254 -115.48 -28.53 25.44
CA GLU I 254 -114.72 -28.92 24.26
C GLU I 254 -115.34 -28.35 23.00
N LEU I 255 -116.67 -28.19 22.99
CA LEU I 255 -117.31 -27.43 21.92
C LEU I 255 -116.87 -25.97 21.97
N ASP I 256 -116.77 -25.39 23.17
CA ASP I 256 -116.38 -23.99 23.29
C ASP I 256 -114.99 -23.74 22.73
N LYS I 257 -114.05 -24.64 23.00
CA LYS I 257 -112.72 -24.52 22.41
C LYS I 257 -112.80 -24.63 20.89
N GLY I 258 -113.59 -25.57 20.39
CA GLY I 258 -113.80 -25.66 18.95
C GLY I 258 -114.60 -24.50 18.39
N LYS I 259 -115.65 -24.07 19.11
CA LYS I 259 -116.48 -22.98 18.63
C LYS I 259 -115.77 -21.63 18.70
N GLU I 260 -114.80 -21.48 19.62
CA GLU I 260 -113.99 -20.27 19.62
C GLU I 260 -113.08 -20.23 18.41
N TYR I 261 -112.74 -21.40 17.86
CA TYR I 261 -112.01 -21.50 16.61
C TYR I 261 -112.89 -21.22 15.40
N ALA I 262 -114.22 -21.27 15.55
CA ALA I 262 -115.10 -21.07 14.41
C ALA I 262 -114.90 -19.69 13.79
N SER I 263 -114.78 -18.66 14.62
CA SER I 263 -114.43 -17.35 14.11
C SER I 263 -113.03 -17.35 13.51
N GLN I 264 -112.12 -18.15 14.06
CA GLN I 264 -110.75 -18.17 13.56
C GLN I 264 -110.65 -18.88 12.21
N MET I 265 -111.32 -20.03 12.04
CA MET I 265 -111.27 -20.70 10.76
C MET I 265 -112.00 -19.89 9.69
N SER I 266 -113.11 -19.25 10.06
CA SER I 266 -113.83 -18.40 9.13
C SER I 266 -112.98 -17.19 8.73
N GLU I 267 -112.31 -16.57 9.71
CA GLU I 267 -111.48 -15.41 9.39
C GLU I 267 -110.19 -15.82 8.69
N ARG I 268 -109.66 -17.00 8.99
CA ARG I 268 -108.48 -17.49 8.26
C ARG I 268 -108.84 -17.86 6.83
N LYS I 269 -109.95 -18.58 6.64
CA LYS I 269 -110.35 -19.00 5.30
C LYS I 269 -110.60 -17.80 4.40
N LYS I 270 -111.24 -16.75 4.94
CA LYS I 270 -111.38 -15.51 4.18
C LYS I 270 -110.03 -14.81 4.04
N LYS I 271 -109.17 -14.91 5.05
CA LYS I 271 -107.81 -14.38 4.90
C LYS I 271 -106.98 -15.23 3.97
N ILE I 272 -107.13 -16.56 4.03
CA ILE I 272 -106.45 -17.42 3.06
C ILE I 272 -106.95 -17.11 1.66
N SER I 273 -108.24 -16.78 1.53
CA SER I 273 -108.80 -16.45 0.23
C SER I 273 -108.04 -15.31 -0.42
N LYS I 274 -107.84 -14.21 0.31
CA LYS I 274 -107.08 -13.09 -0.23
C LYS I 274 -105.58 -13.38 -0.25
N ILE I 275 -105.07 -14.16 0.71
CA ILE I 275 -103.66 -14.50 0.71
C ILE I 275 -103.30 -15.33 -0.51
N ASP I 276 -104.15 -16.30 -0.88
CA ASP I 276 -103.96 -16.98 -2.14
C ASP I 276 -104.14 -16.03 -3.32
N ALA I 277 -104.92 -14.97 -3.14
CA ALA I 277 -105.01 -13.93 -4.17
C ALA I 277 -103.72 -13.11 -4.22
N GLN I 278 -103.13 -12.78 -3.06
CA GLN I 278 -101.81 -12.16 -3.06
C GLN I 278 -100.76 -13.09 -3.64
N ILE I 279 -100.93 -14.41 -3.50
CA ILE I 279 -100.09 -15.34 -4.23
C ILE I 279 -100.29 -15.16 -5.73
N LYS I 280 -101.55 -15.06 -6.15
CA LYS I 280 -101.83 -14.75 -7.54
C LYS I 280 -101.47 -13.31 -7.90
N SER I 281 -101.55 -12.39 -6.93
CA SER I 281 -101.25 -10.99 -7.21
C SER I 281 -99.78 -10.81 -7.59
N VAL I 282 -98.88 -11.50 -6.90
CA VAL I 282 -97.45 -11.31 -7.17
C VAL I 282 -97.02 -12.11 -8.40
N LYS I 283 -97.68 -13.21 -8.71
CA LYS I 283 -97.33 -13.99 -9.89
C LYS I 283 -97.74 -13.30 -11.18
N LYS I 284 -98.93 -12.69 -11.19
CA LYS I 284 -99.40 -12.04 -12.41
C LYS I 284 -98.53 -10.83 -12.78
N VAL I 285 -98.05 -10.10 -11.76
CA VAL I 285 -97.17 -8.97 -12.04
C VAL I 285 -95.73 -9.43 -12.27
N THR I 286 -95.33 -10.58 -11.73
CA THR I 286 -94.02 -11.12 -12.02
C THR I 286 -93.91 -11.55 -13.48
N SER I 287 -95.04 -11.92 -14.08
CA SER I 287 -95.04 -12.27 -15.50
C SER I 287 -94.58 -11.11 -16.35
N LYS I 288 -95.06 -9.90 -16.05
CA LYS I 288 -94.55 -8.72 -16.75
C LYS I 288 -93.09 -8.47 -16.41
N LEU I 289 -92.71 -8.64 -15.15
CA LEU I 289 -91.33 -8.43 -14.74
C LEU I 289 -90.38 -9.40 -15.46
N GLU I 290 -90.87 -10.60 -15.78
CA GLU I 290 -90.06 -11.53 -16.54
C GLU I 290 -89.94 -11.09 -18.00
N LYS I 291 -91.01 -10.55 -18.57
CA LYS I 291 -91.04 -10.30 -20.00
C LYS I 291 -90.70 -8.86 -20.37
N ASP I 292 -90.94 -7.90 -19.47
CA ASP I 292 -90.60 -6.52 -19.79
C ASP I 292 -89.09 -6.35 -19.93
N ARG I 293 -88.32 -6.99 -19.05
CA ARG I 293 -86.87 -6.90 -19.12
C ARG I 293 -86.30 -7.76 -20.24
N LYS I 294 -86.86 -8.94 -20.47
CA LYS I 294 -86.37 -9.82 -21.53
C LYS I 294 -86.54 -9.16 -22.90
N ILE I 295 -87.71 -8.57 -23.15
CA ILE I 295 -87.90 -7.81 -24.38
C ILE I 295 -86.99 -6.59 -24.39
N TYR I 296 -86.84 -5.93 -23.24
CA TYR I 296 -85.92 -4.80 -23.14
C TYR I 296 -84.48 -5.25 -23.39
N ASP I 297 -84.11 -6.41 -22.86
CA ASP I 297 -82.77 -6.92 -23.08
C ASP I 297 -82.52 -7.19 -24.56
N LYS I 298 -83.48 -7.82 -25.24
CA LYS I 298 -83.36 -7.97 -26.68
C LYS I 298 -83.31 -6.60 -27.36
N GLN I 299 -84.15 -5.67 -26.91
CA GLN I 299 -84.06 -4.28 -27.36
C GLN I 299 -82.80 -3.58 -26.89
N LYS I 300 -82.04 -4.19 -25.96
CA LYS I 300 -80.86 -3.53 -25.41
C LYS I 300 -79.65 -3.70 -26.33
N GLU I 301 -79.31 -4.95 -26.68
CA GLU I 301 -78.11 -5.19 -27.48
C GLU I 301 -78.34 -5.14 -28.98
N ILE I 302 -79.54 -4.78 -29.45
CA ILE I 302 -79.73 -4.60 -30.89
C ILE I 302 -78.85 -3.46 -31.41
N PHE I 303 -78.76 -2.37 -30.66
CA PHE I 303 -77.88 -1.28 -31.04
C PHE I 303 -76.49 -1.37 -30.44
N VAL I 304 -76.27 -2.35 -29.54
CA VAL I 304 -74.92 -2.64 -29.09
C VAL I 304 -74.10 -3.25 -30.22
N GLN I 305 -74.77 -3.68 -31.29
CA GLN I 305 -74.12 -4.16 -32.51
C GLN I 305 -73.05 -3.18 -33.00
N GLN I 313 -72.00 -2.68 -36.47
CA GLN I 313 -72.60 -3.99 -36.34
C GLN I 313 -71.53 -5.07 -36.15
N ILE I 314 -71.89 -6.15 -35.46
CA ILE I 314 -70.95 -7.24 -35.25
C ILE I 314 -70.66 -8.00 -36.54
N MET I 315 -71.56 -7.96 -37.52
CA MET I 315 -71.27 -8.57 -38.81
C MET I 315 -70.18 -7.81 -39.54
N LYS I 316 -70.14 -6.49 -39.39
CA LYS I 316 -69.04 -5.71 -39.93
C LYS I 316 -67.74 -5.99 -39.19
N TYR I 317 -67.82 -6.34 -37.91
CA TYR I 317 -66.62 -6.65 -37.14
C TYR I 317 -66.04 -8.02 -37.52
N VAL I 318 -66.90 -9.02 -37.73
CA VAL I 318 -66.39 -10.35 -38.04
C VAL I 318 -65.86 -10.42 -39.47
N GLN I 319 -66.37 -9.58 -40.37
CA GLN I 319 -65.95 -9.65 -41.76
C GLN I 319 -64.76 -8.75 -42.08
N TYR I 320 -64.52 -7.70 -41.29
CA TYR I 320 -63.25 -7.01 -41.36
C TYR I 320 -62.14 -7.78 -40.67
N LYS I 321 -62.47 -8.55 -39.64
CA LYS I 321 -61.50 -9.50 -39.09
C LYS I 321 -61.12 -10.53 -40.15
N SER I 322 -62.05 -10.86 -41.05
CA SER I 322 -61.73 -11.77 -42.14
C SER I 322 -60.96 -11.05 -43.25
N LYS I 323 -61.27 -9.78 -43.51
CA LYS I 323 -60.58 -9.06 -44.57
C LYS I 323 -59.17 -8.65 -44.16
N GLU I 324 -58.95 -8.45 -42.86
CA GLU I 324 -57.59 -8.13 -42.40
C GLU I 324 -56.64 -9.30 -42.66
N GLN I 325 -57.07 -10.52 -42.37
CA GLN I 325 -56.22 -11.69 -42.61
C GLN I 325 -55.91 -11.85 -44.09
N GLN I 326 -56.83 -11.44 -44.97
CA GLN I 326 -56.56 -11.48 -46.40
C GLN I 326 -55.43 -10.54 -46.77
N LEU I 327 -55.41 -9.34 -46.18
CA LEU I 327 -54.39 -8.36 -46.51
C LEU I 327 -53.00 -8.82 -46.08
N LEU I 328 -52.90 -9.43 -44.89
CA LEU I 328 -51.60 -9.91 -44.42
C LEU I 328 -51.05 -11.00 -45.34
N TYR I 329 -51.91 -11.91 -45.80
CA TYR I 329 -51.46 -12.94 -46.73
C TYR I 329 -51.13 -12.34 -48.09
N ALA I 330 -51.92 -11.36 -48.54
CA ALA I 330 -51.71 -10.79 -49.87
C ALA I 330 -50.38 -10.06 -49.96
N ILE I 331 -50.03 -9.28 -48.92
CA ILE I 331 -48.77 -8.55 -48.94
C ILE I 331 -47.58 -9.49 -48.79
N GLN I 332 -47.80 -10.69 -48.22
CA GLN I 332 -46.70 -11.63 -48.06
C GLN I 332 -46.16 -12.10 -49.41
N ASN I 333 -47.05 -12.34 -50.37
CA ASN I 333 -46.60 -12.77 -51.68
C ASN I 333 -46.04 -11.62 -52.50
N LEU I 334 -46.49 -10.38 -52.23
CA LEU I 334 -46.01 -9.23 -52.98
C LEU I 334 -44.52 -9.01 -52.74
N GLU I 335 -44.09 -9.07 -51.48
CA GLU I 335 -42.68 -8.90 -51.18
C GLU I 335 -41.86 -10.09 -51.67
N ARG I 336 -42.43 -11.30 -51.59
CA ARG I 336 -41.73 -12.47 -52.10
C ARG I 336 -41.48 -12.35 -53.60
N LYS I 337 -42.47 -11.86 -54.34
CA LYS I 337 -42.26 -11.57 -55.76
C LYS I 337 -41.21 -10.48 -55.93
N ILE I 338 -41.24 -9.46 -55.08
CA ILE I 338 -40.22 -8.42 -55.12
C ILE I 338 -38.86 -8.99 -54.73
N GLU I 339 -38.84 -9.94 -53.80
CA GLU I 339 -37.61 -10.60 -53.37
C GLU I 339 -37.13 -11.68 -54.34
N ILE I 340 -37.64 -11.70 -55.58
CA ILE I 340 -37.15 -12.62 -56.60
C ILE I 340 -36.50 -11.83 -57.74
N ALA I 341 -37.09 -10.69 -58.08
CA ALA I 341 -36.71 -9.95 -59.28
C ALA I 341 -35.66 -8.87 -59.02
N GLU I 342 -34.90 -8.98 -57.93
CA GLU I 342 -33.82 -8.02 -57.72
C GLU I 342 -32.62 -8.32 -58.60
N LEU I 343 -32.34 -9.62 -58.79
CA LEU I 343 -31.19 -10.00 -59.61
C LEU I 343 -31.38 -9.56 -61.06
N ALA I 344 -32.59 -9.73 -61.61
CA ALA I 344 -32.89 -9.18 -62.92
C ALA I 344 -32.82 -7.66 -62.89
N TYR I 345 -33.28 -7.05 -61.80
CA TYR I 345 -33.21 -5.60 -61.65
C TYR I 345 -31.77 -5.10 -61.63
N LYS I 346 -30.92 -5.72 -60.80
CA LYS I 346 -29.56 -5.24 -60.66
C LYS I 346 -28.75 -5.45 -61.94
N LYS I 347 -28.95 -6.59 -62.62
CA LYS I 347 -28.32 -6.77 -63.92
C LYS I 347 -28.90 -5.80 -64.95
N ALA I 348 -30.21 -5.55 -64.88
CA ALA I 348 -30.80 -4.49 -65.69
C ALA I 348 -30.23 -3.13 -65.30
N ASN I 349 -30.10 -2.89 -63.99
CA ASN I 349 -29.48 -1.64 -63.53
C ASN I 349 -28.05 -1.54 -64.03
N ARG I 350 -27.33 -2.67 -64.08
CA ARG I 350 -26.03 -2.69 -64.73
C ARG I 350 -26.16 -2.39 -66.23
N ILE I 351 -27.17 -2.98 -66.87
CA ILE I 351 -27.42 -2.70 -68.28
C ILE I 351 -27.83 -1.25 -68.49
N LEU I 352 -28.71 -0.73 -67.61
CA LEU I 352 -29.17 0.64 -67.76
C LEU I 352 -28.02 1.64 -67.68
N GLN I 353 -26.93 1.27 -66.99
CA GLN I 353 -25.76 2.13 -66.95
C GLN I 353 -25.14 2.28 -68.33
N SER I 354 -25.02 1.19 -69.08
CA SER I 354 -24.40 1.24 -70.39
C SER I 354 -25.20 2.11 -71.36
N SER I 355 -26.52 2.02 -71.31
CA SER I 355 -27.37 2.83 -72.17
C SER I 355 -27.35 4.29 -71.76
N MET J 1 56.81 -29.12 -87.04
CA MET J 1 56.09 -28.38 -88.07
C MET J 1 55.83 -26.95 -87.61
N PHE J 2 55.98 -25.99 -88.53
CA PHE J 2 55.81 -24.56 -88.29
C PHE J 2 56.78 -24.03 -87.24
N LYS J 3 57.83 -24.77 -86.92
CA LYS J 3 58.82 -24.33 -85.95
C LYS J 3 59.86 -23.39 -86.57
N ASN J 4 59.87 -23.23 -87.89
CA ASN J 4 60.82 -22.37 -88.57
C ASN J 4 60.18 -21.16 -89.24
N THR J 5 58.87 -21.19 -89.47
CA THR J 5 58.19 -20.07 -90.11
C THR J 5 58.23 -18.85 -89.19
N PHE J 6 58.19 -17.67 -89.80
CA PHE J 6 58.17 -16.41 -89.06
C PHE J 6 56.73 -16.00 -88.80
N GLN J 7 56.41 -15.73 -87.54
CA GLN J 7 55.08 -15.27 -87.14
C GLN J 7 55.21 -13.91 -86.47
N SER J 8 54.77 -12.87 -87.17
CA SER J 8 54.76 -11.52 -86.63
C SER J 8 53.36 -10.93 -86.58
N GLY J 9 52.64 -10.92 -87.70
CA GLY J 9 51.32 -10.32 -87.71
C GLY J 9 50.18 -11.32 -87.73
N PHE J 10 50.27 -12.34 -88.57
CA PHE J 10 49.20 -13.31 -88.75
C PHE J 10 49.79 -14.62 -89.26
N LEU J 11 48.98 -15.67 -89.20
CA LEU J 11 49.39 -16.97 -89.74
C LEU J 11 48.13 -17.75 -90.07
N SER J 12 47.85 -17.92 -91.36
CA SER J 12 46.65 -18.59 -91.83
C SER J 12 46.96 -20.02 -92.26
N ILE J 13 46.01 -20.92 -92.02
CA ILE J 13 46.22 -22.33 -92.33
C ILE J 13 45.11 -22.95 -93.17
N LEU J 14 43.90 -22.40 -93.22
CA LEU J 14 42.79 -23.05 -93.91
C LEU J 14 42.02 -22.04 -94.77
N TYR J 15 42.74 -21.31 -95.60
CA TYR J 15 42.07 -20.41 -96.54
C TYR J 15 41.29 -21.22 -97.57
N SER J 16 40.01 -20.87 -97.73
CA SER J 16 39.13 -21.67 -98.59
C SER J 16 39.46 -21.50 -100.07
N ILE J 17 40.17 -20.44 -100.43
CA ILE J 17 40.52 -20.19 -101.82
C ILE J 17 41.92 -20.75 -102.09
N GLY J 18 42.01 -21.70 -103.01
CA GLY J 18 43.29 -22.28 -103.35
C GLY J 18 43.11 -23.54 -104.16
N SER J 19 44.24 -24.06 -104.65
CA SER J 19 44.20 -25.29 -105.43
C SER J 19 43.75 -26.47 -104.59
N LYS J 20 44.25 -26.57 -103.36
CA LYS J 20 43.88 -27.66 -102.46
C LYS J 20 44.06 -27.19 -101.02
N PRO J 21 43.05 -26.55 -100.43
CA PRO J 21 43.19 -26.08 -99.04
C PRO J 21 43.42 -27.19 -98.04
N LEU J 22 42.85 -28.38 -98.28
CA LEU J 22 42.91 -29.47 -97.31
C LEU J 22 44.12 -30.36 -97.55
N GLN J 23 45.30 -29.73 -97.55
CA GLN J 23 46.55 -30.48 -97.64
C GLN J 23 47.04 -30.93 -96.27
N ILE J 24 47.21 -29.97 -95.35
CA ILE J 24 47.64 -30.33 -94.00
C ILE J 24 46.52 -31.06 -93.25
N TRP J 25 45.29 -30.60 -93.42
CA TRP J 25 44.18 -31.12 -92.63
C TRP J 25 43.80 -32.52 -93.08
N ASP J 26 43.60 -33.41 -92.11
CA ASP J 26 43.12 -34.76 -92.36
C ASP J 26 41.59 -34.74 -92.51
N LYS J 27 41.06 -35.84 -93.04
CA LYS J 27 39.63 -35.98 -93.26
C LYS J 27 39.16 -37.30 -92.65
N SER J 28 38.13 -37.23 -91.81
CA SER J 28 37.54 -38.40 -91.16
C SER J 28 36.03 -38.28 -91.25
N ILE J 29 35.45 -38.94 -92.25
CA ILE J 29 34.01 -38.86 -92.52
C ILE J 29 33.41 -40.25 -92.38
N ARG J 30 32.29 -40.34 -91.68
CA ARG J 30 31.57 -41.59 -91.51
C ARG J 30 30.16 -41.54 -92.07
N ASN J 31 29.40 -40.48 -91.78
CA ASN J 31 28.04 -40.34 -92.26
C ASN J 31 27.77 -38.91 -92.72
N GLY J 32 28.72 -38.31 -93.42
CA GLY J 32 28.61 -36.92 -93.84
C GLY J 32 29.24 -36.70 -95.19
N HIS J 33 29.65 -35.45 -95.43
CA HIS J 33 30.25 -35.08 -96.71
C HIS J 33 31.07 -33.81 -96.53
N ILE J 34 32.04 -33.63 -97.43
CA ILE J 34 32.80 -32.40 -97.54
C ILE J 34 32.76 -31.95 -98.99
N LYS J 35 32.30 -30.71 -99.22
CA LYS J 35 32.26 -30.15 -100.56
C LYS J 35 32.53 -28.66 -100.50
N ARG J 36 33.09 -28.12 -101.57
CA ARG J 36 33.31 -26.69 -101.71
C ARG J 36 32.19 -26.12 -102.59
N ILE J 37 31.36 -25.27 -102.00
CA ILE J 37 30.21 -24.72 -102.68
C ILE J 37 30.24 -23.20 -102.55
N THR J 38 29.70 -22.52 -103.56
CA THR J 38 29.64 -21.07 -103.55
C THR J 38 28.53 -20.60 -102.62
N ASP J 39 28.84 -19.63 -101.77
CA ASP J 39 27.89 -19.16 -100.79
C ASP J 39 26.99 -18.07 -101.37
N GLN J 40 25.85 -17.87 -100.71
CA GLN J 40 24.89 -16.86 -101.15
C GLN J 40 25.13 -15.50 -100.51
N ASP J 41 25.47 -15.46 -99.23
CA ASP J 41 25.76 -14.19 -98.57
C ASP J 41 27.09 -13.62 -99.02
N ILE J 42 28.11 -14.47 -99.10
CA ILE J 42 29.42 -14.08 -99.62
C ILE J 42 29.54 -14.61 -101.04
N LEU J 43 29.89 -13.73 -101.98
CA LEU J 43 30.08 -14.14 -103.37
C LEU J 43 31.45 -14.76 -103.56
N SER J 44 31.69 -15.84 -102.82
CA SER J 44 32.95 -16.56 -102.87
C SER J 44 32.73 -17.97 -102.35
N SER J 45 33.67 -18.86 -102.68
CA SER J 45 33.55 -20.27 -102.33
C SER J 45 33.91 -20.49 -100.86
N VAL J 46 33.11 -21.29 -100.17
CA VAL J 46 33.33 -21.61 -98.77
C VAL J 46 33.28 -23.12 -98.60
N LEU J 47 34.26 -23.68 -97.89
CA LEU J 47 34.23 -25.10 -97.58
C LEU J 47 33.04 -25.43 -96.71
N GLU J 48 32.44 -26.60 -96.93
CA GLU J 48 31.23 -27.00 -96.23
C GLU J 48 31.36 -28.45 -95.76
N ILE J 49 30.96 -28.70 -94.52
CA ILE J 49 30.90 -30.03 -93.96
C ILE J 49 29.57 -30.19 -93.20
N MET J 50 28.97 -31.36 -93.33
CA MET J 50 27.72 -31.68 -92.62
C MET J 50 27.78 -33.12 -92.19
N GLY J 51 26.64 -33.65 -91.76
CA GLY J 51 26.52 -35.06 -91.43
C GLY J 51 26.12 -35.34 -90.01
N THR J 52 25.36 -36.42 -89.81
CA THR J 52 24.98 -36.85 -88.48
C THR J 52 26.18 -37.46 -87.76
N ASN J 53 26.01 -37.72 -86.46
CA ASN J 53 27.07 -38.24 -85.60
C ASN J 53 28.29 -37.30 -85.64
N VAL J 54 28.07 -36.11 -85.10
CA VAL J 54 29.09 -35.07 -85.11
C VAL J 54 30.37 -35.52 -84.40
N SER J 55 30.30 -36.60 -83.61
CA SER J 55 31.49 -37.14 -82.96
C SER J 55 32.33 -38.01 -83.89
N THR J 56 31.79 -38.43 -85.03
CA THR J 56 32.51 -39.25 -86.00
C THR J 56 32.57 -38.58 -87.36
N ASN J 57 32.61 -37.25 -87.38
CA ASN J 57 32.67 -36.49 -88.63
C ASN J 57 33.37 -35.17 -88.31
N TYR J 58 34.66 -35.10 -88.61
CA TYR J 58 35.47 -33.94 -88.26
C TYR J 58 36.69 -33.90 -89.18
N ILE J 59 37.47 -32.84 -89.04
CA ILE J 59 38.77 -32.72 -89.69
C ILE J 59 39.78 -32.21 -88.67
N THR J 60 40.96 -32.81 -88.66
CA THR J 60 42.05 -32.41 -87.78
C THR J 60 43.25 -32.06 -88.64
N ALA J 61 44.16 -31.26 -88.08
CA ALA J 61 45.24 -30.83 -88.97
C ALA J 61 46.65 -31.17 -88.49
N PRO J 62 46.87 -32.36 -87.92
CA PRO J 62 48.12 -33.08 -88.20
C PRO J 62 47.88 -34.07 -89.33
N ALA J 63 48.73 -34.06 -90.37
CA ALA J 63 48.58 -35.04 -91.44
C ALA J 63 48.67 -36.46 -90.91
N ASP J 64 49.53 -36.68 -89.93
CA ASP J 64 49.70 -37.93 -89.21
C ASP J 64 49.81 -37.58 -87.74
N PRO J 65 49.43 -38.48 -86.81
CA PRO J 65 49.72 -38.23 -85.39
C PRO J 65 51.16 -37.82 -85.14
N LYS J 66 51.41 -37.14 -84.01
CA LYS J 66 52.65 -36.43 -83.69
C LYS J 66 52.87 -35.31 -84.71
N GLU J 67 54.10 -34.81 -84.83
CA GLU J 67 54.44 -33.60 -85.60
C GLU J 67 53.46 -32.47 -85.30
N THR J 68 53.50 -32.05 -84.03
CA THR J 68 52.60 -31.01 -83.55
C THR J 68 52.88 -29.69 -84.26
N LEU J 69 51.82 -28.90 -84.44
CA LEU J 69 51.91 -27.60 -85.12
C LEU J 69 52.53 -26.61 -84.16
N GLY J 70 53.86 -26.47 -84.22
CA GLY J 70 54.52 -25.52 -83.37
C GLY J 70 54.10 -24.10 -83.66
N ILE J 71 53.26 -23.53 -82.79
CA ILE J 71 52.71 -22.20 -82.97
C ILE J 71 52.53 -21.60 -81.57
N LYS J 72 53.15 -20.45 -81.34
CA LYS J 72 53.14 -19.81 -80.04
C LYS J 72 52.30 -18.54 -80.01
N LEU J 73 51.50 -18.29 -81.04
CA LEU J 73 50.79 -17.03 -81.11
C LEU J 73 49.67 -16.99 -80.07
N PRO J 74 49.44 -15.85 -79.45
CA PRO J 74 48.40 -15.75 -78.40
C PRO J 74 47.01 -16.20 -78.82
N PHE J 75 46.45 -15.58 -79.85
CA PHE J 75 45.03 -15.73 -80.16
C PHE J 75 44.82 -16.62 -81.38
N LEU J 76 43.60 -17.14 -81.50
CA LEU J 76 43.16 -17.92 -82.63
C LEU J 76 41.86 -17.32 -83.16
N VAL J 77 41.82 -17.05 -84.47
CA VAL J 77 40.67 -16.41 -85.10
C VAL J 77 40.16 -17.31 -86.22
N MET J 78 38.84 -17.44 -86.32
CA MET J 78 38.24 -18.31 -87.31
C MET J 78 36.88 -17.75 -87.72
N ILE J 79 36.54 -17.95 -88.99
CA ILE J 79 35.33 -17.39 -89.59
C ILE J 79 34.44 -18.54 -90.02
N ILE J 80 33.20 -18.56 -89.51
CA ILE J 80 32.26 -19.65 -89.73
C ILE J 80 30.86 -19.09 -89.93
N LYS J 81 29.96 -19.97 -90.39
CA LYS J 81 28.55 -19.67 -90.54
C LYS J 81 27.72 -20.53 -89.60
N ASN J 82 26.74 -19.92 -88.94
CA ASN J 82 25.83 -20.63 -88.06
C ASN J 82 24.69 -21.22 -88.88
N LEU J 83 24.48 -22.53 -88.75
CA LEU J 83 23.46 -23.24 -89.51
C LEU J 83 22.31 -23.73 -88.63
N LYS J 84 22.22 -23.22 -87.40
CA LYS J 84 21.20 -23.64 -86.44
C LYS J 84 21.27 -25.15 -86.19
N LYS J 85 22.48 -25.69 -86.17
CA LYS J 85 22.72 -27.10 -85.94
C LYS J 85 23.82 -27.27 -84.90
N TYR J 86 24.12 -28.51 -84.56
CA TYR J 86 25.19 -28.81 -83.61
C TYR J 86 26.55 -28.41 -84.19
N TYR J 87 27.43 -27.93 -83.32
CA TYR J 87 28.77 -27.55 -83.75
C TYR J 87 29.73 -27.76 -82.59
N THR J 88 30.94 -28.24 -82.92
CA THR J 88 31.97 -28.50 -81.93
C THR J 88 33.28 -27.91 -82.43
N PHE J 89 34.17 -27.58 -81.49
CA PHE J 89 35.43 -26.92 -81.81
C PHE J 89 36.44 -27.23 -80.72
N GLU J 90 37.52 -27.92 -81.07
CA GLU J 90 38.51 -28.39 -80.12
C GLU J 90 39.90 -27.95 -80.52
N VAL J 91 40.69 -27.52 -79.53
CA VAL J 91 42.08 -27.12 -79.72
C VAL J 91 42.91 -27.68 -78.58
N GLN J 92 44.08 -28.22 -78.90
CA GLN J 92 45.00 -28.77 -77.91
C GLN J 92 46.17 -27.83 -77.71
N VAL J 93 46.60 -27.66 -76.47
CA VAL J 93 47.64 -26.70 -76.11
C VAL J 93 48.73 -27.39 -75.31
N LEU J 94 49.84 -26.69 -75.15
CA LEU J 94 50.95 -27.13 -74.32
C LEU J 94 51.11 -26.19 -73.13
N ASP J 95 51.60 -26.72 -72.02
CA ASP J 95 51.75 -26.02 -70.76
C ASP J 95 53.22 -25.70 -70.52
N ASP J 96 53.50 -25.03 -69.40
CA ASP J 96 54.88 -24.83 -68.97
C ASP J 96 55.61 -26.16 -68.81
N LYS J 97 55.13 -27.00 -67.90
CA LYS J 97 55.63 -28.35 -67.78
C LYS J 97 55.14 -29.20 -68.93
N ASN J 98 55.77 -30.36 -69.12
CA ASN J 98 55.47 -31.22 -70.25
C ASN J 98 54.14 -31.94 -70.07
N VAL J 99 53.04 -31.19 -70.05
CA VAL J 99 51.69 -31.75 -69.99
C VAL J 99 50.84 -31.08 -71.06
N ARG J 100 50.04 -31.88 -71.75
CA ARG J 100 49.22 -31.43 -72.87
C ARG J 100 47.77 -31.38 -72.45
N ARG J 101 47.11 -30.24 -72.68
CA ARG J 101 45.72 -30.06 -72.32
C ARG J 101 44.93 -29.55 -73.52
N ARG J 102 43.61 -29.66 -73.43
CA ARG J 102 42.75 -29.34 -74.55
C ARG J 102 41.40 -28.85 -74.06
N PHE J 103 40.70 -28.13 -74.92
CA PHE J 103 39.39 -27.58 -74.61
C PHE J 103 38.42 -27.90 -75.73
N ARG J 104 37.14 -28.11 -75.38
CA ARG J 104 36.09 -28.36 -76.34
C ARG J 104 34.96 -27.35 -76.13
N ALA J 105 34.59 -26.65 -77.20
CA ALA J 105 33.53 -25.65 -77.16
C ALA J 105 32.41 -26.11 -78.09
N SER J 106 31.37 -26.69 -77.51
CA SER J 106 30.26 -27.25 -78.29
C SER J 106 29.00 -26.41 -78.07
N ASN J 107 28.19 -26.34 -79.12
CA ASN J 107 26.98 -25.53 -79.08
C ASN J 107 25.91 -26.12 -78.17
N TYR J 108 25.90 -27.45 -78.01
CA TYR J 108 24.85 -28.15 -77.30
C TYR J 108 25.13 -28.31 -75.81
N GLN J 109 25.97 -27.46 -75.22
CA GLN J 109 26.27 -27.51 -73.81
C GLN J 109 25.69 -26.29 -73.10
N SER J 110 25.26 -26.49 -71.86
CA SER J 110 24.69 -25.43 -71.05
C SER J 110 25.47 -25.13 -69.79
N THR J 111 26.59 -25.81 -69.54
CA THR J 111 27.39 -25.58 -68.36
C THR J 111 28.84 -25.95 -68.64
N THR J 112 29.72 -25.45 -67.79
CA THR J 112 31.16 -25.69 -67.93
C THR J 112 31.65 -26.57 -66.79
N ARG J 113 32.74 -27.29 -67.06
CA ARG J 113 33.37 -28.16 -66.07
C ARG J 113 34.86 -28.26 -66.36
N VAL J 114 35.66 -28.40 -65.30
CA VAL J 114 37.11 -28.40 -65.40
C VAL J 114 37.62 -29.75 -64.92
N LYS J 115 38.46 -30.38 -65.73
CA LYS J 115 39.11 -31.65 -65.44
C LYS J 115 40.59 -31.50 -65.75
N PRO J 116 41.44 -32.37 -65.20
CA PRO J 116 42.89 -32.19 -65.38
C PRO J 116 43.34 -32.14 -66.82
N PHE J 117 42.69 -32.88 -67.72
CA PHE J 117 43.04 -32.85 -69.14
C PHE J 117 41.97 -32.22 -70.01
N ILE J 118 40.71 -32.19 -69.56
CA ILE J 118 39.59 -31.71 -70.38
C ILE J 118 38.96 -30.51 -69.69
N CYS J 119 38.64 -29.49 -70.47
CA CYS J 119 37.95 -28.30 -69.97
C CYS J 119 36.94 -27.88 -71.03
N THR J 120 35.71 -28.36 -70.91
CA THR J 120 34.65 -28.05 -71.85
C THR J 120 33.90 -26.80 -71.41
N MET J 121 33.61 -25.91 -72.35
CA MET J 121 32.84 -24.71 -72.07
C MET J 121 31.75 -24.54 -73.12
N PRO J 122 30.63 -23.92 -72.74
CA PRO J 122 29.56 -23.70 -73.71
C PRO J 122 29.92 -22.63 -74.73
N MET J 123 29.29 -22.72 -75.90
CA MET J 123 29.51 -21.76 -76.97
C MET J 123 28.17 -21.29 -77.48
N ARG J 124 28.03 -19.97 -77.64
CA ARG J 124 26.81 -19.34 -78.15
C ARG J 124 27.14 -18.68 -79.48
N LEU J 125 26.56 -19.18 -80.56
CA LEU J 125 26.83 -18.67 -81.90
C LEU J 125 25.92 -17.47 -82.18
N ASP J 126 25.92 -17.00 -83.42
CA ASP J 126 25.15 -15.82 -83.80
C ASP J 126 24.24 -16.13 -84.97
N GLU J 127 23.63 -15.11 -85.55
CA GLU J 127 22.75 -15.27 -86.70
C GLU J 127 23.57 -15.08 -87.98
N GLY J 128 23.77 -16.16 -88.73
CA GLY J 128 24.47 -16.05 -90.00
C GLY J 128 25.96 -16.26 -89.83
N TRP J 129 26.73 -15.28 -90.29
CA TRP J 129 28.18 -15.35 -90.25
C TRP J 129 28.72 -14.71 -88.98
N ASN J 130 29.75 -15.32 -88.40
CA ASN J 130 30.37 -14.80 -87.20
C ASN J 130 31.84 -15.20 -87.17
N GLN J 131 32.63 -14.42 -86.43
CA GLN J 131 34.06 -14.67 -86.27
C GLN J 131 34.41 -14.62 -84.79
N ILE J 132 35.35 -15.48 -84.39
CA ILE J 132 35.65 -15.72 -82.98
C ILE J 132 37.15 -15.56 -82.77
N GLN J 133 37.53 -14.79 -81.76
CA GLN J 133 38.90 -14.79 -81.25
C GLN J 133 38.97 -15.68 -80.03
N PHE J 134 39.66 -16.81 -80.16
CA PHE J 134 39.92 -17.72 -79.06
C PHE J 134 41.13 -17.21 -78.29
N ASN J 135 40.96 -16.95 -76.99
CA ASN J 135 42.05 -16.42 -76.19
C ASN J 135 43.21 -17.42 -76.13
N LEU J 136 42.90 -18.67 -75.79
CA LEU J 136 43.77 -19.82 -76.01
C LEU J 136 44.99 -19.80 -75.08
N SER J 137 45.19 -18.70 -74.36
CA SER J 137 46.31 -18.58 -73.44
C SER J 137 45.82 -18.07 -72.10
N ASP J 138 44.71 -17.32 -72.11
CA ASP J 138 44.06 -16.94 -70.87
C ASP J 138 43.26 -18.10 -70.29
N PHE J 139 42.79 -19.01 -71.15
CA PHE J 139 42.15 -20.23 -70.66
C PHE J 139 43.10 -21.10 -69.84
N THR J 140 44.40 -20.98 -70.07
CA THR J 140 45.37 -21.80 -69.34
C THR J 140 45.73 -21.19 -68.00
N ARG J 141 45.78 -19.85 -67.92
CA ARG J 141 46.01 -19.22 -66.63
C ARG J 141 44.83 -19.43 -65.68
N ARG J 142 43.61 -19.15 -66.16
CA ARG J 142 42.46 -19.17 -65.28
C ARG J 142 42.09 -20.59 -64.85
N ALA J 143 42.00 -21.52 -65.80
CA ALA J 143 41.50 -22.85 -65.49
C ALA J 143 42.56 -23.75 -64.85
N TYR J 144 43.83 -23.45 -65.05
CA TYR J 144 44.89 -24.35 -64.63
C TYR J 144 46.00 -23.68 -63.81
N ALA J 145 45.93 -22.37 -63.57
CA ALA J 145 46.92 -21.65 -62.78
C ALA J 145 48.33 -21.86 -63.31
N THR J 146 48.48 -21.79 -64.63
CA THR J 146 49.76 -22.03 -65.28
C THR J 146 49.79 -21.30 -66.61
N ASN J 147 51.00 -21.09 -67.12
CA ASN J 147 51.17 -20.28 -68.31
C ASN J 147 51.01 -21.12 -69.57
N TYR J 148 51.05 -20.43 -70.71
CA TYR J 148 50.88 -21.04 -72.02
C TYR J 148 52.17 -20.92 -72.84
N ILE J 149 52.48 -21.97 -73.60
CA ILE J 149 53.71 -22.01 -74.37
C ILE J 149 53.42 -22.08 -75.86
N GLU J 150 52.74 -23.13 -76.30
CA GLU J 150 52.49 -23.31 -77.73
C GLU J 150 51.27 -24.19 -77.93
N THR J 151 50.66 -24.07 -79.11
CA THR J 151 49.54 -24.88 -79.53
C THR J 151 50.03 -26.16 -80.21
N LEU J 152 49.19 -27.18 -80.21
CA LEU J 152 49.53 -28.46 -80.82
C LEU J 152 48.64 -28.80 -82.02
N ARG J 153 47.32 -28.85 -81.82
CA ARG J 153 46.42 -29.30 -82.87
C ARG J 153 45.16 -28.44 -82.89
N VAL J 154 44.53 -28.40 -84.06
CA VAL J 154 43.26 -27.71 -84.27
C VAL J 154 42.30 -28.67 -84.95
N GLN J 155 41.09 -28.77 -84.43
CA GLN J 155 40.13 -29.77 -84.91
C GLN J 155 38.75 -29.14 -85.02
N ILE J 156 38.08 -29.38 -86.14
CA ILE J 156 36.77 -28.81 -86.43
C ILE J 156 35.80 -29.94 -86.76
N HIS J 157 34.62 -29.91 -86.15
CA HIS J 157 33.64 -30.96 -86.32
C HIS J 157 32.54 -30.54 -87.30
N ALA J 158 31.54 -31.39 -87.43
CA ALA J 158 30.60 -31.33 -88.54
C ALA J 158 29.62 -30.16 -88.37
N ASN J 159 28.75 -30.02 -89.37
CA ASN J 159 27.69 -29.00 -89.41
C ASN J 159 28.29 -27.60 -89.27
N CYS J 160 29.11 -27.24 -90.25
CA CYS J 160 29.75 -25.94 -90.28
C CYS J 160 30.14 -25.62 -91.72
N ARG J 161 30.40 -24.35 -91.97
CA ARG J 161 30.89 -23.89 -93.28
C ARG J 161 32.07 -22.96 -93.03
N ILE J 162 33.28 -23.48 -93.21
CA ILE J 162 34.51 -22.79 -92.83
C ILE J 162 34.99 -21.94 -93.99
N ARG J 163 35.55 -20.78 -93.67
CA ARG J 163 36.07 -19.85 -94.66
C ARG J 163 37.52 -19.45 -94.39
N ARG J 164 37.90 -19.27 -93.12
CA ARG J 164 39.18 -18.67 -92.82
C ARG J 164 39.59 -19.02 -91.40
N ILE J 165 40.89 -19.26 -91.19
CA ILE J 165 41.45 -19.53 -89.88
C ILE J 165 42.83 -18.89 -89.81
N TYR J 166 43.07 -18.09 -88.78
CA TYR J 166 44.37 -17.46 -88.63
C TYR J 166 44.59 -17.10 -87.16
N PHE J 167 45.87 -16.87 -86.83
CA PHE J 167 46.27 -16.46 -85.49
C PHE J 167 46.62 -14.97 -85.52
N SER J 168 46.03 -14.20 -84.61
CA SER J 168 46.11 -12.74 -84.67
C SER J 168 47.00 -12.13 -83.59
N ASP J 169 47.51 -12.93 -82.67
CA ASP J 169 48.50 -12.61 -81.62
C ASP J 169 48.08 -11.46 -80.72
N ARG J 170 46.86 -10.97 -80.88
CA ARG J 170 46.22 -10.00 -80.00
C ARG J 170 44.82 -9.72 -80.55
N LEU J 171 44.00 -9.07 -79.73
CA LEU J 171 42.61 -8.80 -80.09
C LEU J 171 42.54 -7.59 -81.00
N TYR J 172 42.28 -7.81 -82.28
CA TYR J 172 42.07 -6.74 -83.24
C TYR J 172 40.60 -6.37 -83.30
N SER J 173 40.32 -5.07 -83.44
CA SER J 173 38.95 -4.62 -83.65
C SER J 173 38.68 -4.55 -85.16
N GLU J 174 37.50 -4.03 -85.50
CA GLU J 174 37.04 -4.07 -86.89
C GLU J 174 37.93 -3.23 -87.81
N GLU J 175 38.31 -2.03 -87.36
CA GLU J 175 38.94 -1.07 -88.28
C GLU J 175 40.39 -1.42 -88.59
N GLU J 176 41.11 -2.06 -87.67
CA GLU J 176 42.52 -2.34 -87.91
C GLU J 176 42.76 -3.45 -88.92
N LEU J 177 41.84 -4.41 -89.01
CA LEU J 177 42.08 -5.58 -89.84
C LEU J 177 42.11 -5.21 -91.32
N PRO J 178 42.96 -5.87 -92.11
CA PRO J 178 43.06 -5.57 -93.53
C PRO J 178 41.82 -6.03 -94.27
N PRO J 179 41.70 -5.74 -95.58
CA PRO J 179 40.54 -6.21 -96.32
C PRO J 179 40.35 -7.72 -96.32
N GLU J 180 41.44 -8.50 -96.31
CA GLU J 180 41.31 -9.94 -96.38
C GLU J 180 40.81 -10.53 -95.07
N PHE J 181 41.30 -10.03 -93.94
CA PHE J 181 41.06 -10.68 -92.65
C PHE J 181 39.78 -10.18 -91.97
N LYS J 182 38.67 -10.16 -92.70
CA LYS J 182 37.36 -9.91 -92.11
C LYS J 182 36.29 -10.16 -93.16
N LEU J 183 35.03 -10.03 -92.73
CA LEU J 183 33.88 -10.31 -93.56
C LEU J 183 33.49 -9.04 -94.31
N PHE J 184 33.61 -9.07 -95.64
CA PHE J 184 33.12 -7.99 -96.48
C PHE J 184 31.74 -8.36 -97.02
N LEU J 185 30.78 -8.37 -96.11
CA LEU J 185 29.43 -8.82 -96.43
C LEU J 185 28.67 -7.72 -97.16
N PRO J 186 28.18 -7.97 -98.38
CA PRO J 186 27.43 -6.94 -99.10
C PRO J 186 26.06 -6.71 -98.50
N ILE J 187 26.01 -6.02 -97.36
CA ILE J 187 24.74 -5.73 -96.69
C ILE J 187 24.01 -4.61 -97.41
#